data_2F32
# 
_entry.id   2F32 
# 
_audit_conform.dict_name       mmcif_pdbx.dic 
_audit_conform.dict_version    5.376 
_audit_conform.dict_location   http://mmcif.pdb.org/dictionaries/ascii/mmcif_pdbx.dic 
# 
loop_
_database_2.database_id 
_database_2.database_code 
_database_2.pdbx_database_accession 
_database_2.pdbx_DOI 
PDB   2F32         pdb_00002f32 10.2210/pdb2f32/pdb 
RCSB  RCSB035391   ?            ?                   
WWPDB D_1000035391 ?            ?                   
# 
_pdbx_database_related.db_name        PDB 
_pdbx_database_related.db_id          2f2q 
_pdbx_database_related.details        . 
_pdbx_database_related.content_type   unspecified 
# 
_pdbx_database_status.status_code                     REL 
_pdbx_database_status.entry_id                        2F32 
_pdbx_database_status.recvd_initial_deposition_date   2005-11-18 
_pdbx_database_status.deposit_site                    RCSB 
_pdbx_database_status.process_site                    RCSB 
_pdbx_database_status.status_code_sf                  REL 
_pdbx_database_status.status_code_mr                  ? 
_pdbx_database_status.SG_entry                        ? 
_pdbx_database_status.pdb_format_compatible           Y 
_pdbx_database_status.status_code_cs                  ? 
_pdbx_database_status.methods_development_category    ? 
_pdbx_database_status.status_code_nmr_data            ? 
# 
loop_
_audit_author.name 
_audit_author.pdbx_ordinal 
'Yousef, M.S.'   1 
'Bischoff, N.'   2 
'Dyer, C.M.'     3 
'Baase, W.A.'    4 
'Matthews, B.W.' 5 
# 
loop_
_citation.id 
_citation.title 
_citation.journal_abbrev 
_citation.journal_volume 
_citation.page_first 
_citation.page_last 
_citation.year 
_citation.journal_id_ASTM 
_citation.country 
_citation.journal_id_ISSN 
_citation.journal_id_CSD 
_citation.book_publisher 
_citation.pdbx_database_id_PubMed 
_citation.pdbx_database_id_DOI 
primary 
'Guanidinium derivatives bind preferentially and trigger long-distance conformational changes in an engineered T4 lysozyme.'      
'Protein Sci.'         15  853   861   2006 PRCIEI US 0961-8368 0795 ? 16600969 10.1110/ps.052020606    
1       'Use of Sequence Duplication to Engineer a Ligand-Triggered, Long-Distance Molecular Switch in T4 Lysozyme.' 
Proc.Natl.Acad.Sci.USA 101 11583 11586 2004 PNASA6 US 0027-8424 0040 ? 15286283 10.1073/pnas.0404482101 
2       
'Structural Characterization of an Engineered Tandem Repeat Contrasts the Importance of Context and Sequence in Protein Folding.' 
Proc.Natl.Acad.Sci.USA 96  6078  6083  1999 PNASA6 US 0027-8424 0040 ? 10339544 10.1073/pnas.96.11.6078 
3       'Long-Distance Conformational Changes in a Protein Engineered by Modulated Sequence Duplication' Proc.Natl.Acad.Sci.USA 
100 9191  9195  2003 PNASA6 US 0027-8424 0040 ? 12869697 10.1073/pnas.1633549100 
# 
loop_
_citation_author.citation_id 
_citation_author.name 
_citation_author.ordinal 
_citation_author.identifier_ORCID 
primary 'Yousef, M.S.'   1  ? 
primary 'Bischoff, N.'   2  ? 
primary 'Dyer, C.M.'     3  ? 
primary 'Baase, W.A.'    4  ? 
primary 'Matthews, B.W.' 5  ? 
1       'Yousef, M.S.'   6  ? 
1       'Baase, W.A.'    7  ? 
1       'Matthews, B.W.' 8  ? 
2       'Sagermann, M.'  9  ? 
2       'Baase, W.A.'    10 ? 
2       'Matthews, B.W.' 11 ? 
3       'Sagermann, M.'  12 ? 
3       'Gay, L.'        13 ? 
3       'Matthews, B.W.' 14 ? 
# 
_cell.entry_id           2F32 
_cell.length_a           60.879 
_cell.length_b           60.879 
_cell.length_c           96.121 
_cell.angle_alpha        90.00 
_cell.angle_beta         90.00 
_cell.angle_gamma        120.00 
_cell.Z_PDB              6 
_cell.pdbx_unique_axis   ? 
_cell.length_a_esd       ? 
_cell.length_b_esd       ? 
_cell.length_c_esd       ? 
_cell.angle_alpha_esd    ? 
_cell.angle_beta_esd     ? 
_cell.angle_gamma_esd    ? 
# 
_symmetry.entry_id                         2F32 
_symmetry.space_group_name_H-M             'P 32 2 1' 
_symmetry.pdbx_full_space_group_name_H-M   ? 
_symmetry.cell_setting                     ? 
_symmetry.Int_Tables_number                154 
_symmetry.space_group_name_Hall            ? 
# 
loop_
_entity.id 
_entity.type 
_entity.src_method 
_entity.pdbx_description 
_entity.formula_weight 
_entity.pdbx_number_of_molecules 
_entity.pdbx_ec 
_entity.pdbx_mutation 
_entity.pdbx_fragment 
_entity.details 
1 polymer     man Lysozyme             19685.541 1   3.2.1.17 'L39I, INS (NAAKSELDKAI -N62), R63A, C65T, C108A' ? ? 
2 non-polymer syn BETA-MERCAPTOETHANOL 78.133    1   ?        ?                                                 ? ? 
3 non-polymer syn N-ETHYLGUANIDINE     87.124    1   ?        ?                                                 ? ? 
4 water       nat water                18.015    205 ?        ?                                                 ? ? 
# 
_entity_name_com.entity_id   1 
_entity_name_com.name        'Lysis protein, Muramidase, Endolysin' 
# 
_entity_poly.entity_id                      1 
_entity_poly.type                           'polypeptide(L)' 
_entity_poly.nstd_linkage                   no 
_entity_poly.nstd_monomer                   no 
_entity_poly.pdbx_seq_one_letter_code       
;MNIFEMLRIDEGLRLKIYKDTEGYYTIGIGHLLTKSPSINAAKSELDKAINAAKSELDKAIGANTNGVITKDEAEKLFNQ
DVDAAVRGILRNAKLKPVYDSLDAVRRAALINMVFQMGETGVAGFTNSLRMLQQKRWDEAAVNLAKSRWYNQTPNRAKRV
ITTFRTGTWDAYKNL
;
_entity_poly.pdbx_seq_one_letter_code_can   
;MNIFEMLRIDEGLRLKIYKDTEGYYTIGIGHLLTKSPSINAAKSELDKAINAAKSELDKAIGANTNGVITKDEAEKLFNQ
DVDAAVRGILRNAKLKPVYDSLDAVRRAALINMVFQMGETGVAGFTNSLRMLQQKRWDEAAVNLAKSRWYNQTPNRAKRV
ITTFRTGTWDAYKNL
;
_entity_poly.pdbx_strand_id                 A 
_entity_poly.pdbx_target_identifier         ? 
# 
loop_
_entity_poly_seq.entity_id 
_entity_poly_seq.num 
_entity_poly_seq.mon_id 
_entity_poly_seq.hetero 
1 1   MET n 
1 2   ASN n 
1 3   ILE n 
1 4   PHE n 
1 5   GLU n 
1 6   MET n 
1 7   LEU n 
1 8   ARG n 
1 9   ILE n 
1 10  ASP n 
1 11  GLU n 
1 12  GLY n 
1 13  LEU n 
1 14  ARG n 
1 15  LEU n 
1 16  LYS n 
1 17  ILE n 
1 18  TYR n 
1 19  LYS n 
1 20  ASP n 
1 21  THR n 
1 22  GLU n 
1 23  GLY n 
1 24  TYR n 
1 25  TYR n 
1 26  THR n 
1 27  ILE n 
1 28  GLY n 
1 29  ILE n 
1 30  GLY n 
1 31  HIS n 
1 32  LEU n 
1 33  LEU n 
1 34  THR n 
1 35  LYS n 
1 36  SER n 
1 37  PRO n 
1 38  SER n 
1 39  ILE n 
1 40  ASN n 
1 41  ALA n 
1 42  ALA n 
1 43  LYS n 
1 44  SER n 
1 45  GLU n 
1 46  LEU n 
1 47  ASP n 
1 48  LYS n 
1 49  ALA n 
1 50  ILE n 
1 51  ASN n 
1 52  ALA n 
1 53  ALA n 
1 54  LYS n 
1 55  SER n 
1 56  GLU n 
1 57  LEU n 
1 58  ASP n 
1 59  LYS n 
1 60  ALA n 
1 61  ILE n 
1 62  GLY n 
1 63  ALA n 
1 64  ASN n 
1 65  THR n 
1 66  ASN n 
1 67  GLY n 
1 68  VAL n 
1 69  ILE n 
1 70  THR n 
1 71  LYS n 
1 72  ASP n 
1 73  GLU n 
1 74  ALA n 
1 75  GLU n 
1 76  LYS n 
1 77  LEU n 
1 78  PHE n 
1 79  ASN n 
1 80  GLN n 
1 81  ASP n 
1 82  VAL n 
1 83  ASP n 
1 84  ALA n 
1 85  ALA n 
1 86  VAL n 
1 87  ARG n 
1 88  GLY n 
1 89  ILE n 
1 90  LEU n 
1 91  ARG n 
1 92  ASN n 
1 93  ALA n 
1 94  LYS n 
1 95  LEU n 
1 96  LYS n 
1 97  PRO n 
1 98  VAL n 
1 99  TYR n 
1 100 ASP n 
1 101 SER n 
1 102 LEU n 
1 103 ASP n 
1 104 ALA n 
1 105 VAL n 
1 106 ARG n 
1 107 ARG n 
1 108 ALA n 
1 109 ALA n 
1 110 LEU n 
1 111 ILE n 
1 112 ASN n 
1 113 MET n 
1 114 VAL n 
1 115 PHE n 
1 116 GLN n 
1 117 MET n 
1 118 GLY n 
1 119 GLU n 
1 120 THR n 
1 121 GLY n 
1 122 VAL n 
1 123 ALA n 
1 124 GLY n 
1 125 PHE n 
1 126 THR n 
1 127 ASN n 
1 128 SER n 
1 129 LEU n 
1 130 ARG n 
1 131 MET n 
1 132 LEU n 
1 133 GLN n 
1 134 GLN n 
1 135 LYS n 
1 136 ARG n 
1 137 TRP n 
1 138 ASP n 
1 139 GLU n 
1 140 ALA n 
1 141 ALA n 
1 142 VAL n 
1 143 ASN n 
1 144 LEU n 
1 145 ALA n 
1 146 LYS n 
1 147 SER n 
1 148 ARG n 
1 149 TRP n 
1 150 TYR n 
1 151 ASN n 
1 152 GLN n 
1 153 THR n 
1 154 PRO n 
1 155 ASN n 
1 156 ARG n 
1 157 ALA n 
1 158 LYS n 
1 159 ARG n 
1 160 VAL n 
1 161 ILE n 
1 162 THR n 
1 163 THR n 
1 164 PHE n 
1 165 ARG n 
1 166 THR n 
1 167 GLY n 
1 168 THR n 
1 169 TRP n 
1 170 ASP n 
1 171 ALA n 
1 172 TYR n 
1 173 LYS n 
1 174 ASN n 
1 175 LEU n 
# 
_entity_src_gen.entity_id                          1 
_entity_src_gen.pdbx_src_id                        1 
_entity_src_gen.pdbx_alt_source_flag               sample 
_entity_src_gen.pdbx_seq_type                      ? 
_entity_src_gen.pdbx_beg_seq_num                   ? 
_entity_src_gen.pdbx_end_seq_num                   ? 
_entity_src_gen.gene_src_common_name               ? 
_entity_src_gen.gene_src_genus                     'T4-like viruses' 
_entity_src_gen.pdbx_gene_src_gene                 E 
_entity_src_gen.gene_src_species                   'Enterobacteria phage T4 sensu lato' 
_entity_src_gen.gene_src_strain                    ? 
_entity_src_gen.gene_src_tissue                    ? 
_entity_src_gen.gene_src_tissue_fraction           ? 
_entity_src_gen.gene_src_details                   ? 
_entity_src_gen.pdbx_gene_src_fragment             ? 
_entity_src_gen.pdbx_gene_src_scientific_name      'Enterobacteria phage T4' 
_entity_src_gen.pdbx_gene_src_ncbi_taxonomy_id     10665 
_entity_src_gen.pdbx_gene_src_variant              ? 
_entity_src_gen.pdbx_gene_src_cell_line            ? 
_entity_src_gen.pdbx_gene_src_atcc                 ? 
_entity_src_gen.pdbx_gene_src_organ                ? 
_entity_src_gen.pdbx_gene_src_organelle            ? 
_entity_src_gen.pdbx_gene_src_cell                 ? 
_entity_src_gen.pdbx_gene_src_cellular_location    ? 
_entity_src_gen.host_org_common_name               ? 
_entity_src_gen.pdbx_host_org_scientific_name      'Escherichia coli' 
_entity_src_gen.pdbx_host_org_ncbi_taxonomy_id     562 
_entity_src_gen.host_org_genus                     Escherichia 
_entity_src_gen.pdbx_host_org_gene                 ? 
_entity_src_gen.pdbx_host_org_organ                ? 
_entity_src_gen.host_org_species                   ? 
_entity_src_gen.pdbx_host_org_tissue               ? 
_entity_src_gen.pdbx_host_org_tissue_fraction      ? 
_entity_src_gen.pdbx_host_org_strain               RR1 
_entity_src_gen.pdbx_host_org_variant              ? 
_entity_src_gen.pdbx_host_org_cell_line            ? 
_entity_src_gen.pdbx_host_org_atcc                 ? 
_entity_src_gen.pdbx_host_org_culture_collection   ? 
_entity_src_gen.pdbx_host_org_cell                 ? 
_entity_src_gen.pdbx_host_org_organelle            ? 
_entity_src_gen.pdbx_host_org_cellular_location    ? 
_entity_src_gen.pdbx_host_org_vector_type          plasmid 
_entity_src_gen.pdbx_host_org_vector               ? 
_entity_src_gen.host_org_details                   ? 
_entity_src_gen.expression_system_id               ? 
_entity_src_gen.plasmid_name                       'pHS 1405' 
_entity_src_gen.plasmid_details                    ? 
_entity_src_gen.pdbx_description                   ? 
# 
_struct_ref.id                         1 
_struct_ref.db_name                    UNP 
_struct_ref.db_code                    LYS_BPT4 
_struct_ref.pdbx_db_accession          P00720 
_struct_ref.entity_id                  1 
_struct_ref.pdbx_align_begin           1 
_struct_ref.pdbx_db_isoform            ? 
_struct_ref.pdbx_seq_one_letter_code   ? 
# 
_struct_ref_seq.align_id                      1 
_struct_ref_seq.ref_id                        1 
_struct_ref_seq.pdbx_PDB_id_code              2F32 
_struct_ref_seq.pdbx_strand_id                A 
_struct_ref_seq.seq_align_beg                 1 
_struct_ref_seq.pdbx_seq_align_beg_ins_code   ? 
_struct_ref_seq.seq_align_end                 175 
_struct_ref_seq.pdbx_seq_align_end_ins_code   ? 
_struct_ref_seq.pdbx_db_accession             P00720 
_struct_ref_seq.db_align_beg                  1 
_struct_ref_seq.pdbx_db_align_beg_ins_code    ? 
_struct_ref_seq.db_align_end                  164 
_struct_ref_seq.pdbx_db_align_end_ins_code    ? 
_struct_ref_seq.pdbx_auth_seq_align_beg       1 
_struct_ref_seq.pdbx_auth_seq_align_end       175 
# 
loop_
_struct_ref_seq_dif.align_id 
_struct_ref_seq_dif.pdbx_pdb_id_code 
_struct_ref_seq_dif.mon_id 
_struct_ref_seq_dif.pdbx_pdb_strand_id 
_struct_ref_seq_dif.seq_num 
_struct_ref_seq_dif.pdbx_pdb_ins_code 
_struct_ref_seq_dif.pdbx_seq_db_name 
_struct_ref_seq_dif.pdbx_seq_db_accession_code 
_struct_ref_seq_dif.db_mon_id 
_struct_ref_seq_dif.pdbx_seq_db_seq_num 
_struct_ref_seq_dif.details 
_struct_ref_seq_dif.pdbx_auth_seq_num 
_struct_ref_seq_dif.pdbx_ordinal 
1 2F32 ILE A 39  ? UNP P00720 LEU 39 'engineered mutation' 39  1  
1 2F32 ASN A 40  ? UNP P00720 ?   ?  insertion             40  2  
1 2F32 ALA A 41  ? UNP P00720 ?   ?  insertion             41  3  
1 2F32 ALA A 42  ? UNP P00720 ?   ?  insertion             42  4  
1 2F32 LYS A 43  ? UNP P00720 ?   ?  insertion             43  5  
1 2F32 SER A 44  ? UNP P00720 ?   ?  insertion             44  6  
1 2F32 GLU A 45  ? UNP P00720 ?   ?  insertion             45  7  
1 2F32 ASP A 47  ? UNP P00720 ?   ?  insertion             47  8  
1 2F32 LYS A 48  ? UNP P00720 ?   ?  insertion             48  9  
1 2F32 ALA A 49  ? UNP P00720 ?   ?  insertion             49  10 
1 2F32 ILE A 50  ? UNP P00720 ?   ?  insertion             50  11 
1 2F32 ALA A 63  ? UNP P00720 ARG 52 'engineered mutation' 63  12 
1 2F32 THR A 65  ? UNP P00720 CYS 54 'engineered mutation' 65  13 
1 2F32 ALA A 108 ? UNP P00720 CYS 97 'engineered mutation' 108 14 
# 
loop_
_chem_comp.id 
_chem_comp.type 
_chem_comp.mon_nstd_flag 
_chem_comp.name 
_chem_comp.pdbx_synonyms 
_chem_comp.formula 
_chem_comp.formula_weight 
ALA 'L-peptide linking' y ALANINE              ? 'C3 H7 N O2'     89.093  
ARG 'L-peptide linking' y ARGININE             ? 'C6 H15 N4 O2 1' 175.209 
ASN 'L-peptide linking' y ASPARAGINE           ? 'C4 H8 N2 O3'    132.118 
ASP 'L-peptide linking' y 'ASPARTIC ACID'      ? 'C4 H7 N O4'     133.103 
BME non-polymer         . BETA-MERCAPTOETHANOL ? 'C2 H6 O S'      78.133  
CYS 'L-peptide linking' y CYSTEINE             ? 'C3 H7 N O2 S'   121.158 
EGD non-polymer         . N-ETHYLGUANIDINE     ? 'C3 H9 N3'       87.124  
GLN 'L-peptide linking' y GLUTAMINE            ? 'C5 H10 N2 O3'   146.144 
GLU 'L-peptide linking' y 'GLUTAMIC ACID'      ? 'C5 H9 N O4'     147.129 
GLY 'peptide linking'   y GLYCINE              ? 'C2 H5 N O2'     75.067  
HIS 'L-peptide linking' y HISTIDINE            ? 'C6 H10 N3 O2 1' 156.162 
HOH non-polymer         . WATER                ? 'H2 O'           18.015  
ILE 'L-peptide linking' y ISOLEUCINE           ? 'C6 H13 N O2'    131.173 
LEU 'L-peptide linking' y LEUCINE              ? 'C6 H13 N O2'    131.173 
LYS 'L-peptide linking' y LYSINE               ? 'C6 H15 N2 O2 1' 147.195 
MET 'L-peptide linking' y METHIONINE           ? 'C5 H11 N O2 S'  149.211 
PHE 'L-peptide linking' y PHENYLALANINE        ? 'C9 H11 N O2'    165.189 
PRO 'L-peptide linking' y PROLINE              ? 'C5 H9 N O2'     115.130 
SER 'L-peptide linking' y SERINE               ? 'C3 H7 N O3'     105.093 
THR 'L-peptide linking' y THREONINE            ? 'C4 H9 N O3'     119.119 
TRP 'L-peptide linking' y TRYPTOPHAN           ? 'C11 H12 N2 O2'  204.225 
TYR 'L-peptide linking' y TYROSINE             ? 'C9 H11 N O3'    181.189 
VAL 'L-peptide linking' y VALINE               ? 'C5 H11 N O2'    117.146 
# 
_exptl.entry_id          2F32 
_exptl.method            'X-RAY DIFFRACTION' 
_exptl.crystals_number   ? 
# 
_exptl_crystal.id                    1 
_exptl_crystal.density_meas          ? 
_exptl_crystal.density_Matthews      2.64 
_exptl_crystal.density_percent_sol   53.00 
_exptl_crystal.description           ? 
_exptl_crystal.F_000                 ? 
_exptl_crystal.preparation           ? 
# 
_exptl_crystal_grow.crystal_id      1 
_exptl_crystal_grow.method          'VAPOR DIFFUSION, HANGING DROP' 
_exptl_crystal_grow.temp            277 
_exptl_crystal_grow.temp_details    ? 
_exptl_crystal_grow.pH              6.50 
_exptl_crystal_grow.pdbx_details    
;1.8 M MIXED POTASSIUM AND SODIUM PHOSPHATE. 0.2 M ETHYL GUANIDINIUM CHLORIDE, pH 6.50, VAPOR DIFFUSION, HANGING DROP, temperature 277K
;
_exptl_crystal_grow.pdbx_pH_range   . 
# 
_diffrn.id                     1 
_diffrn.ambient_temp           100.0 
_diffrn.ambient_temp_details   ? 
_diffrn.crystal_id             1 
# 
_diffrn_detector.diffrn_id              1 
_diffrn_detector.detector               CCD 
_diffrn_detector.type                   ? 
_diffrn_detector.pdbx_collection_date   ? 
_diffrn_detector.details                ? 
# 
_diffrn_radiation.diffrn_id                        1 
_diffrn_radiation.wavelength_id                    1 
_diffrn_radiation.pdbx_monochromatic_or_laue_m_l   M 
_diffrn_radiation.monochromator                    ? 
_diffrn_radiation.pdbx_diffrn_protocol             'SINGLE WAVELENGTH' 
_diffrn_radiation.pdbx_scattering_type             x-ray 
# 
_diffrn_radiation_wavelength.id           1 
_diffrn_radiation_wavelength.wavelength   1.1 
_diffrn_radiation_wavelength.wt           1.0 
# 
_diffrn_source.diffrn_id                   1 
_diffrn_source.source                      SYNCHROTRON 
_diffrn_source.type                        'ALS BEAMLINE 8.2.2' 
_diffrn_source.pdbx_synchrotron_site       ALS 
_diffrn_source.pdbx_synchrotron_beamline   8.2.2 
_diffrn_source.pdbx_wavelength             1.1 
_diffrn_source.pdbx_wavelength_list        ? 
# 
_reflns.entry_id                     2F32 
_reflns.observed_criterion_sigma_I   ? 
_reflns.observed_criterion_sigma_F   ? 
_reflns.d_resolution_low             30.000 
_reflns.d_resolution_high            1.8 
_reflns.number_obs                   19758 
_reflns.number_all                   ? 
_reflns.percent_possible_obs         99.0 
_reflns.pdbx_Rmerge_I_obs            ? 
_reflns.pdbx_Rsym_value              0.07 
_reflns.pdbx_netI_over_sigmaI        28.0000 
_reflns.B_iso_Wilson_estimate        21.4 
_reflns.pdbx_redundancy              ? 
_reflns.R_free_details               ? 
_reflns.limit_h_max                  ? 
_reflns.limit_h_min                  ? 
_reflns.limit_k_max                  ? 
_reflns.limit_k_min                  ? 
_reflns.limit_l_max                  ? 
_reflns.limit_l_min                  ? 
_reflns.observed_criterion_F_max     ? 
_reflns.observed_criterion_F_min     ? 
_reflns.pdbx_chi_squared             ? 
_reflns.pdbx_scaling_rejects         ? 
_reflns.pdbx_diffrn_id               1 
_reflns.pdbx_ordinal                 1 
# 
_reflns_shell.d_res_high             1.8 
_reflns_shell.d_res_low              1.86 
_reflns_shell.percent_possible_all   99.0 
_reflns_shell.Rmerge_I_obs           ? 
_reflns_shell.pdbx_Rsym_value        0.36 
_reflns_shell.meanI_over_sigI_obs    3.000 
_reflns_shell.pdbx_redundancy        ? 
_reflns_shell.percent_possible_obs   ? 
_reflns_shell.number_unique_all      ? 
_reflns_shell.number_measured_all    ? 
_reflns_shell.number_measured_obs    ? 
_reflns_shell.number_unique_obs      ? 
_reflns_shell.pdbx_chi_squared       ? 
_reflns_shell.pdbx_diffrn_id         ? 
_reflns_shell.pdbx_ordinal           1 
# 
_refine.entry_id                                 2F32 
_refine.ls_number_reflns_obs                     18757 
_refine.ls_number_reflns_all                     19758 
_refine.pdbx_ls_sigma_I                          ? 
_refine.pdbx_ls_sigma_F                          0.0 
_refine.pdbx_data_cutoff_high_absF               569234.74 
_refine.pdbx_data_cutoff_low_absF                0.000000 
_refine.pdbx_data_cutoff_high_rms_absF           569234.74 
_refine.ls_d_res_low                             27.38 
_refine.ls_d_res_high                            1.80 
_refine.ls_percent_reflns_obs                    95.1 
_refine.ls_R_factor_obs                          0.2 
_refine.ls_R_factor_all                          0.21 
_refine.ls_R_factor_R_work                       0.2 
_refine.ls_R_factor_R_free                       0.245 
_refine.ls_R_factor_R_free_error                 0.008 
_refine.ls_R_factor_R_free_error_details         ? 
_refine.ls_percent_reflns_R_free                 4.8 
_refine.ls_number_reflns_R_free                  904 
_refine.ls_number_parameters                     ? 
_refine.ls_number_restraints                     ? 
_refine.occupancy_min                            ? 
_refine.occupancy_max                            ? 
_refine.correlation_coeff_Fo_to_Fc               ? 
_refine.correlation_coeff_Fo_to_Fc_free          ? 
_refine.B_iso_mean                               29.1 
_refine.aniso_B[1][1]                            1.15 
_refine.aniso_B[2][2]                            1.15 
_refine.aniso_B[3][3]                            -2.30 
_refine.aniso_B[1][2]                            1.36 
_refine.aniso_B[1][3]                            0.00 
_refine.aniso_B[2][3]                            0.00 
_refine.solvent_model_details                    'FLAT MODEL' 
_refine.solvent_model_param_ksol                 0.348392 
_refine.solvent_model_param_bsol                 45.4182 
_refine.pdbx_solvent_vdw_probe_radii             ? 
_refine.pdbx_solvent_ion_probe_radii             ? 
_refine.pdbx_solvent_shrinkage_radii             ? 
_refine.pdbx_ls_cross_valid_method               THROUGHOUT 
_refine.details                                  ? 
_refine.pdbx_starting_model                      1T8A 
_refine.pdbx_method_to_determine_struct          'MOLECULAR REPLACEMENT' 
_refine.pdbx_isotropic_thermal_model             RESTRAINED 
_refine.pdbx_stereochemistry_target_values       ? 
_refine.pdbx_stereochem_target_val_spec_case     ? 
_refine.pdbx_R_Free_selection_details            RANDOM 
_refine.pdbx_overall_ESU_R                       ? 
_refine.pdbx_overall_ESU_R_Free                  ? 
_refine.overall_SU_ML                            ? 
_refine.overall_SU_B                             ? 
_refine.ls_redundancy_reflns_obs                 ? 
_refine.B_iso_min                                ? 
_refine.B_iso_max                                ? 
_refine.overall_SU_R_Cruickshank_DPI             ? 
_refine.overall_SU_R_free                        ? 
_refine.ls_wR_factor_R_free                      ? 
_refine.ls_wR_factor_R_work                      ? 
_refine.overall_FOM_free_R_set                   ? 
_refine.overall_FOM_work_R_set                   ? 
_refine.pdbx_refine_id                           'X-RAY DIFFRACTION' 
_refine.pdbx_diffrn_id                           1 
_refine.pdbx_TLS_residual_ADP_flag               ? 
_refine.pdbx_overall_phase_error                 ? 
_refine.pdbx_overall_SU_R_free_Cruickshank_DPI   ? 
_refine.pdbx_overall_SU_R_Blow_DPI               ? 
_refine.pdbx_overall_SU_R_free_Blow_DPI          ? 
# 
_refine_analyze.entry_id                        2F32 
_refine_analyze.Luzzati_coordinate_error_obs    0.20 
_refine_analyze.Luzzati_sigma_a_obs             0.14 
_refine_analyze.Luzzati_d_res_low_obs           5.00 
_refine_analyze.Luzzati_coordinate_error_free   0.25 
_refine_analyze.Luzzati_sigma_a_free            0.16 
_refine_analyze.Luzzati_d_res_low_free          ? 
_refine_analyze.number_disordered_residues      ? 
_refine_analyze.occupancy_sum_hydrogen          ? 
_refine_analyze.occupancy_sum_non_hydrogen      ? 
_refine_analyze.pdbx_Luzzati_d_res_high_obs     ? 
_refine_analyze.pdbx_refine_id                  'X-RAY DIFFRACTION' 
# 
_refine_hist.pdbx_refine_id                   'X-RAY DIFFRACTION' 
_refine_hist.cycle_id                         LAST 
_refine_hist.pdbx_number_atoms_protein        1382 
_refine_hist.pdbx_number_atoms_nucleic_acid   0 
_refine_hist.pdbx_number_atoms_ligand         16 
_refine_hist.number_atoms_solvent             205 
_refine_hist.number_atoms_total               1603 
_refine_hist.d_res_high                       1.80 
_refine_hist.d_res_low                        27.38 
# 
loop_
_refine_ls_restr.type 
_refine_ls_restr.dev_ideal 
_refine_ls_restr.dev_ideal_target 
_refine_ls_restr.weight 
_refine_ls_restr.number 
_refine_ls_restr.pdbx_refine_id 
_refine_ls_restr.pdbx_restraint_function 
c_bond_d                0.012 ?    ? ? 'X-RAY DIFFRACTION' ? 
c_bond_d_na             ?     ?    ? ? 'X-RAY DIFFRACTION' ? 
c_bond_d_prot           ?     ?    ? ? 'X-RAY DIFFRACTION' ? 
c_angle_d               ?     ?    ? ? 'X-RAY DIFFRACTION' ? 
c_angle_d_na            ?     ?    ? ? 'X-RAY DIFFRACTION' ? 
c_angle_d_prot          ?     ?    ? ? 'X-RAY DIFFRACTION' ? 
c_angle_deg             1.4   ?    ? ? 'X-RAY DIFFRACTION' ? 
c_angle_deg_na          ?     ?    ? ? 'X-RAY DIFFRACTION' ? 
c_angle_deg_prot        ?     ?    ? ? 'X-RAY DIFFRACTION' ? 
c_dihedral_angle_d      19.5  ?    ? ? 'X-RAY DIFFRACTION' ? 
c_dihedral_angle_d_na   ?     ?    ? ? 'X-RAY DIFFRACTION' ? 
c_dihedral_angle_d_prot ?     ?    ? ? 'X-RAY DIFFRACTION' ? 
c_improper_angle_d      0.84  ?    ? ? 'X-RAY DIFFRACTION' ? 
c_improper_angle_d_na   ?     ?    ? ? 'X-RAY DIFFRACTION' ? 
c_improper_angle_d_prot ?     ?    ? ? 'X-RAY DIFFRACTION' ? 
c_mcbond_it             3.34  1.50 ? ? 'X-RAY DIFFRACTION' ? 
c_mcangle_it            3.88  2.00 ? ? 'X-RAY DIFFRACTION' ? 
c_scbond_it             4.97  2.00 ? ? 'X-RAY DIFFRACTION' ? 
c_scangle_it            6.63  2.50 ? ? 'X-RAY DIFFRACTION' ? 
# 
_refine_ls_shell.pdbx_total_number_of_bins_used   6 
_refine_ls_shell.d_res_high                       1.80 
_refine_ls_shell.d_res_low                        1.91 
_refine_ls_shell.number_reflns_R_work             2797 
_refine_ls_shell.R_factor_R_work                  0.265 
_refine_ls_shell.percent_reflns_obs               90.6 
_refine_ls_shell.R_factor_R_free                  0.333 
_refine_ls_shell.R_factor_R_free_error            0.030 
_refine_ls_shell.percent_reflns_R_free            4.3 
_refine_ls_shell.number_reflns_R_free             125 
_refine_ls_shell.number_reflns_all                ? 
_refine_ls_shell.R_factor_all                     ? 
_refine_ls_shell.number_reflns_obs                ? 
_refine_ls_shell.redundancy_reflns_obs            ? 
_refine_ls_shell.pdbx_refine_id                   'X-RAY DIFFRACTION' 
# 
loop_
_pdbx_xplor_file.serial_no 
_pdbx_xplor_file.param_file 
_pdbx_xplor_file.topol_file 
_pdbx_xplor_file.pdbx_refine_id 
1 protein_rep.param protein.top 'X-RAY DIFFRACTION' 
2 water_rep.param   water.top   'X-RAY DIFFRACTION' 
3 egd.param         egd.top     'X-RAY DIFFRACTION' 
4 ion.param         BME.top     'X-RAY DIFFRACTION' 
5 BME.param         ion.top     'X-RAY DIFFRACTION' 
# 
_struct.entry_id                  2F32 
_struct.title                     'Xray crystal structure of lysozyme mutant L20/R63A liganded to ethylguanidinium' 
_struct.pdbx_model_details        ? 
_struct.pdbx_CASP_flag            ? 
_struct.pdbx_model_type_details   ? 
# 
_struct_keywords.entry_id        2F32 
_struct_keywords.pdbx_keywords   HYDROLASE 
_struct_keywords.text            'MOLECULAR SWITCH, T4 LYSOZYME, NANO-BITECHNOLOGY, PROTEIN ENGINEERING, PROTEIN DESIGN, HYDROLASE' 
# 
loop_
_struct_asym.id 
_struct_asym.pdbx_blank_PDB_chainid_flag 
_struct_asym.pdbx_modified 
_struct_asym.entity_id 
_struct_asym.details 
A N N 1 ? 
B N N 2 ? 
C N N 3 ? 
D N N 4 ? 
# 
loop_
_struct_conf.conf_type_id 
_struct_conf.id 
_struct_conf.pdbx_PDB_helix_id 
_struct_conf.beg_label_comp_id 
_struct_conf.beg_label_asym_id 
_struct_conf.beg_label_seq_id 
_struct_conf.pdbx_beg_PDB_ins_code 
_struct_conf.end_label_comp_id 
_struct_conf.end_label_asym_id 
_struct_conf.end_label_seq_id 
_struct_conf.pdbx_end_PDB_ins_code 
_struct_conf.beg_auth_comp_id 
_struct_conf.beg_auth_asym_id 
_struct_conf.beg_auth_seq_id 
_struct_conf.end_auth_comp_id 
_struct_conf.end_auth_asym_id 
_struct_conf.end_auth_seq_id 
_struct_conf.pdbx_PDB_helix_class 
_struct_conf.details 
_struct_conf.pdbx_PDB_helix_length 
HELX_P HELX_P1  1  ASN A 2   ? GLY A 12  ? ASN A 2   GLY A 12  1 ? 11 
HELX_P HELX_P2  2  ALA A 42  ? GLY A 62  ? ALA A 42  GLY A 62  1 ? 21 
HELX_P HELX_P3  3  THR A 70  ? ASN A 92  ? THR A 70  ASN A 92  1 ? 23 
HELX_P HELX_P4  4  LYS A 94  ? LEU A 102 ? LYS A 94  LEU A 102 1 ? 9  
HELX_P HELX_P5  5  ASP A 103 ? GLY A 118 ? ASP A 103 GLY A 118 1 ? 16 
HELX_P HELX_P6  6  GLY A 118 ? GLY A 124 ? GLY A 118 GLY A 124 1 ? 7  
HELX_P HELX_P7  7  PHE A 125 ? GLN A 134 ? PHE A 125 GLN A 134 1 ? 10 
HELX_P HELX_P8  8  ARG A 136 ? ALA A 145 ? ARG A 136 ALA A 145 1 ? 10 
HELX_P HELX_P9  9  SER A 147 ? THR A 153 ? SER A 147 THR A 153 1 ? 7  
HELX_P HELX_P10 10 THR A 153 ? GLY A 167 ? THR A 153 GLY A 167 1 ? 15 
HELX_P HELX_P11 11 TRP A 169 ? LYS A 173 ? TRP A 169 LYS A 173 5 ? 5  
# 
_struct_conf_type.id          HELX_P 
_struct_conf_type.criteria    ? 
_struct_conf_type.reference   ? 
# 
_struct_sheet.id               A 
_struct_sheet.type             ? 
_struct_sheet.number_strands   3 
_struct_sheet.details          ? 
# 
loop_
_struct_sheet_order.sheet_id 
_struct_sheet_order.range_id_1 
_struct_sheet_order.range_id_2 
_struct_sheet_order.offset 
_struct_sheet_order.sense 
A 1 2 ? anti-parallel 
A 2 3 ? anti-parallel 
# 
loop_
_struct_sheet_range.sheet_id 
_struct_sheet_range.id 
_struct_sheet_range.beg_label_comp_id 
_struct_sheet_range.beg_label_asym_id 
_struct_sheet_range.beg_label_seq_id 
_struct_sheet_range.pdbx_beg_PDB_ins_code 
_struct_sheet_range.end_label_comp_id 
_struct_sheet_range.end_label_asym_id 
_struct_sheet_range.end_label_seq_id 
_struct_sheet_range.pdbx_end_PDB_ins_code 
_struct_sheet_range.beg_auth_comp_id 
_struct_sheet_range.beg_auth_asym_id 
_struct_sheet_range.beg_auth_seq_id 
_struct_sheet_range.end_auth_comp_id 
_struct_sheet_range.end_auth_asym_id 
_struct_sheet_range.end_auth_seq_id 
A 1 ARG A 14 ? LYS A 19 ? ARG A 14 LYS A 19 
A 2 TYR A 24 ? GLY A 28 ? TYR A 24 GLY A 28 
A 3 HIS A 31 ? LYS A 35 ? HIS A 31 LYS A 35 
# 
loop_
_pdbx_struct_sheet_hbond.sheet_id 
_pdbx_struct_sheet_hbond.range_id_1 
_pdbx_struct_sheet_hbond.range_id_2 
_pdbx_struct_sheet_hbond.range_1_label_atom_id 
_pdbx_struct_sheet_hbond.range_1_label_comp_id 
_pdbx_struct_sheet_hbond.range_1_label_asym_id 
_pdbx_struct_sheet_hbond.range_1_label_seq_id 
_pdbx_struct_sheet_hbond.range_1_PDB_ins_code 
_pdbx_struct_sheet_hbond.range_1_auth_atom_id 
_pdbx_struct_sheet_hbond.range_1_auth_comp_id 
_pdbx_struct_sheet_hbond.range_1_auth_asym_id 
_pdbx_struct_sheet_hbond.range_1_auth_seq_id 
_pdbx_struct_sheet_hbond.range_2_label_atom_id 
_pdbx_struct_sheet_hbond.range_2_label_comp_id 
_pdbx_struct_sheet_hbond.range_2_label_asym_id 
_pdbx_struct_sheet_hbond.range_2_label_seq_id 
_pdbx_struct_sheet_hbond.range_2_PDB_ins_code 
_pdbx_struct_sheet_hbond.range_2_auth_atom_id 
_pdbx_struct_sheet_hbond.range_2_auth_comp_id 
_pdbx_struct_sheet_hbond.range_2_auth_asym_id 
_pdbx_struct_sheet_hbond.range_2_auth_seq_id 
A 1 2 N TYR A 18 ? N TYR A 18 O THR A 26 ? O THR A 26 
A 2 3 N TYR A 25 ? N TYR A 25 O LEU A 33 ? O LEU A 33 
# 
loop_
_struct_site.id 
_struct_site.pdbx_evidence_code 
_struct_site.pdbx_auth_asym_id 
_struct_site.pdbx_auth_comp_id 
_struct_site.pdbx_auth_seq_id 
_struct_site.pdbx_auth_ins_code 
_struct_site.pdbx_num_residues 
_struct_site.details 
AC1 Software A BME 600 ? 2 'BINDING SITE FOR RESIDUE BME A 600' 
AC2 Software A EGD 300 ? 5 'BINDING SITE FOR RESIDUE EGD A 300' 
# 
loop_
_struct_site_gen.id 
_struct_site_gen.site_id 
_struct_site_gen.pdbx_num_res 
_struct_site_gen.label_comp_id 
_struct_site_gen.label_asym_id 
_struct_site_gen.label_seq_id 
_struct_site_gen.pdbx_auth_ins_code 
_struct_site_gen.auth_comp_id 
_struct_site_gen.auth_asym_id 
_struct_site_gen.auth_seq_id 
_struct_site_gen.label_atom_id 
_struct_site_gen.label_alt_id 
_struct_site_gen.symmetry 
_struct_site_gen.details 
1 AC1 2 ILE A 3  ? ILE A 3   . ? 1_555 ? 
2 AC1 2 HOH D .  ? HOH A 729 . ? 1_555 ? 
3 AC2 5 ALA A 63 ? ALA A 63  . ? 1_555 ? 
4 AC2 5 ASN A 64 ? ASN A 64  . ? 1_555 ? 
5 AC2 5 VAL A 68 ? VAL A 68  . ? 1_555 ? 
6 AC2 5 GLU A 73 ? GLU A 73  . ? 1_555 ? 
7 AC2 5 HOH D .  ? HOH A 657 . ? 1_555 ? 
# 
_atom_sites.entry_id                    2F32 
_atom_sites.fract_transf_matrix[1][1]   -0.00839809 
_atom_sites.fract_transf_matrix[1][2]   0.00934026 
_atom_sites.fract_transf_matrix[1][3]   -0.01421236 
_atom_sites.fract_transf_matrix[2][1]   -0.00495429 
_atom_sites.fract_transf_matrix[2][2]   -0.00924328 
_atom_sites.fract_transf_matrix[2][3]   -0.01580392 
_atom_sites.fract_transf_matrix[3][1]   -0.00931634 
_atom_sites.fract_transf_matrix[3][2]   -0.00208081 
_atom_sites.fract_transf_matrix[3][3]   0.00413754 
_atom_sites.fract_transf_vector[1]      0.290232 
_atom_sites.fract_transf_vector[2]      -0.456180 
_atom_sites.fract_transf_vector[3]      -0.440651 
# 
loop_
_atom_type.symbol 
C 
N 
O 
S 
# 
loop_
_atom_site.group_PDB 
_atom_site.id 
_atom_site.type_symbol 
_atom_site.label_atom_id 
_atom_site.label_alt_id 
_atom_site.label_comp_id 
_atom_site.label_asym_id 
_atom_site.label_entity_id 
_atom_site.label_seq_id 
_atom_site.pdbx_PDB_ins_code 
_atom_site.Cartn_x 
_atom_site.Cartn_y 
_atom_site.Cartn_z 
_atom_site.occupancy 
_atom_site.B_iso_or_equiv 
_atom_site.pdbx_formal_charge 
_atom_site.auth_seq_id 
_atom_site.auth_comp_id 
_atom_site.auth_asym_id 
_atom_site.auth_atom_id 
_atom_site.pdbx_PDB_model_num 
ATOM   1    N N   . MET A 1 1   ? -0.579  15.528  9.991   1.00 22.93 ? 1   MET A N   1 
ATOM   2    C CA  . MET A 1 1   ? -0.661  14.239  9.255   1.00 23.78 ? 1   MET A CA  1 
ATOM   3    C C   . MET A 1 1   ? -0.823  14.546  7.755   1.00 20.07 ? 1   MET A C   1 
ATOM   4    O O   . MET A 1 1   ? -1.428  15.551  7.376   1.00 23.44 ? 1   MET A O   1 
ATOM   5    C CB  . MET A 1 1   ? -1.877  13.467  9.787   1.00 25.36 ? 1   MET A CB  1 
ATOM   6    C CG  . MET A 1 1   ? -2.046  12.024  9.316   1.00 29.16 ? 1   MET A CG  1 
ATOM   7    S SD  . MET A 1 1   ? -0.659  10.882  9.678   1.00 30.86 ? 1   MET A SD  1 
ATOM   8    C CE  . MET A 1 1   ? -0.306  11.363  11.333  1.00 22.25 ? 1   MET A CE  1 
ATOM   9    N N   . ASN A 1 2   ? -0.269  13.679  6.913   1.00 20.15 ? 2   ASN A N   1 
ATOM   10   C CA  . ASN A 1 2   ? -0.366  13.796  5.456   1.00 17.09 ? 2   ASN A CA  1 
ATOM   11   C C   . ASN A 1 2   ? -0.146  12.404  4.945   1.00 19.74 ? 2   ASN A C   1 
ATOM   12   O O   . ASN A 1 2   ? 0.127   11.498  5.739   1.00 17.39 ? 2   ASN A O   1 
ATOM   13   C CB  . ASN A 1 2   ? 0.663   14.756  4.897   1.00 17.76 ? 2   ASN A CB  1 
ATOM   14   C CG  . ASN A 1 2   ? 2.064   14.405  5.308   1.00 17.26 ? 2   ASN A CG  1 
ATOM   15   O OD1 . ASN A 1 2   ? 2.536   13.282  5.054   1.00 20.29 ? 2   ASN A OD1 1 
ATOM   16   N ND2 . ASN A 1 2   ? 2.746   15.359  5.953   1.00 18.75 ? 2   ASN A ND2 1 
ATOM   17   N N   . ILE A 1 3   ? -0.263  12.204  3.640   1.00 17.36 ? 3   ILE A N   1 
ATOM   18   C CA  . ILE A 1 3   ? -0.147  10.852  3.096   1.00 16.97 ? 3   ILE A CA  1 
ATOM   19   C C   . ILE A 1 3   ? 1.178   10.153  3.408   1.00 17.59 ? 3   ILE A C   1 
ATOM   20   O O   . ILE A 1 3   ? 1.207   8.930   3.598   1.00 16.69 ? 3   ILE A O   1 
ATOM   21   C CB  . ILE A 1 3   ? -0.425  10.844  1.533   1.00 17.59 ? 3   ILE A CB  1 
ATOM   22   C CG1 . ILE A 1 3   ? -0.362  9.411   0.993   1.00 15.68 ? 3   ILE A CG1 1 
ATOM   23   C CG2 . ILE A 1 3   ? 0.601   11.701  0.802   1.00 18.28 ? 3   ILE A CG2 1 
ATOM   24   C CD1 . ILE A 1 3   ? -1.302  8.417   1.738   1.00 17.57 ? 3   ILE A CD1 1 
ATOM   25   N N   . PHE A 1 4   ? 2.266   10.914  3.477   1.00 16.99 ? 4   PHE A N   1 
ATOM   26   C CA  . PHE A 1 4   ? 3.558   10.300  3.754   1.00 15.30 ? 4   PHE A CA  1 
ATOM   27   C C   . PHE A 1 4   ? 3.589   9.769   5.156   1.00 13.79 ? 4   PHE A C   1 
ATOM   28   O O   . PHE A 1 4   ? 3.948   8.618   5.381   1.00 17.07 ? 4   PHE A O   1 
ATOM   29   C CB  . PHE A 1 4   ? 4.704   11.294  3.559   1.00 14.91 ? 4   PHE A CB  1 
ATOM   30   C CG  . PHE A 1 4   ? 5.021   11.543  2.111   1.00 15.93 ? 4   PHE A CG  1 
ATOM   31   C CD1 . PHE A 1 4   ? 5.982   10.771  1.445   1.00 19.78 ? 4   PHE A CD1 1 
ATOM   32   C CD2 . PHE A 1 4   ? 4.317   12.504  1.399   1.00 18.62 ? 4   PHE A CD2 1 
ATOM   33   C CE1 . PHE A 1 4   ? 6.237   10.959  0.082   1.00 21.17 ? 4   PHE A CE1 1 
ATOM   34   C CE2 . PHE A 1 4   ? 4.558   12.704  0.031   1.00 18.78 ? 4   PHE A CE2 1 
ATOM   35   C CZ  . PHE A 1 4   ? 5.510   11.936  -0.628  1.00 22.77 ? 4   PHE A CZ  1 
ATOM   36   N N   . GLU A 1 5   ? 3.192   10.613  6.105   1.00 15.77 ? 5   GLU A N   1 
ATOM   37   C CA  . GLU A 1 5   ? 3.210   10.203  7.506   1.00 17.11 ? 5   GLU A CA  1 
ATOM   38   C C   . GLU A 1 5   ? 2.237   9.054   7.728   1.00 15.52 ? 5   GLU A C   1 
ATOM   39   O O   . GLU A 1 5   ? 2.491   8.150   8.532   1.00 16.80 ? 5   GLU A O   1 
ATOM   40   C CB  . GLU A 1 5   ? 2.812   11.391  8.414   1.00 14.99 ? 5   GLU A CB  1 
ATOM   41   C CG  . GLU A 1 5   ? 3.846   12.518  8.409   1.00 17.58 ? 5   GLU A CG  1 
ATOM   42   C CD  . GLU A 1 5   ? 3.496   13.623  9.394   1.00 28.49 ? 5   GLU A CD  1 
ATOM   43   O OE1 . GLU A 1 5   ? 2.538   13.443  10.191  1.00 29.46 ? 5   GLU A OE1 1 
ATOM   44   O OE2 . GLU A 1 5   ? 4.194   14.649  9.392   1.00 29.52 ? 5   GLU A OE2 1 
ATOM   45   N N   . MET A 1 6   ? 1.108   9.115   7.035   1.00 16.55 ? 6   MET A N   1 
ATOM   46   C CA  . MET A 1 6   ? 0.094   8.080   7.157   1.00 18.88 ? 6   MET A CA  1 
ATOM   47   C C   . MET A 1 6   ? 0.628   6.730   6.670   1.00 17.34 ? 6   MET A C   1 
ATOM   48   O O   . MET A 1 6   ? 0.523   5.729   7.367   1.00 17.72 ? 6   MET A O   1 
ATOM   49   C CB  . MET A 1 6   ? -1.141  8.460   6.335   1.00 14.92 ? 6   MET A CB  1 
ATOM   50   C CG  . MET A 1 6   ? -2.307  7.470   6.461   1.00 13.48 ? 6   MET A CG  1 
ATOM   51   S SD  . MET A 1 6   ? -3.380  7.686   5.012   1.00 15.84 ? 6   MET A SD  1 
ATOM   52   C CE  . MET A 1 6   ? -5.030  7.231   5.692   1.00 17.71 ? 6   MET A CE  1 
ATOM   53   N N   . LEU A 1 7   ? 1.204   6.695   5.475   1.00 16.06 ? 7   LEU A N   1 
ATOM   54   C CA  . LEU A 1 7   ? 1.725   5.426   4.975   1.00 15.25 ? 7   LEU A CA  1 
ATOM   55   C C   . LEU A 1 7   ? 2.948   4.980   5.761   1.00 16.35 ? 7   LEU A C   1 
ATOM   56   O O   . LEU A 1 7   ? 3.204   3.775   5.882   1.00 15.29 ? 7   LEU A O   1 
ATOM   57   C CB  . LEU A 1 7   ? 2.042   5.528   3.456   1.00 15.01 ? 7   LEU A CB  1 
ATOM   58   C CG  . LEU A 1 7   ? 0.780   5.273   2.606   1.00 15.94 ? 7   LEU A CG  1 
ATOM   59   C CD1 . LEU A 1 7   ? 0.962   5.739   1.152   1.00 18.25 ? 7   LEU A CD1 1 
ATOM   60   C CD2 . LEU A 1 7   ? 0.424   3.783   2.638   1.00 15.04 ? 7   LEU A CD2 1 
ATOM   61   N N   . ARG A 1 8   ? 3.698   5.932   6.305   1.00 14.92 ? 8   ARG A N   1 
ATOM   62   C CA  . ARG A 1 8   ? 4.878   5.538   7.089   1.00 16.98 ? 8   ARG A CA  1 
ATOM   63   C C   . ARG A 1 8   ? 4.400   4.735   8.299   1.00 22.02 ? 8   ARG A C   1 
ATOM   64   O O   . ARG A 1 8   ? 5.010   3.730   8.678   1.00 17.65 ? 8   ARG A O   1 
ATOM   65   C CB  . ARG A 1 8   ? 5.678   6.773   7.545   1.00 16.73 ? 8   ARG A CB  1 
ATOM   66   C CG  . ARG A 1 8   ? 6.713   6.435   8.621   1.00 17.19 ? 8   ARG A CG  1 
ATOM   67   C CD  . ARG A 1 8   ? 7.840   5.569   8.095   1.00 19.87 ? 8   ARG A CD  1 
ATOM   68   N NE  . ARG A 1 8   ? 8.842   5.362   9.136   1.00 23.98 ? 8   ARG A NE  1 
ATOM   69   C CZ  . ARG A 1 8   ? 8.696   4.537   10.173  1.00 22.52 ? 8   ARG A CZ  1 
ATOM   70   N NH1 . ARG A 1 8   ? 7.591   3.824   10.322  1.00 22.14 ? 8   ARG A NH1 1 
ATOM   71   N NH2 . ARG A 1 8   ? 9.665   4.424   11.075  1.00 32.92 ? 8   ARG A NH2 1 
ATOM   72   N N   . ILE A 1 9   ? 3.289   5.165   8.891   1.00 16.28 ? 9   ILE A N   1 
ATOM   73   C CA  . ILE A 1 9   ? 2.724   4.431   10.026  1.00 18.76 ? 9   ILE A CA  1 
ATOM   74   C C   . ILE A 1 9   ? 2.217   3.038   9.617   1.00 15.57 ? 9   ILE A C   1 
ATOM   75   O O   . ILE A 1 9   ? 2.535   2.042   10.270  1.00 20.69 ? 9   ILE A O   1 
ATOM   76   C CB  . ILE A 1 9   ? 1.558   5.237   10.658  1.00 15.23 ? 9   ILE A CB  1 
ATOM   77   C CG1 . ILE A 1 9   ? 2.130   6.388   11.512  1.00 17.15 ? 9   ILE A CG1 1 
ATOM   78   C CG2 . ILE A 1 9   ? 0.703   4.340   11.540  1.00 21.89 ? 9   ILE A CG2 1 
ATOM   79   C CD1 . ILE A 1 9   ? 1.135   7.517   11.762  1.00 21.79 ? 9   ILE A CD1 1 
ATOM   80   N N   . ASP A 1 10  ? 1.445   2.954   8.532   1.00 14.73 ? 10  ASP A N   1 
ATOM   81   C CA  . ASP A 1 10  ? 0.888   1.683   8.092   1.00 16.05 ? 10  ASP A CA  1 
ATOM   82   C C   . ASP A 1 10  ? 1.863   0.669   7.500   1.00 20.63 ? 10  ASP A C   1 
ATOM   83   O O   . ASP A 1 10  ? 1.633   -0.538  7.614   1.00 19.20 ? 10  ASP A O   1 
ATOM   84   C CB  . ASP A 1 10  ? -0.237  1.888   7.066   1.00 17.91 ? 10  ASP A CB  1 
ATOM   85   C CG  . ASP A 1 10  ? -1.462  2.521   7.675   1.00 18.27 ? 10  ASP A CG  1 
ATOM   86   O OD1 . ASP A 1 10  ? -1.728  2.265   8.873   1.00 18.72 ? 10  ASP A OD1 1 
ATOM   87   O OD2 . ASP A 1 10  ? -2.177  3.251   6.952   1.00 17.49 ? 10  ASP A OD2 1 
ATOM   88   N N   . GLU A 1 11  ? 2.924   1.155   6.863   1.00 15.78 ? 11  GLU A N   1 
ATOM   89   C CA  . GLU A 1 11  ? 3.893   0.253   6.239   1.00 17.68 ? 11  GLU A CA  1 
ATOM   90   C C   . GLU A 1 11  ? 5.100   -0.013  7.115   1.00 19.65 ? 11  GLU A C   1 
ATOM   91   O O   . GLU A 1 11  ? 5.768   -1.021  6.935   1.00 20.22 ? 11  GLU A O   1 
ATOM   92   C CB  . GLU A 1 11  ? 4.380   0.852   4.905   1.00 16.64 ? 11  GLU A CB  1 
ATOM   93   C CG  . GLU A 1 11  ? 3.277   1.093   3.896   1.00 19.61 ? 11  GLU A CG  1 
ATOM   94   C CD  . GLU A 1 11  ? 2.730   -0.184  3.321   1.00 23.16 ? 11  GLU A CD  1 
ATOM   95   O OE1 . GLU A 1 11  ? 3.299   -1.269  3.569   1.00 21.73 ? 11  GLU A OE1 1 
ATOM   96   O OE2 . GLU A 1 11  ? 1.714   -0.118  2.624   1.00 22.43 ? 11  GLU A OE2 1 
ATOM   97   N N   . GLY A 1 12  ? 5.408   0.894   8.043   1.00 20.12 ? 12  GLY A N   1 
ATOM   98   C CA  . GLY A 1 12  ? 6.587   0.694   8.885   1.00 22.25 ? 12  GLY A CA  1 
ATOM   99   C C   . GLY A 1 12  ? 7.870   0.989   8.084   1.00 22.38 ? 12  GLY A C   1 
ATOM   100  O O   . GLY A 1 12  ? 7.799   1.441   6.947   1.00 19.29 ? 12  GLY A O   1 
ATOM   101  N N   . LEU A 1 13  ? 9.037   0.735   8.672   1.00 22.02 ? 13  LEU A N   1 
ATOM   102  C CA  . LEU A 1 13  ? 10.305  0.984   7.991   1.00 18.43 ? 13  LEU A CA  1 
ATOM   103  C C   . LEU A 1 13  ? 11.256  -0.145  8.320   1.00 22.48 ? 13  LEU A C   1 
ATOM   104  O O   . LEU A 1 13  ? 11.632  -0.314  9.475   1.00 19.99 ? 13  LEU A O   1 
ATOM   105  C CB  . LEU A 1 13  ? 10.926  2.309   8.464   1.00 24.21 ? 13  LEU A CB  1 
ATOM   106  C CG  . LEU A 1 13  ? 12.402  2.547   8.089   1.00 23.30 ? 13  LEU A CG  1 
ATOM   107  C CD1 . LEU A 1 13  ? 12.556  2.689   6.575   1.00 19.17 ? 13  LEU A CD1 1 
ATOM   108  C CD2 . LEU A 1 13  ? 12.907  3.828   8.769   1.00 36.32 ? 13  LEU A CD2 1 
ATOM   109  N N   . ARG A 1 14  ? 11.648  -0.923  7.315   1.00 19.19 ? 14  ARG A N   1 
ATOM   110  C CA  . ARG A 1 14  ? 12.578  -2.013  7.552   1.00 21.39 ? 14  ARG A CA  1 
ATOM   111  C C   . ARG A 1 14  ? 13.704  -1.854  6.531   1.00 22.82 ? 14  ARG A C   1 
ATOM   112  O O   . ARG A 1 14  ? 13.458  -1.580  5.355   1.00 22.00 ? 14  ARG A O   1 
ATOM   113  C CB  . ARG A 1 14  ? 11.832  -3.348  7.473   1.00 27.80 ? 14  ARG A CB  1 
ATOM   114  C CG  . ARG A 1 14  ? 10.761  -3.423  8.603   1.00 26.77 ? 14  ARG A CG  1 
ATOM   115  C CD  . ARG A 1 14  ? 10.102  -4.776  8.758   1.00 43.32 ? 14  ARG A CD  1 
ATOM   116  N NE  . ARG A 1 14  ? 11.036  -5.803  9.213   1.00 38.60 ? 14  ARG A NE  1 
ATOM   117  C CZ  . ARG A 1 14  ? 10.712  -7.087  9.357   1.00 42.76 ? 14  ARG A CZ  1 
ATOM   118  N NH1 . ARG A 1 14  ? 9.474   -7.506  9.087   1.00 39.03 ? 14  ARG A NH1 1 
ATOM   119  N NH2 . ARG A 1 14  ? 11.638  -7.962  9.741   1.00 47.00 ? 14  ARG A NH2 1 
ATOM   120  N N   . LEU A 1 15  ? 14.944  -1.987  7.005   1.00 21.15 ? 15  LEU A N   1 
ATOM   121  C CA  . LEU A 1 15  ? 16.095  -1.769  6.155   1.00 21.95 ? 15  LEU A CA  1 
ATOM   122  C C   . LEU A 1 15  ? 16.674  -3.002  5.516   1.00 26.12 ? 15  LEU A C   1 
ATOM   123  O O   . LEU A 1 15  ? 17.628  -2.904  4.735   1.00 26.18 ? 15  LEU A O   1 
ATOM   124  C CB  . LEU A 1 15  ? 17.187  -1.010  6.920   1.00 25.68 ? 15  LEU A CB  1 
ATOM   125  C CG  . LEU A 1 15  ? 16.704  0.329   7.477   1.00 21.56 ? 15  LEU A CG  1 
ATOM   126  C CD1 . LEU A 1 15  ? 17.872  1.038   8.157   1.00 35.15 ? 15  LEU A CD1 1 
ATOM   127  C CD2 . LEU A 1 15  ? 16.107  1.184   6.344   1.00 18.33 ? 15  LEU A CD2 1 
ATOM   128  N N   . LYS A 1 16  ? 16.079  -4.141  5.828   1.00 25.88 ? 16  LYS A N   1 
ATOM   129  C CA  . LYS A 1 16  ? 16.507  -5.400  5.266   1.00 26.86 ? 16  LYS A CA  1 
ATOM   130  C C   . LYS A 1 16  ? 15.281  -6.067  4.650   1.00 22.37 ? 16  LYS A C   1 
ATOM   131  O O   . LYS A 1 16  ? 14.163  -5.861  5.104   1.00 21.36 ? 16  LYS A O   1 
ATOM   132  C CB  . LYS A 1 16  ? 17.120  -6.293  6.357   1.00 28.76 ? 16  LYS A CB  1 
ATOM   133  C CG  . LYS A 1 16  ? 17.502  -7.667  5.836   1.00 45.41 ? 16  LYS A CG  1 
ATOM   134  C CD  . LYS A 1 16  ? 17.960  -8.622  6.946   1.00 48.18 ? 16  LYS A CD  1 
ATOM   135  C CE  . LYS A 1 16  ? 18.401  -9.959  6.340   1.00 49.23 ? 16  LYS A CE  1 
ATOM   136  N NZ  . LYS A 1 16  ? 19.017  -10.900 7.315   1.00 55.49 ? 16  LYS A NZ  1 
ATOM   137  N N   . ILE A 1 17  ? 15.485  -6.835  3.587   1.00 22.96 ? 17  ILE A N   1 
ATOM   138  C CA  . ILE A 1 17  ? 14.379  -7.510  2.930   1.00 19.15 ? 17  ILE A CA  1 
ATOM   139  C C   . ILE A 1 17  ? 13.612  -8.393  3.905   1.00 29.12 ? 17  ILE A C   1 
ATOM   140  O O   . ILE A 1 17  ? 14.215  -9.091  4.719   1.00 25.94 ? 17  ILE A O   1 
ATOM   141  C CB  . ILE A 1 17  ? 14.890  -8.382  1.768   1.00 22.96 ? 17  ILE A CB  1 
ATOM   142  C CG1 . ILE A 1 17  ? 15.474  -7.477  0.681   1.00 19.31 ? 17  ILE A CG1 1 
ATOM   143  C CG2 . ILE A 1 17  ? 13.785  -9.259  1.220   1.00 24.17 ? 17  ILE A CG2 1 
ATOM   144  C CD1 . ILE A 1 17  ? 16.006  -8.259  -0.563  1.00 22.22 ? 17  ILE A CD1 1 
ATOM   145  N N   . TYR A 1 18  ? 12.284  -8.350  3.818   1.00 27.13 ? 18  TYR A N   1 
ATOM   146  C CA  . TYR A 1 18  ? 11.430  -9.172  4.666   1.00 29.16 ? 18  TYR A CA  1 
ATOM   147  C C   . TYR A 1 18  ? 10.233  -9.628  3.836   1.00 26.82 ? 18  TYR A C   1 
ATOM   148  O O   . TYR A 1 18  ? 10.049  -9.184  2.703   1.00 24.00 ? 18  TYR A O   1 
ATOM   149  C CB  . TYR A 1 18  ? 10.980  -8.376  5.903   1.00 31.62 ? 18  TYR A CB  1 
ATOM   150  C CG  . TYR A 1 18  ? 10.030  -7.247  5.610   1.00 25.07 ? 18  TYR A CG  1 
ATOM   151  C CD1 . TYR A 1 18  ? 10.495  -5.965  5.262   1.00 22.02 ? 18  TYR A CD1 1 
ATOM   152  C CD2 . TYR A 1 18  ? 8.660   -7.441  5.715   1.00 26.53 ? 18  TYR A CD2 1 
ATOM   153  C CE1 . TYR A 1 18  ? 9.588   -4.918  5.042   1.00 17.97 ? 18  TYR A CE1 1 
ATOM   154  C CE2 . TYR A 1 18  ? 7.759   -6.404  5.502   1.00 32.57 ? 18  TYR A CE2 1 
ATOM   155  C CZ  . TYR A 1 18  ? 8.220   -5.152  5.174   1.00 24.59 ? 18  TYR A CZ  1 
ATOM   156  O OH  . TYR A 1 18  ? 7.294   -4.143  5.059   1.00 24.00 ? 18  TYR A OH  1 
ATOM   157  N N   . LYS A 1 19  ? 9.421   -10.527 4.384   1.00 21.85 ? 19  LYS A N   1 
ATOM   158  C CA  . LYS A 1 19  ? 8.270   -11.057 3.677   1.00 25.91 ? 19  LYS A CA  1 
ATOM   159  C C   . LYS A 1 19  ? 7.021   -10.482 4.327   1.00 34.51 ? 19  LYS A C   1 
ATOM   160  O O   . LYS A 1 19  ? 6.855   -10.589 5.543   1.00 29.91 ? 19  LYS A O   1 
ATOM   161  C CB  . LYS A 1 19  ? 8.297   -12.594 3.778   1.00 30.17 ? 19  LYS A CB  1 
ATOM   162  C CG  . LYS A 1 19  ? 7.257   -13.322 2.977   1.00 38.18 ? 19  LYS A CG  1 
ATOM   163  C CD  . LYS A 1 19  ? 7.477   -14.842 3.036   1.00 49.32 ? 19  LYS A CD  1 
ATOM   164  C CE  . LYS A 1 19  ? 6.358   -15.579 2.280   1.00 51.38 ? 19  LYS A CE  1 
ATOM   165  N NZ  . LYS A 1 19  ? 6.613   -17.037 2.044   1.00 53.49 ? 19  LYS A NZ  1 
ATOM   166  N N   . ASP A 1 20  ? 6.155   -9.851  3.537   1.00 28.48 ? 20  ASP A N   1 
ATOM   167  C CA  . ASP A 1 20  ? 4.941   -9.269  4.098   1.00 35.96 ? 20  ASP A CA  1 
ATOM   168  C C   . ASP A 1 20  ? 3.873   -10.359 4.233   1.00 33.90 ? 20  ASP A C   1 
ATOM   169  O O   . ASP A 1 20  ? 4.114   -11.505 3.839   1.00 34.47 ? 20  ASP A O   1 
ATOM   170  C CB  . ASP A 1 20  ? 4.468   -8.079  3.234   1.00 27.12 ? 20  ASP A CB  1 
ATOM   171  C CG  . ASP A 1 20  ? 3.768   -8.493  1.947   1.00 34.55 ? 20  ASP A CG  1 
ATOM   172  O OD1 . ASP A 1 20  ? 3.626   -9.700  1.631   1.00 27.46 ? 20  ASP A OD1 1 
ATOM   173  O OD2 . ASP A 1 20  ? 3.331   -7.565  1.236   1.00 24.70 ? 20  ASP A OD2 1 
ATOM   174  N N   . THR A 1 21  ? 2.699   -10.036 4.778   1.00 32.98 ? 21  THR A N   1 
ATOM   175  C CA  . THR A 1 21  ? 1.693   -11.082 4.952   1.00 31.67 ? 21  THR A CA  1 
ATOM   176  C C   . THR A 1 21  ? 1.211   -11.769 3.677   1.00 40.80 ? 21  THR A C   1 
ATOM   177  O O   . THR A 1 21  ? 0.749   -12.914 3.711   1.00 38.89 ? 21  THR A O   1 
ATOM   178  C CB  . THR A 1 21  ? 0.453   -10.592 5.719   1.00 38.48 ? 21  THR A CB  1 
ATOM   179  O OG1 . THR A 1 21  ? 0.856   -9.980  6.943   1.00 48.39 ? 21  THR A OG1 1 
ATOM   180  C CG2 . THR A 1 21  ? -0.419  -11.767 6.073   1.00 29.82 ? 21  THR A CG2 1 
ATOM   181  N N   . GLU A 1 22  ? 1.298   -11.081 2.550   1.00 31.05 ? 22  GLU A N   1 
ATOM   182  C CA  . GLU A 1 22  ? 0.870   -11.669 1.283   1.00 31.43 ? 22  GLU A CA  1 
ATOM   183  C C   . GLU A 1 22  ? 1.970   -12.491 0.607   1.00 39.78 ? 22  GLU A C   1 
ATOM   184  O O   . GLU A 1 22  ? 1.826   -12.881 -0.561  1.00 41.08 ? 22  GLU A O   1 
ATOM   185  C CB  . GLU A 1 22  ? 0.420   -10.581 0.316   1.00 35.35 ? 22  GLU A CB  1 
ATOM   186  C CG  . GLU A 1 22  ? -0.865  -9.875  0.695   1.00 46.96 ? 22  GLU A CG  1 
ATOM   187  C CD  . GLU A 1 22  ? -2.035  -10.828 0.887   1.00 44.72 ? 22  GLU A CD  1 
ATOM   188  O OE1 . GLU A 1 22  ? -2.140  -11.823 0.144   1.00 39.26 ? 22  GLU A OE1 1 
ATOM   189  O OE2 . GLU A 1 22  ? -2.860  -10.565 1.779   1.00 41.36 ? 22  GLU A OE2 1 
ATOM   190  N N   . GLY A 1 23  ? 3.060   -12.751 1.325   1.00 32.84 ? 23  GLY A N   1 
ATOM   191  C CA  . GLY A 1 23  ? 4.150   -13.531 0.750   1.00 35.59 ? 23  GLY A CA  1 
ATOM   192  C C   . GLY A 1 23  ? 5.086   -12.783 -0.191  1.00 41.81 ? 23  GLY A C   1 
ATOM   193  O O   . GLY A 1 23  ? 5.815   -13.400 -0.980  1.00 38.46 ? 23  GLY A O   1 
ATOM   194  N N   . TYR A 1 24  ? 5.080   -11.458 -0.120  1.00 33.64 ? 24  TYR A N   1 
ATOM   195  C CA  . TYR A 1 24  ? 5.951   -10.688 -0.988  1.00 29.08 ? 24  TYR A CA  1 
ATOM   196  C C   . TYR A 1 24  ? 7.207   -10.228 -0.291  1.00 29.35 ? 24  TYR A C   1 
ATOM   197  O O   . TYR A 1 24  ? 7.135   -9.696  0.809   1.00 21.82 ? 24  TYR A O   1 
ATOM   198  C CB  . TYR A 1 24  ? 5.242   -9.439  -1.502  1.00 26.81 ? 24  TYR A CB  1 
ATOM   199  C CG  . TYR A 1 24  ? 4.223   -9.674  -2.584  1.00 34.81 ? 24  TYR A CG  1 
ATOM   200  C CD1 . TYR A 1 24  ? 2.992   -10.267 -2.307  1.00 44.00 ? 24  TYR A CD1 1 
ATOM   201  C CD2 . TYR A 1 24  ? 4.495   -9.296  -3.902  1.00 42.56 ? 24  TYR A CD2 1 
ATOM   202  C CE1 . TYR A 1 24  ? 2.056   -10.475 -3.328  1.00 43.15 ? 24  TYR A CE1 1 
ATOM   203  C CE2 . TYR A 1 24  ? 3.583   -9.497  -4.908  1.00 42.22 ? 24  TYR A CE2 1 
ATOM   204  C CZ  . TYR A 1 24  ? 2.370   -10.083 -4.625  1.00 46.24 ? 24  TYR A CZ  1 
ATOM   205  O OH  . TYR A 1 24  ? 1.484   -10.270 -5.662  1.00 57.90 ? 24  TYR A OH  1 
ATOM   206  N N   . TYR A 1 25  ? 8.353   -10.414 -0.945  1.00 22.14 ? 25  TYR A N   1 
ATOM   207  C CA  . TYR A 1 25  ? 9.601   -9.904  -0.410  1.00 21.42 ? 25  TYR A CA  1 
ATOM   208  C C   . TYR A 1 25  ? 9.387   -8.391  -0.552  1.00 23.88 ? 25  TYR A C   1 
ATOM   209  O O   . TYR A 1 25  ? 8.979   -7.898  -1.619  1.00 22.08 ? 25  TYR A O   1 
ATOM   210  C CB  . TYR A 1 25  ? 10.784  -10.409 -1.247  1.00 23.56 ? 25  TYR A CB  1 
ATOM   211  C CG  . TYR A 1 25  ? 11.090  -11.866 -0.966  1.00 30.98 ? 25  TYR A CG  1 
ATOM   212  C CD1 . TYR A 1 25  ? 11.371  -12.297 0.332   1.00 29.94 ? 25  TYR A CD1 1 
ATOM   213  C CD2 . TYR A 1 25  ? 11.106  -12.815 -1.992  1.00 37.49 ? 25  TYR A CD2 1 
ATOM   214  C CE1 . TYR A 1 25  ? 11.661  -13.642 0.617   1.00 33.32 ? 25  TYR A CE1 1 
ATOM   215  C CE2 . TYR A 1 25  ? 11.394  -14.166 -1.722  1.00 35.06 ? 25  TYR A CE2 1 
ATOM   216  C CZ  . TYR A 1 25  ? 11.668  -14.570 -0.416  1.00 41.88 ? 25  TYR A CZ  1 
ATOM   217  O OH  . TYR A 1 25  ? 11.928  -15.907 -0.144  1.00 43.02 ? 25  TYR A OH  1 
ATOM   218  N N   . THR A 1 26  ? 9.681   -7.670  0.522   1.00 19.22 ? 26  THR A N   1 
ATOM   219  C CA  . THR A 1 26  ? 9.438   -6.234  0.613   1.00 20.61 ? 26  THR A CA  1 
ATOM   220  C C   . THR A 1 26  ? 10.599  -5.593  1.358   1.00 19.35 ? 26  THR A C   1 
ATOM   221  O O   . THR A 1 26  ? 11.343  -6.291  2.037   1.00 22.33 ? 26  THR A O   1 
ATOM   222  C CB  . THR A 1 26  ? 8.137   -6.038  1.464   1.00 22.68 ? 26  THR A CB  1 
ATOM   223  O OG1 . THR A 1 26  ? 7.080   -6.806  0.881   1.00 25.01 ? 26  THR A OG1 1 
ATOM   224  C CG2 . THR A 1 26  ? 7.717   -4.562  1.564   1.00 19.64 ? 26  THR A CG2 1 
ATOM   225  N N   . ILE A 1 27  ? 10.763  -4.266  1.231   1.00 16.33 ? 27  ILE A N   1 
ATOM   226  C CA  . ILE A 1 27  ? 11.805  -3.575  1.980   1.00 18.22 ? 27  ILE A CA  1 
ATOM   227  C C   . ILE A 1 27  ? 11.419  -2.096  2.097   1.00 14.16 ? 27  ILE A C   1 
ATOM   228  O O   . ILE A 1 27  ? 10.499  -1.622  1.397   1.00 17.60 ? 27  ILE A O   1 
ATOM   229  C CB  . ILE A 1 27  ? 13.188  -3.702  1.279   1.00 19.83 ? 27  ILE A CB  1 
ATOM   230  C CG1 . ILE A 1 27  ? 14.322  -3.303  2.239   1.00 24.10 ? 27  ILE A CG1 1 
ATOM   231  C CG2 . ILE A 1 27  ? 13.216  -2.785  0.049   1.00 22.75 ? 27  ILE A CG2 1 
ATOM   232  C CD1 . ILE A 1 27  ? 15.714  -3.746  1.765   1.00 25.84 ? 27  ILE A CD1 1 
ATOM   233  N N   . GLY A 1 28  ? 12.077  -1.401  3.012   1.00 17.19 ? 28  GLY A N   1 
ATOM   234  C CA  . GLY A 1 28  ? 11.846  0.019   3.187   1.00 17.11 ? 28  GLY A CA  1 
ATOM   235  C C   . GLY A 1 28  ? 10.491  0.335   3.782   1.00 16.83 ? 28  GLY A C   1 
ATOM   236  O O   . GLY A 1 28  ? 10.122  -0.193  4.840   1.00 18.39 ? 28  GLY A O   1 
ATOM   237  N N   . ILE A 1 29  ? 9.753   1.203   3.106   1.00 17.64 ? 29  ILE A N   1 
ATOM   238  C CA  . ILE A 1 29  ? 8.421   1.575   3.570   1.00 19.60 ? 29  ILE A CA  1 
ATOM   239  C C   . ILE A 1 29  ? 7.417   0.967   2.607   1.00 19.34 ? 29  ILE A C   1 
ATOM   240  O O   . ILE A 1 29  ? 6.906   1.644   1.725   1.00 19.13 ? 29  ILE A O   1 
ATOM   241  C CB  . ILE A 1 29  ? 8.224   3.135   3.596   1.00 15.14 ? 29  ILE A CB  1 
ATOM   242  C CG1 . ILE A 1 29  ? 9.378   3.810   4.328   1.00 21.25 ? 29  ILE A CG1 1 
ATOM   243  C CG2 . ILE A 1 29  ? 6.894   3.473   4.273   1.00 15.74 ? 29  ILE A CG2 1 
ATOM   244  C CD1 . ILE A 1 29  ? 9.650   3.240   5.643   1.00 38.57 ? 29  ILE A CD1 1 
ATOM   245  N N   . GLY A 1 30  ? 7.175   -0.332  2.752   1.00 18.92 ? 30  GLY A N   1 
ATOM   246  C CA  . GLY A 1 30  ? 6.219   -0.981  1.895   1.00 17.55 ? 30  GLY A CA  1 
ATOM   247  C C   . GLY A 1 30  ? 6.633   -1.116  0.441   1.00 20.74 ? 30  GLY A C   1 
ATOM   248  O O   . GLY A 1 30  ? 5.754   -1.219  -0.433  1.00 21.48 ? 30  GLY A O   1 
ATOM   249  N N   . HIS A 1 31  ? 7.935   -1.095  0.145   1.00 19.32 ? 31  HIS A N   1 
ATOM   250  C CA  . HIS A 1 31  ? 8.340   -1.266  -1.257  1.00 17.02 ? 31  HIS A CA  1 
ATOM   251  C C   . HIS A 1 31  ? 8.364   -2.755  -1.624  1.00 17.28 ? 31  HIS A C   1 
ATOM   252  O O   . HIS A 1 31  ? 9.234   -3.522  -1.172  1.00 16.61 ? 31  HIS A O   1 
ATOM   253  C CB  . HIS A 1 31  ? 9.730   -0.700  -1.548  1.00 16.73 ? 31  HIS A CB  1 
ATOM   254  C CG  . HIS A 1 31  ? 10.083  -0.787  -3.003  1.00 18.35 ? 31  HIS A CG  1 
ATOM   255  N ND1 . HIS A 1 31  ? 9.561   0.078   -3.941  1.00 17.93 ? 31  HIS A ND1 1 
ATOM   256  C CD2 . HIS A 1 31  ? 10.813  -1.698  -3.691  1.00 16.77 ? 31  HIS A CD2 1 
ATOM   257  C CE1 . HIS A 1 31  ? 9.966   -0.288  -5.149  1.00 20.81 ? 31  HIS A CE1 1 
ATOM   258  N NE2 . HIS A 1 31  ? 10.726  -1.366  -5.024  1.00 19.15 ? 31  HIS A NE2 1 
ATOM   259  N N   . LEU A 1 32  ? 7.411   -3.150  -2.455  1.00 20.56 ? 32  LEU A N   1 
ATOM   260  C CA  . LEU A 1 32  ? 7.284   -4.533  -2.876  1.00 22.12 ? 32  LEU A CA  1 
ATOM   261  C C   . LEU A 1 32  ? 8.375   -4.906  -3.880  1.00 20.58 ? 32  LEU A C   1 
ATOM   262  O O   . LEU A 1 32  ? 8.654   -4.139  -4.787  1.00 21.58 ? 32  LEU A O   1 
ATOM   263  C CB  . LEU A 1 32  ? 5.910   -4.752  -3.516  1.00 21.80 ? 32  LEU A CB  1 
ATOM   264  C CG  . LEU A 1 32  ? 4.720   -4.692  -2.567  1.00 38.01 ? 32  LEU A CG  1 
ATOM   265  C CD1 . LEU A 1 32  ? 3.491   -5.156  -3.313  1.00 36.33 ? 32  LEU A CD1 1 
ATOM   266  C CD2 . LEU A 1 32  ? 4.967   -5.602  -1.327  1.00 36.48 ? 32  LEU A CD2 1 
ATOM   267  N N   . LEU A 1 33  ? 8.994   -6.069  -3.706  1.00 19.49 ? 33  LEU A N   1 
ATOM   268  C CA  . LEU A 1 33  ? 10.028  -6.496  -4.637  1.00 19.66 ? 33  LEU A CA  1 
ATOM   269  C C   . LEU A 1 33  ? 9.583   -7.619  -5.585  1.00 24.94 ? 33  LEU A C   1 
ATOM   270  O O   . LEU A 1 33  ? 9.530   -7.429  -6.813  1.00 25.02 ? 33  LEU A O   1 
ATOM   271  C CB  . LEU A 1 33  ? 11.289  -6.910  -3.877  1.00 16.28 ? 33  LEU A CB  1 
ATOM   272  C CG  . LEU A 1 33  ? 11.979  -5.742  -3.140  1.00 17.45 ? 33  LEU A CG  1 
ATOM   273  C CD1 . LEU A 1 33  ? 13.006  -6.278  -2.126  1.00 20.10 ? 33  LEU A CD1 1 
ATOM   274  C CD2 . LEU A 1 33  ? 12.639  -4.787  -4.162  1.00 22.09 ? 33  LEU A CD2 1 
ATOM   275  N N   . THR A 1 34  ? 9.291   -8.786  -5.025  1.00 24.54 ? 34  THR A N   1 
ATOM   276  C CA  . THR A 1 34  ? 8.852   -9.949  -5.807  1.00 24.69 ? 34  THR A CA  1 
ATOM   277  C C   . THR A 1 34  ? 8.075   -10.904 -4.900  1.00 34.37 ? 34  THR A C   1 
ATOM   278  O O   . THR A 1 34  ? 8.075   -10.729 -3.689  1.00 27.81 ? 34  THR A O   1 
ATOM   279  C CB  . THR A 1 34  ? 10.052  -10.744 -6.374  1.00 33.58 ? 34  THR A CB  1 
ATOM   280  O OG1 . THR A 1 34  ? 10.883  -11.182 -5.298  1.00 39.18 ? 34  THR A OG1 1 
ATOM   281  C CG2 . THR A 1 34  ? 10.880  -9.891  -7.282  1.00 31.44 ? 34  THR A CG2 1 
ATOM   282  N N   . LYS A 1 35  ? 7.400   -11.893 -5.492  1.00 35.79 ? 35  LYS A N   1 
ATOM   283  C CA  . LYS A 1 35  ? 6.657   -12.889 -4.718  1.00 41.46 ? 35  LYS A CA  1 
ATOM   284  C C   . LYS A 1 35  ? 7.579   -14.012 -4.298  1.00 42.84 ? 35  LYS A C   1 
ATOM   285  O O   . LYS A 1 35  ? 8.438   -14.432 -5.074  1.00 49.35 ? 35  LYS A O   1 
ATOM   286  C CB  . LYS A 1 35  ? 5.511   -13.491 -5.530  1.00 44.27 ? 35  LYS A CB  1 
ATOM   287  C CG  . LYS A 1 35  ? 4.360   -12.554 -5.730  1.00 46.60 ? 35  LYS A CG  1 
ATOM   288  C CD  . LYS A 1 35  ? 3.021   -13.282 -5.600  1.00 55.23 ? 35  LYS A CD  1 
ATOM   289  C CE  . LYS A 1 35  ? 2.824   -14.282 -6.732  1.00 56.08 ? 35  LYS A CE  1 
ATOM   290  N NZ  . LYS A 1 35  ? 2.795   -13.569 -8.046  1.00 59.02 ? 35  LYS A NZ  1 
ATOM   291  N N   . SER A 1 36  ? 7.415   -14.491 -3.067  1.00 47.45 ? 36  SER A N   1 
ATOM   292  C CA  . SER A 1 36  ? 8.232   -15.586 -2.559  1.00 49.38 ? 36  SER A CA  1 
ATOM   293  C C   . SER A 1 36  ? 7.529   -16.913 -2.882  1.00 49.16 ? 36  SER A C   1 
ATOM   294  O O   . SER A 1 36  ? 6.336   -16.930 -3.194  1.00 53.31 ? 36  SER A O   1 
ATOM   295  C CB  . SER A 1 36  ? 8.418   -15.453 -1.048  1.00 49.07 ? 36  SER A CB  1 
ATOM   296  O OG  . SER A 1 36  ? 7.176   -15.585 -0.368  1.00 51.37 ? 36  SER A OG  1 
ATOM   297  N N   . PRO A 1 37  ? 8.261   -18.037 -2.821  1.00 52.77 ? 37  PRO A N   1 
ATOM   298  C CA  . PRO A 1 37  ? 7.698   -19.363 -3.108  1.00 58.87 ? 37  PRO A CA  1 
ATOM   299  C C   . PRO A 1 37  ? 6.880   -19.875 -1.922  1.00 60.86 ? 37  PRO A C   1 
ATOM   300  O O   . PRO A 1 37  ? 6.553   -19.107 -1.013  1.00 60.58 ? 37  PRO A O   1 
ATOM   301  C CB  . PRO A 1 37  ? 8.940   -20.233 -3.350  1.00 58.77 ? 37  PRO A CB  1 
ATOM   302  C CG  . PRO A 1 37  ? 10.061  -19.237 -3.586  1.00 58.32 ? 37  PRO A CG  1 
ATOM   303  C CD  . PRO A 1 37  ? 9.717   -18.126 -2.640  1.00 52.82 ? 37  PRO A CD  1 
ATOM   304  N N   . SER A 1 38  ? 6.575   -21.175 -1.925  1.00 63.80 ? 38  SER A N   1 
ATOM   305  C CA  . SER A 1 38  ? 5.804   -21.796 -0.844  1.00 65.78 ? 38  SER A CA  1 
ATOM   306  C C   . SER A 1 38  ? 6.716   -22.084 0.350   1.00 66.70 ? 38  SER A C   1 
ATOM   307  O O   . SER A 1 38  ? 7.930   -22.200 0.185   1.00 65.95 ? 38  SER A O   1 
ATOM   308  C CB  . SER A 1 38  ? 5.184   -23.110 -1.325  1.00 67.61 ? 38  SER A CB  1 
ATOM   309  O OG  . SER A 1 38  ? 4.484   -22.928 -2.542  1.00 69.17 ? 38  SER A OG  1 
ATOM   310  N N   . ILE A 1 39  ? 6.144   -22.199 1.549   1.00 68.35 ? 39  ILE A N   1 
ATOM   311  C CA  . ILE A 1 39  ? 6.960   -22.496 2.726   1.00 68.12 ? 39  ILE A CA  1 
ATOM   312  C C   . ILE A 1 39  ? 7.707   -23.793 2.448   1.00 70.66 ? 39  ILE A C   1 
ATOM   313  O O   . ILE A 1 39  ? 8.756   -24.067 3.039   1.00 68.08 ? 39  ILE A O   1 
ATOM   314  C CB  . ILE A 1 39  ? 6.114   -22.682 4.028   1.00 66.66 ? 39  ILE A CB  1 
ATOM   315  C CG1 . ILE A 1 39  ? 4.927   -23.623 3.778   1.00 68.75 ? 39  ILE A CG1 1 
ATOM   316  C CG2 . ILE A 1 39  ? 5.698   -21.333 4.571   1.00 67.85 ? 39  ILE A CG2 1 
ATOM   317  C CD1 . ILE A 1 39  ? 3.870   -23.092 2.815   1.00 66.35 ? 39  ILE A CD1 1 
ATOM   318  N N   . ASN A 1 40  ? 7.155   -24.580 1.529   1.00 71.38 ? 40  ASN A N   1 
ATOM   319  C CA  . ASN A 1 40  ? 7.743   -25.854 1.147   1.00 72.94 ? 40  ASN A CA  1 
ATOM   320  C C   . ASN A 1 40  ? 8.678   -25.679 -0.045  1.00 75.35 ? 40  ASN A C   1 
ATOM   321  O O   . ASN A 1 40  ? 9.885   -25.907 0.072   1.00 75.61 ? 40  ASN A O   1 
ATOM   322  C CB  . ASN A 1 40  ? 6.638   -26.847 0.813   1.00 71.55 ? 40  ASN A CB  1 
ATOM   323  C CG  . ASN A 1 40  ? 5.622   -26.976 1.931   1.00 72.60 ? 40  ASN A CG  1 
ATOM   324  O OD1 . ASN A 1 40  ? 5.981   -27.221 3.085   1.00 72.21 ? 40  ASN A OD1 1 
ATOM   325  N ND2 . ASN A 1 40  ? 4.344   -26.813 1.596   1.00 72.50 ? 40  ASN A ND2 1 
ATOM   326  N N   . ALA A 1 41  ? 8.113   -25.267 -1.180  1.00 75.32 ? 41  ALA A N   1 
ATOM   327  C CA  . ALA A 1 41  ? 8.876   -25.041 -2.408  1.00 75.09 ? 41  ALA A CA  1 
ATOM   328  C C   . ALA A 1 41  ? 10.383  -25.177 -2.185  1.00 74.99 ? 41  ALA A C   1 
ATOM   329  O O   . ALA A 1 41  ? 10.985  -24.411 -1.431  1.00 76.94 ? 41  ALA A O   1 
ATOM   330  C CB  . ALA A 1 41  ? 8.549   -23.659 -2.977  1.00 76.35 ? 41  ALA A CB  1 
ATOM   331  N N   . ALA A 1 42  ? 10.962  -26.170 -2.853  1.00 75.39 ? 42  ALA A N   1 
ATOM   332  C CA  . ALA A 1 42  ? 12.384  -26.521 -2.804  1.00 73.47 ? 42  ALA A CA  1 
ATOM   333  C C   . ALA A 1 42  ? 13.398  -25.601 -2.131  1.00 73.80 ? 42  ALA A C   1 
ATOM   334  O O   . ALA A 1 42  ? 13.258  -24.379 -2.104  1.00 75.71 ? 42  ALA A O   1 
ATOM   335  C CB  . ALA A 1 42  ? 12.867  -26.832 -4.218  1.00 73.77 ? 42  ALA A CB  1 
ATOM   336  N N   . LYS A 1 43  ? 14.447  -26.225 -1.609  1.00 73.55 ? 43  LYS A N   1 
ATOM   337  C CA  . LYS A 1 43  ? 15.542  -25.520 -0.956  1.00 73.66 ? 43  LYS A CA  1 
ATOM   338  C C   . LYS A 1 43  ? 16.201  -24.605 -1.985  1.00 72.57 ? 43  LYS A C   1 
ATOM   339  O O   . LYS A 1 43  ? 16.699  -23.526 -1.659  1.00 71.34 ? 43  LYS A O   1 
ATOM   340  C CB  . LYS A 1 43  ? 16.565  -26.537 -0.441  1.00 73.99 ? 43  LYS A CB  1 
ATOM   341  C CG  . LYS A 1 43  ? 17.939  -25.957 -0.111  1.00 74.60 ? 43  LYS A CG  1 
ATOM   342  C CD  . LYS A 1 43  ? 18.965  -27.070 0.126   1.00 73.34 ? 43  LYS A CD  1 
ATOM   343  C CE  . LYS A 1 43  ? 19.223  -27.872 -1.147  1.00 73.48 ? 43  LYS A CE  1 
ATOM   344  N NZ  . LYS A 1 43  ? 20.148  -29.023 -0.938  1.00 70.07 ? 43  LYS A NZ  1 
ATOM   345  N N   . SER A 1 44  ? 16.201  -25.062 -3.234  1.00 72.00 ? 44  SER A N   1 
ATOM   346  C CA  . SER A 1 44  ? 16.788  -24.311 -4.334  1.00 71.80 ? 44  SER A CA  1 
ATOM   347  C C   . SER A 1 44  ? 15.937  -23.093 -4.653  1.00 69.78 ? 44  SER A C   1 
ATOM   348  O O   . SER A 1 44  ? 16.419  -21.962 -4.599  1.00 67.56 ? 44  SER A O   1 
ATOM   349  C CB  . SER A 1 44  ? 16.888  -25.192 -5.580  1.00 72.30 ? 44  SER A CB  1 
ATOM   350  O OG  . SER A 1 44  ? 17.264  -24.420 -6.706  1.00 72.21 ? 44  SER A OG  1 
ATOM   351  N N   . GLU A 1 45  ? 14.675  -23.345 -4.994  1.00 68.87 ? 45  GLU A N   1 
ATOM   352  C CA  . GLU A 1 45  ? 13.724  -22.290 -5.329  1.00 67.12 ? 45  GLU A CA  1 
ATOM   353  C C   . GLU A 1 45  ? 13.828  -21.131 -4.357  1.00 65.04 ? 45  GLU A C   1 
ATOM   354  O O   . GLU A 1 45  ? 13.847  -19.964 -4.756  1.00 64.09 ? 45  GLU A O   1 
ATOM   355  C CB  . GLU A 1 45  ? 12.297  -22.832 -5.292  1.00 67.52 ? 45  GLU A CB  1 
ATOM   356  C CG  . GLU A 1 45  ? 11.976  -23.849 -6.368  1.00 69.86 ? 45  GLU A CG  1 
ATOM   357  C CD  . GLU A 1 45  ? 10.619  -24.501 -6.143  1.00 74.03 ? 45  GLU A CD  1 
ATOM   358  O OE1 . GLU A 1 45  ? 9.605   -23.764 -6.102  1.00 72.80 ? 45  GLU A OE1 1 
ATOM   359  O OE2 . GLU A 1 45  ? 10.572  -25.748 -6.005  1.00 73.17 ? 45  GLU A OE2 1 
ATOM   360  N N   . LEU A 1 46  ? 13.888  -21.468 -3.076  1.00 63.98 ? 46  LEU A N   1 
ATOM   361  C CA  . LEU A 1 46  ? 13.982  -20.478 -2.015  1.00 63.36 ? 46  LEU A CA  1 
ATOM   362  C C   . LEU A 1 46  ? 15.095  -19.468 -2.282  1.00 60.67 ? 46  LEU A C   1 
ATOM   363  O O   . LEU A 1 46  ? 14.863  -18.263 -2.288  1.00 56.24 ? 46  LEU A O   1 
ATOM   364  C CB  . LEU A 1 46  ? 14.248  -21.176 -0.684  1.00 63.39 ? 46  LEU A CB  1 
ATOM   365  C CG  . LEU A 1 46  ? 14.114  -20.317 0.572   1.00 64.76 ? 46  LEU A CG  1 
ATOM   366  C CD1 . LEU A 1 46  ? 12.634  -20.164 0.903   1.00 64.26 ? 46  LEU A CD1 1 
ATOM   367  C CD2 . LEU A 1 46  ? 14.861  -20.967 1.735   1.00 64.00 ? 46  LEU A CD2 1 
ATOM   368  N N   . ASP A 1 47  ? 16.301  -19.975 -2.510  1.00 55.85 ? 47  ASP A N   1 
ATOM   369  C CA  . ASP A 1 47  ? 17.457  -19.122 -2.751  1.00 53.91 ? 47  ASP A CA  1 
ATOM   370  C C   . ASP A 1 47  ? 17.365  -18.318 -4.031  1.00 53.25 ? 47  ASP A C   1 
ATOM   371  O O   . ASP A 1 47  ? 17.835  -17.180 -4.088  1.00 45.18 ? 47  ASP A O   1 
ATOM   372  C CB  . ASP A 1 47  ? 18.731  -19.959 -2.768  1.00 57.83 ? 47  ASP A CB  1 
ATOM   373  C CG  . ASP A 1 47  ? 19.031  -20.575 -1.423  1.00 62.87 ? 47  ASP A CG  1 
ATOM   374  O OD1 . ASP A 1 47  ? 18.948  -19.849 -0.404  1.00 62.49 ? 47  ASP A OD1 1 
ATOM   375  O OD2 . ASP A 1 47  ? 19.353  -21.780 -1.385  1.00 66.38 ? 47  ASP A OD2 1 
ATOM   376  N N   . LYS A 1 48  ? 16.763  -18.915 -5.053  1.00 48.56 ? 48  LYS A N   1 
ATOM   377  C CA  . LYS A 1 48  ? 16.607  -18.246 -6.327  1.00 49.29 ? 48  LYS A CA  1 
ATOM   378  C C   . LYS A 1 48  ? 15.696  -17.048 -6.128  1.00 45.23 ? 48  LYS A C   1 
ATOM   379  O O   . LYS A 1 48  ? 16.009  -15.940 -6.554  1.00 41.64 ? 48  LYS A O   1 
ATOM   380  C CB  . LYS A 1 48  ? 16.010  -19.204 -7.358  1.00 52.98 ? 48  LYS A CB  1 
ATOM   381  C CG  . LYS A 1 48  ? 16.893  -20.418 -7.643  1.00 58.04 ? 48  LYS A CG  1 
ATOM   382  C CD  . LYS A 1 48  ? 16.411  -21.179 -8.861  1.00 57.92 ? 48  LYS A CD  1 
ATOM   383  C CE  . LYS A 1 48  ? 17.274  -22.405 -9.127  1.00 58.37 ? 48  LYS A CE  1 
ATOM   384  N NZ  . LYS A 1 48  ? 16.807  -23.160 -10.332 1.00 57.29 ? 48  LYS A NZ  1 
ATOM   385  N N   . ALA A 1 49  ? 14.569  -17.288 -5.470  1.00 43.27 ? 49  ALA A N   1 
ATOM   386  C CA  . ALA A 1 49  ? 13.599  -16.241 -5.189  1.00 41.30 ? 49  ALA A CA  1 
ATOM   387  C C   . ALA A 1 49  ? 14.250  -15.107 -4.401  1.00 42.20 ? 49  ALA A C   1 
ATOM   388  O O   . ALA A 1 49  ? 13.947  -13.927 -4.630  1.00 34.64 ? 49  ALA A O   1 
ATOM   389  C CB  . ALA A 1 49  ? 12.425  -16.818 -4.406  1.00 42.26 ? 49  ALA A CB  1 
ATOM   390  N N   . ILE A 1 50  ? 15.146  -15.457 -3.481  1.00 34.10 ? 50  ILE A N   1 
ATOM   391  C CA  . ILE A 1 50  ? 15.828  -14.445 -2.669  1.00 32.86 ? 50  ILE A CA  1 
ATOM   392  C C   . ILE A 1 50  ? 16.721  -13.587 -3.540  1.00 35.38 ? 50  ILE A C   1 
ATOM   393  O O   . ILE A 1 50  ? 16.758  -12.357 -3.406  1.00 27.25 ? 50  ILE A O   1 
ATOM   394  C CB  . ILE A 1 50  ? 16.716  -15.068 -1.551  1.00 36.59 ? 50  ILE A CB  1 
ATOM   395  C CG1 . ILE A 1 50  ? 15.875  -15.914 -0.602  1.00 40.95 ? 50  ILE A CG1 1 
ATOM   396  C CG2 . ILE A 1 50  ? 17.402  -13.949 -0.748  1.00 40.90 ? 50  ILE A CG2 1 
ATOM   397  C CD1 . ILE A 1 50  ? 14.884  -15.135 0.194   1.00 43.63 ? 50  ILE A CD1 1 
ATOM   398  N N   . ASN A 1 51  ? 17.475  -14.222 -4.430  1.00 29.74 ? 51  ASN A N   1 
ATOM   399  C CA  . ASN A 1 51  ? 18.328  -13.431 -5.294  1.00 30.34 ? 51  ASN A CA  1 
ATOM   400  C C   . ASN A 1 51  ? 17.496  -12.623 -6.296  1.00 26.50 ? 51  ASN A C   1 
ATOM   401  O O   . ASN A 1 51  ? 17.886  -11.521 -6.693  1.00 26.83 ? 51  ASN A O   1 
ATOM   402  C CB  . ASN A 1 51  ? 19.359  -14.336 -5.984  1.00 37.10 ? 51  ASN A CB  1 
ATOM   403  C CG  . ASN A 1 51  ? 20.351  -14.927 -4.983  1.00 40.54 ? 51  ASN A CG  1 
ATOM   404  O OD1 . ASN A 1 51  ? 20.853  -14.219 -4.101  1.00 41.96 ? 51  ASN A OD1 1 
ATOM   405  N ND2 . ASN A 1 51  ? 20.637  -16.215 -5.114  1.00 42.51 ? 51  ASN A ND2 1 
ATOM   406  N N   . ALA A 1 52  ? 16.346  -13.157 -6.690  1.00 27.47 ? 52  ALA A N   1 
ATOM   407  C CA  . ALA A 1 52  ? 15.487  -12.431 -7.616  1.00 29.92 ? 52  ALA A CA  1 
ATOM   408  C C   . ALA A 1 52  ? 15.037  -11.136 -6.929  1.00 25.17 ? 52  ALA A C   1 
ATOM   409  O O   . ALA A 1 52  ? 14.959  -10.085 -7.563  1.00 24.60 ? 52  ALA A O   1 
ATOM   410  C CB  . ALA A 1 52  ? 14.284  -13.254 -7.986  1.00 24.35 ? 52  ALA A CB  1 
ATOM   411  N N   . ALA A 1 53  ? 14.725  -11.215 -5.640  1.00 25.13 ? 53  ALA A N   1 
ATOM   412  C CA  . ALA A 1 53  ? 14.307  -10.031 -4.876  1.00 20.75 ? 53  ALA A CA  1 
ATOM   413  C C   . ALA A 1 53  ? 15.477  -9.057  -4.732  1.00 24.53 ? 53  ALA A C   1 
ATOM   414  O O   . ALA A 1 53  ? 15.312  -7.847  -4.854  1.00 22.06 ? 53  ALA A O   1 
ATOM   415  C CB  . ALA A 1 53  ? 13.809  -10.460 -3.504  1.00 26.43 ? 53  ALA A CB  1 
ATOM   416  N N   . LYS A 1 54  ? 16.670  -9.586  -4.478  1.00 21.52 ? 54  LYS A N   1 
ATOM   417  C CA  . LYS A 1 54  ? 17.843  -8.739  -4.326  1.00 17.29 ? 54  LYS A CA  1 
ATOM   418  C C   . LYS A 1 54  ? 18.146  -8.084  -5.663  1.00 23.52 ? 54  LYS A C   1 
ATOM   419  O O   . LYS A 1 54  ? 18.589  -6.946  -5.710  1.00 20.51 ? 54  LYS A O   1 
ATOM   420  C CB  . LYS A 1 54  ? 19.064  -9.557  -3.870  1.00 22.43 ? 54  LYS A CB  1 
ATOM   421  C CG  . LYS A 1 54  ? 18.963  -10.069 -2.431  1.00 30.04 ? 54  LYS A CG  1 
ATOM   422  C CD  . LYS A 1 54  ? 20.244  -10.831 -2.022  1.00 29.35 ? 54  LYS A CD  1 
ATOM   423  C CE  . LYS A 1 54  ? 20.211  -11.261 -0.555  1.00 38.04 ? 54  LYS A CE  1 
ATOM   424  N NZ  . LYS A 1 54  ? 21.483  -11.950 -0.185  1.00 38.84 ? 54  LYS A NZ  1 
ATOM   425  N N   . SER A 1 55  ? 17.892  -8.809  -6.747  1.00 21.66 ? 55  SER A N   1 
ATOM   426  C CA  . SER A 1 55  ? 18.139  -8.258  -8.074  1.00 20.84 ? 55  SER A CA  1 
ATOM   427  C C   . SER A 1 55  ? 17.212  -7.069  -8.306  1.00 19.63 ? 55  SER A C   1 
ATOM   428  O O   . SER A 1 55  ? 17.638  -6.021  -8.784  1.00 18.54 ? 55  SER A O   1 
ATOM   429  C CB  . SER A 1 55  ? 17.891  -9.320  -9.148  1.00 26.02 ? 55  SER A CB  1 
ATOM   430  O OG  . SER A 1 55  ? 18.190  -8.774  -10.421 1.00 32.48 ? 55  SER A OG  1 
ATOM   431  N N   . GLU A 1 56  ? 15.942  -7.247  -7.984  1.00 22.11 ? 56  GLU A N   1 
ATOM   432  C CA  . GLU A 1 56  ? 14.983  -6.153  -8.114  1.00 16.61 ? 56  GLU A CA  1 
ATOM   433  C C   . GLU A 1 56  ? 15.405  -4.963  -7.252  1.00 17.75 ? 56  GLU A C   1 
ATOM   434  O O   . GLU A 1 56  ? 15.282  -3.819  -7.659  1.00 19.44 ? 56  GLU A O   1 
ATOM   435  C CB  . GLU A 1 56  ? 13.594  -6.604  -7.651  1.00 19.61 ? 56  GLU A CB  1 
ATOM   436  C CG  . GLU A 1 56  ? 12.910  -7.550  -8.597  1.00 22.45 ? 56  GLU A CG  1 
ATOM   437  C CD  . GLU A 1 56  ? 12.676  -6.916  -9.970  1.00 24.38 ? 56  GLU A CD  1 
ATOM   438  O OE1 . GLU A 1 56  ? 11.853  -5.975  -10.082 1.00 23.76 ? 56  GLU A OE1 1 
ATOM   439  O OE2 . GLU A 1 56  ? 13.327  -7.359  -10.929 1.00 35.74 ? 56  GLU A OE2 1 
ATOM   440  N N   . LEU A 1 57  ? 15.887  -5.230  -6.040  1.00 17.57 ? 57  LEU A N   1 
ATOM   441  C CA  . LEU A 1 57  ? 16.269  -4.135  -5.158  1.00 17.12 ? 57  LEU A CA  1 
ATOM   442  C C   . LEU A 1 57  ? 17.438  -3.364  -5.712  1.00 17.73 ? 57  LEU A C   1 
ATOM   443  O O   . LEU A 1 57  ? 17.426  -2.151  -5.712  1.00 17.16 ? 57  LEU A O   1 
ATOM   444  C CB  . LEU A 1 57  ? 16.623  -4.669  -3.771  1.00 16.19 ? 57  LEU A CB  1 
ATOM   445  C CG  . LEU A 1 57  ? 17.143  -3.643  -2.768  1.00 18.95 ? 57  LEU A CG  1 
ATOM   446  C CD1 . LEU A 1 57  ? 16.135  -2.471  -2.617  1.00 19.23 ? 57  LEU A CD1 1 
ATOM   447  C CD2 . LEU A 1 57  ? 17.309  -4.357  -1.422  1.00 17.75 ? 57  LEU A CD2 1 
ATOM   448  N N   . ASP A 1 58  ? 18.454  -4.080  -6.185  1.00 17.64 ? 58  ASP A N   1 
ATOM   449  C CA  . ASP A 1 58  ? 19.638  -3.443  -6.741  1.00 19.14 ? 58  ASP A CA  1 
ATOM   450  C C   . ASP A 1 58  ? 19.280  -2.572  -7.924  1.00 17.99 ? 58  ASP A C   1 
ATOM   451  O O   . ASP A 1 58  ? 19.829  -1.497  -8.081  1.00 20.98 ? 58  ASP A O   1 
ATOM   452  C CB  . ASP A 1 58  ? 20.672  -4.485  -7.199  1.00 18.15 ? 58  ASP A CB  1 
ATOM   453  C CG  . ASP A 1 58  ? 21.326  -5.224  -6.033  1.00 26.68 ? 58  ASP A CG  1 
ATOM   454  O OD1 . ASP A 1 58  ? 21.128  -4.807  -4.876  1.00 23.32 ? 58  ASP A OD1 1 
ATOM   455  O OD2 . ASP A 1 58  ? 22.057  -6.218  -6.267  1.00 20.68 ? 58  ASP A OD2 1 
ATOM   456  N N   . LYS A 1 59  ? 18.375  -3.067  -8.756  1.00 19.74 ? 59  LYS A N   1 
ATOM   457  C CA  . LYS A 1 59  ? 17.937  -2.339  -9.949  1.00 19.40 ? 59  LYS A CA  1 
ATOM   458  C C   . LYS A 1 59  ? 17.190  -1.048  -9.573  1.00 19.11 ? 59  LYS A C   1 
ATOM   459  O O   . LYS A 1 59  ? 17.347  0.026   -10.213 1.00 18.49 ? 59  LYS A O   1 
ATOM   460  C CB  . LYS A 1 59  ? 17.061  -3.314  -10.787 1.00 27.67 ? 59  LYS A CB  1 
ATOM   461  C CG  . LYS A 1 59  ? 15.971  -2.699  -11.655 1.00 27.43 ? 59  LYS A CG  1 
ATOM   462  C CD  . LYS A 1 59  ? 15.442  -3.667  -12.725 1.00 25.30 ? 59  LYS A CD  1 
ATOM   463  C CE  . LYS A 1 59  ? 14.343  -4.613  -12.270 1.00 28.18 ? 59  LYS A CE  1 
ATOM   464  N NZ  . LYS A 1 59  ? 13.042  -3.968  -11.868 1.00 23.51 ? 59  LYS A NZ  1 
ATOM   465  N N   . ALA A 1 60  ? 16.423  -1.133  -8.495  1.00 18.41 ? 60  ALA A N   1 
ATOM   466  C CA  . ALA A 1 60  ? 15.626  0.012   -8.035  1.00 16.69 ? 60  ALA A CA  1 
ATOM   467  C C   . ALA A 1 60  ? 16.516  1.078   -7.432  1.00 18.56 ? 60  ALA A C   1 
ATOM   468  O O   . ALA A 1 60  ? 16.290  2.278   -7.624  1.00 20.02 ? 60  ALA A O   1 
ATOM   469  C CB  . ALA A 1 60  ? 14.581  -0.479  -6.987  1.00 14.84 ? 60  ALA A CB  1 
ATOM   470  N N   . ILE A 1 61  ? 17.530  0.633   -6.706  1.00 17.43 ? 61  ILE A N   1 
ATOM   471  C CA  . ILE A 1 61  ? 18.496  1.529   -6.030  1.00 18.53 ? 61  ILE A CA  1 
ATOM   472  C C   . ILE A 1 61  ? 19.653  1.946   -6.923  1.00 19.73 ? 61  ILE A C   1 
ATOM   473  O O   . ILE A 1 61  ? 20.234  3.014   -6.731  1.00 20.75 ? 61  ILE A O   1 
ATOM   474  C CB  . ILE A 1 61  ? 19.123  0.837   -4.769  1.00 22.70 ? 61  ILE A CB  1 
ATOM   475  C CG1 . ILE A 1 61  ? 18.026  0.561   -3.744  1.00 28.28 ? 61  ILE A CG1 1 
ATOM   476  C CG2 . ILE A 1 61  ? 20.255  1.721   -4.179  1.00 21.20 ? 61  ILE A CG2 1 
ATOM   477  C CD1 . ILE A 1 61  ? 17.303  1.826   -3.269  1.00 30.08 ? 61  ILE A CD1 1 
ATOM   478  N N   . GLY A 1 62  ? 19.996  1.096   -7.888  1.00 20.10 ? 62  GLY A N   1 
ATOM   479  C CA  . GLY A 1 62  ? 21.107  1.413   -8.778  1.00 26.86 ? 62  GLY A CA  1 
ATOM   480  C C   . GLY A 1 62  ? 22.432  1.111   -8.097  1.00 32.16 ? 62  GLY A C   1 
ATOM   481  O O   . GLY A 1 62  ? 23.433  1.783   -8.342  1.00 33.74 ? 62  GLY A O   1 
ATOM   482  N N   . ALA A 1 63  ? 22.443  0.102   -7.233  1.00 24.95 ? 63  ALA A N   1 
ATOM   483  C CA  . ALA A 1 63  ? 23.670  -0.266  -6.520  1.00 27.38 ? 63  ALA A CA  1 
ATOM   484  C C   . ALA A 1 63  ? 23.604  -1.713  -6.068  1.00 23.86 ? 63  ALA A C   1 
ATOM   485  O O   . ALA A 1 63  ? 22.555  -2.343  -6.125  1.00 21.15 ? 63  ALA A O   1 
ATOM   486  C CB  . ALA A 1 63  ? 23.882  0.645   -5.319  1.00 29.58 ? 63  ALA A CB  1 
ATOM   487  N N   . ASN A 1 64  ? 24.746  -2.243  -5.640  1.00 24.83 ? 64  ASN A N   1 
ATOM   488  C CA  . ASN A 1 64  ? 24.852  -3.636  -5.185  1.00 26.59 ? 64  ASN A CA  1 
ATOM   489  C C   . ASN A 1 64  ? 24.510  -3.590  -3.685  1.00 22.57 ? 64  ASN A C   1 
ATOM   490  O O   . ASN A 1 64  ? 25.373  -3.363  -2.839  1.00 25.87 ? 64  ASN A O   1 
ATOM   491  C CB  . ASN A 1 64  ? 26.306  -4.098  -5.446  1.00 29.74 ? 64  ASN A CB  1 
ATOM   492  C CG  . ASN A 1 64  ? 26.577  -5.502  -5.003  1.00 39.31 ? 64  ASN A CG  1 
ATOM   493  O OD1 . ASN A 1 64  ? 27.706  -5.990  -5.128  1.00 52.46 ? 64  ASN A OD1 1 
ATOM   494  N ND2 . ASN A 1 64  ? 25.571  -6.168  -4.491  1.00 37.53 ? 64  ASN A ND2 1 
ATOM   495  N N   . THR A 1 65  ? 23.243  -3.813  -3.352  1.00 25.16 ? 65  THR A N   1 
ATOM   496  C CA  . THR A 1 65  ? 22.806  -3.692  -1.960  1.00 20.91 ? 65  THR A CA  1 
ATOM   497  C C   . THR A 1 65  ? 22.840  -4.941  -1.085  1.00 25.90 ? 65  THR A C   1 
ATOM   498  O O   . THR A 1 65  ? 22.826  -4.846  0.140   1.00 27.57 ? 65  THR A O   1 
ATOM   499  C CB  . THR A 1 65  ? 21.343  -3.184  -1.899  1.00 21.96 ? 65  THR A CB  1 
ATOM   500  O OG1 . THR A 1 65  ? 20.462  -4.255  -2.257  1.00 27.45 ? 65  THR A OG1 1 
ATOM   501  C CG2 . THR A 1 65  ? 21.110  -2.048  -2.900  1.00 21.97 ? 65  THR A CG2 1 
ATOM   502  N N   . ASN A 1 66  ? 22.882  -6.098  -1.722  1.00 21.88 ? 66  ASN A N   1 
ATOM   503  C CA  . ASN A 1 66  ? 22.805  -7.372  -1.038  1.00 22.67 ? 66  ASN A CA  1 
ATOM   504  C C   . ASN A 1 66  ? 21.626  -7.460  -0.057  1.00 22.26 ? 66  ASN A C   1 
ATOM   505  O O   . ASN A 1 66  ? 21.719  -8.142  0.969   1.00 25.88 ? 66  ASN A O   1 
ATOM   506  C CB  . ASN A 1 66  ? 24.099  -7.767  -0.309  1.00 26.72 ? 66  ASN A CB  1 
ATOM   507  C CG  . ASN A 1 66  ? 24.143  -9.279  -0.031  1.00 34.78 ? 66  ASN A CG  1 
ATOM   508  O OD1 . ASN A 1 66  ? 23.663  -10.080 -0.855  1.00 31.27 ? 66  ASN A OD1 1 
ATOM   509  N ND2 . ASN A 1 66  ? 24.696  -9.676  1.115   1.00 28.35 ? 66  ASN A ND2 1 
ATOM   510  N N   . GLY A 1 67  ? 20.535  -6.752  -0.361  1.00 23.53 ? 67  GLY A N   1 
ATOM   511  C CA  . GLY A 1 67  ? 19.342  -6.838  0.476   1.00 18.93 ? 67  GLY A CA  1 
ATOM   512  C C   . GLY A 1 67  ? 19.263  -5.884  1.666   1.00 22.98 ? 67  GLY A C   1 
ATOM   513  O O   . GLY A 1 67  ? 18.391  -6.047  2.513   1.00 24.74 ? 67  GLY A O   1 
ATOM   514  N N   . VAL A 1 68  ? 20.166  -4.916  1.731   1.00 22.44 ? 68  VAL A N   1 
ATOM   515  C CA  . VAL A 1 68  ? 20.191  -3.956  2.832   1.00 24.10 ? 68  VAL A CA  1 
ATOM   516  C C   . VAL A 1 68  ? 20.308  -2.552  2.263   1.00 30.96 ? 68  VAL A C   1 
ATOM   517  O O   . VAL A 1 68  ? 21.156  -2.297  1.404   1.00 27.34 ? 68  VAL A O   1 
ATOM   518  C CB  . VAL A 1 68  ? 21.400  -4.208  3.779   1.00 29.36 ? 68  VAL A CB  1 
ATOM   519  C CG1 . VAL A 1 68  ? 21.408  -3.190  4.911   1.00 32.08 ? 68  VAL A CG1 1 
ATOM   520  C CG2 . VAL A 1 68  ? 21.311  -5.640  4.362   1.00 28.56 ? 68  VAL A CG2 1 
ATOM   521  N N   . ILE A 1 69  ? 19.451  -1.646  2.742   1.00 27.86 ? 69  ILE A N   1 
ATOM   522  C CA  . ILE A 1 69  ? 19.460  -0.277  2.280   1.00 23.13 ? 69  ILE A CA  1 
ATOM   523  C C   . ILE A 1 69  ? 19.491  0.672   3.454   1.00 20.89 ? 69  ILE A C   1 
ATOM   524  O O   . ILE A 1 69  ? 19.295  0.264   4.593   1.00 22.36 ? 69  ILE A O   1 
ATOM   525  C CB  . ILE A 1 69  ? 18.205  0.044   1.407   1.00 25.61 ? 69  ILE A CB  1 
ATOM   526  C CG1 . ILE A 1 69  ? 16.920  -0.200  2.204   1.00 22.47 ? 69  ILE A CG1 1 
ATOM   527  C CG2 . ILE A 1 69  ? 18.223  -0.788  0.122   1.00 22.53 ? 69  ILE A CG2 1 
ATOM   528  C CD1 . ILE A 1 69  ? 15.640  0.274   1.448   1.00 23.97 ? 69  ILE A CD1 1 
ATOM   529  N N   . THR A 1 70  ? 19.747  1.941   3.179   1.00 21.42 ? 70  THR A N   1 
ATOM   530  C CA  . THR A 1 70  ? 19.788  2.939   4.236   1.00 26.38 ? 70  THR A CA  1 
ATOM   531  C C   . THR A 1 70  ? 18.422  3.599   4.368   1.00 31.67 ? 70  THR A C   1 
ATOM   532  O O   . THR A 1 70  ? 17.544  3.439   3.513   1.00 21.30 ? 70  THR A O   1 
ATOM   533  C CB  . THR A 1 70  ? 20.802  4.051   3.942   1.00 23.83 ? 70  THR A CB  1 
ATOM   534  O OG1 . THR A 1 70  ? 20.387  4.794   2.786   1.00 23.82 ? 70  THR A OG1 1 
ATOM   535  C CG2 . THR A 1 70  ? 22.201  3.455   3.712   1.00 26.29 ? 70  THR A CG2 1 
ATOM   536  N N   . LYS A 1 71  ? 18.247  4.346   5.448   1.00 23.34 ? 71  LYS A N   1 
ATOM   537  C CA  . LYS A 1 71  ? 16.988  5.030   5.654   1.00 23.12 ? 71  LYS A CA  1 
ATOM   538  C C   . LYS A 1 71  ? 16.751  5.973   4.500   1.00 21.02 ? 71  LYS A C   1 
ATOM   539  O O   . LYS A 1 71  ? 15.643  6.021   3.988   1.00 19.58 ? 71  LYS A O   1 
ATOM   540  C CB  . LYS A 1 71  ? 17.002  5.809   6.973   1.00 28.63 ? 71  LYS A CB  1 
ATOM   541  C CG  . LYS A 1 71  ? 15.740  6.625   7.219   1.00 25.56 ? 71  LYS A CG  1 
ATOM   542  C CD  . LYS A 1 71  ? 15.781  7.305   8.605   1.00 25.21 ? 71  LYS A CD  1 
ATOM   543  C CE  . LYS A 1 71  ? 14.452  7.972   8.923   1.00 37.69 ? 71  LYS A CE  1 
ATOM   544  N NZ  . LYS A 1 71  ? 14.329  8.216   10.386  1.00 42.39 ? 71  LYS A NZ  1 
ATOM   545  N N   . ASP A 1 72  ? 17.771  6.739   4.097   1.00 18.88 ? 72  ASP A N   1 
ATOM   546  C CA  . ASP A 1 72  ? 17.599  7.682   2.995   1.00 21.85 ? 72  ASP A CA  1 
ATOM   547  C C   . ASP A 1 72  ? 17.137  6.977   1.708   1.00 21.21 ? 72  ASP A C   1 
ATOM   548  O O   . ASP A 1 72  ? 16.331  7.518   0.941   1.00 22.89 ? 72  ASP A O   1 
ATOM   549  C CB  . ASP A 1 72  ? 18.909  8.414   2.715   1.00 28.67 ? 72  ASP A CB  1 
ATOM   550  C CG  . ASP A 1 72  ? 19.156  9.595   3.662   1.00 35.25 ? 72  ASP A CG  1 
ATOM   551  O OD1 . ASP A 1 72  ? 18.375  9.813   4.601   1.00 35.35 ? 72  ASP A OD1 1 
ATOM   552  O OD2 . ASP A 1 72  ? 20.160  10.307  3.443   1.00 45.05 ? 72  ASP A OD2 1 
ATOM   553  N N   . GLU A 1 73  ? 17.664  5.782   1.468   1.00 24.23 ? 73  GLU A N   1 
ATOM   554  C CA  . GLU A 1 73  ? 17.302  5.017   0.270   1.00 21.50 ? 73  GLU A CA  1 
ATOM   555  C C   . GLU A 1 73  ? 15.857  4.549   0.392   1.00 18.11 ? 73  GLU A C   1 
ATOM   556  O O   . GLU A 1 73  ? 15.109  4.603   -0.560  1.00 19.47 ? 73  GLU A O   1 
ATOM   557  C CB  . GLU A 1 73  ? 18.256  3.827   0.088   1.00 22.18 ? 73  GLU A CB  1 
ATOM   558  C CG  . GLU A 1 73  ? 19.651  4.279   -0.397  1.00 22.11 ? 73  GLU A CG  1 
ATOM   559  C CD  . GLU A 1 73  ? 20.706  3.177   -0.412  1.00 24.09 ? 73  GLU A CD  1 
ATOM   560  O OE1 . GLU A 1 73  ? 20.514  2.162   0.274   1.00 21.52 ? 73  GLU A OE1 1 
ATOM   561  O OE2 . GLU A 1 73  ? 21.744  3.342   -1.109  1.00 27.85 ? 73  GLU A OE2 1 
ATOM   562  N N   . ALA A 1 74  ? 15.460  4.098   1.569   1.00 18.56 ? 74  ALA A N   1 
ATOM   563  C CA  . ALA A 1 74  ? 14.084  3.665   1.766   1.00 15.47 ? 74  ALA A CA  1 
ATOM   564  C C   . ALA A 1 74  ? 13.145  4.851   1.484   1.00 18.25 ? 74  ALA A C   1 
ATOM   565  O O   . ALA A 1 74  ? 12.073  4.700   0.864   1.00 15.88 ? 74  ALA A O   1 
ATOM   566  C CB  . ALA A 1 74  ? 13.876  3.197   3.202   1.00 17.23 ? 74  ALA A CB  1 
ATOM   567  N N   . GLU A 1 75  ? 13.523  6.037   1.976   1.00 17.10 ? 75  GLU A N   1 
ATOM   568  C CA  . GLU A 1 75  ? 12.667  7.222   1.746   1.00 16.36 ? 75  GLU A CA  1 
ATOM   569  C C   . GLU A 1 75  ? 12.621  7.618   0.273   1.00 17.60 ? 75  GLU A C   1 
ATOM   570  O O   . GLU A 1 75  ? 11.608  8.144   -0.203  1.00 19.25 ? 75  GLU A O   1 
ATOM   571  C CB  . GLU A 1 75  ? 13.134  8.404   2.622   1.00 15.74 ? 75  GLU A CB  1 
ATOM   572  C CG  . GLU A 1 75  ? 12.950  8.028   4.093   1.00 20.01 ? 75  GLU A CG  1 
ATOM   573  C CD  . GLU A 1 75  ? 13.365  9.108   5.068   1.00 30.40 ? 75  GLU A CD  1 
ATOM   574  O OE1 . GLU A 1 75  ? 14.201  9.960   4.698   1.00 31.03 ? 75  GLU A OE1 1 
ATOM   575  O OE2 . GLU A 1 75  ? 12.857  9.073   6.218   1.00 28.77 ? 75  GLU A OE2 1 
ATOM   576  N N   . LYS A 1 76  ? 13.710  7.374   -0.455  1.00 19.79 ? 76  LYS A N   1 
ATOM   577  C CA  . LYS A 1 76  ? 13.733  7.691   -1.887  1.00 22.68 ? 76  LYS A CA  1 
ATOM   578  C C   . LYS A 1 76  ? 12.761  6.743   -2.592  1.00 19.54 ? 76  LYS A C   1 
ATOM   579  O O   . LYS A 1 76  ? 11.945  7.192   -3.396  1.00 19.52 ? 76  LYS A O   1 
ATOM   580  C CB  . LYS A 1 76  ? 15.131  7.492   -2.489  1.00 18.92 ? 76  LYS A CB  1 
ATOM   581  C CG  . LYS A 1 76  ? 15.182  7.856   -3.967  1.00 32.00 ? 76  LYS A CG  1 
ATOM   582  C CD  . LYS A 1 76  ? 16.603  7.853   -4.492  1.00 36.16 ? 76  LYS A CD  1 
ATOM   583  C CE  . LYS A 1 76  ? 17.022  9.247   -4.887  1.00 43.10 ? 76  LYS A CE  1 
ATOM   584  N NZ  . LYS A 1 76  ? 16.360  9.718   -6.151  1.00 44.35 ? 76  LYS A NZ  1 
ATOM   585  N N   . LEU A 1 77  ? 12.843  5.433   -2.304  1.00 14.01 ? 77  LEU A N   1 
ATOM   586  C CA  . LEU A 1 77  ? 11.895  4.507   -2.942  1.00 15.20 ? 77  LEU A CA  1 
ATOM   587  C C   . LEU A 1 77  ? 10.445  4.898   -2.568  1.00 18.10 ? 77  LEU A C   1 
ATOM   588  O O   . LEU A 1 77  ? 9.513   4.817   -3.375  1.00 17.20 ? 77  LEU A O   1 
ATOM   589  C CB  . LEU A 1 77  ? 12.155  3.068   -2.468  1.00 17.82 ? 77  LEU A CB  1 
ATOM   590  C CG  . LEU A 1 77  ? 13.495  2.452   -2.918  1.00 17.75 ? 77  LEU A CG  1 
ATOM   591  C CD1 . LEU A 1 77  ? 13.529  1.002   -2.452  1.00 22.24 ? 77  LEU A CD1 1 
ATOM   592  C CD2 . LEU A 1 77  ? 13.646  2.485   -4.446  1.00 23.28 ? 77  LEU A CD2 1 
ATOM   593  N N   . PHE A 1 78  ? 10.268  5.330   -1.326  1.00 17.26 ? 78  PHE A N   1 
ATOM   594  C CA  . PHE A 1 78  ? 8.944   5.702   -0.829  1.00 13.45 ? 78  PHE A CA  1 
ATOM   595  C C   . PHE A 1 78  ? 8.373   6.893   -1.605  1.00 17.09 ? 78  PHE A C   1 
ATOM   596  O O   . PHE A 1 78  ? 7.234   6.865   -2.037  1.00 17.70 ? 78  PHE A O   1 
ATOM   597  C CB  . PHE A 1 78  ? 9.070   6.018   0.680   1.00 18.29 ? 78  PHE A CB  1 
ATOM   598  C CG  . PHE A 1 78  ? 7.744   6.305   1.391   1.00 23.10 ? 78  PHE A CG  1 
ATOM   599  C CD1 . PHE A 1 78  ? 6.582   5.607   1.061   1.00 17.93 ? 78  PHE A CD1 1 
ATOM   600  C CD2 . PHE A 1 78  ? 7.697   7.234   2.452   1.00 22.14 ? 78  PHE A CD2 1 
ATOM   601  C CE1 . PHE A 1 78  ? 5.385   5.818   1.776   1.00 23.57 ? 78  PHE A CE1 1 
ATOM   602  C CE2 . PHE A 1 78  ? 6.492   7.452   3.177   1.00 20.66 ? 78  PHE A CE2 1 
ATOM   603  C CZ  . PHE A 1 78  ? 5.346   6.731   2.826   1.00 19.43 ? 78  PHE A CZ  1 
ATOM   604  N N   . ASN A 1 79  ? 9.177   7.935   -1.790  1.00 18.95 ? 79  ASN A N   1 
ATOM   605  C CA  . ASN A 1 79  ? 8.714   9.108   -2.543  1.00 20.86 ? 79  ASN A CA  1 
ATOM   606  C C   . ASN A 1 79  ? 8.285   8.674   -3.961  1.00 21.75 ? 79  ASN A C   1 
ATOM   607  O O   . ASN A 1 79  ? 7.251   9.096   -4.467  1.00 16.63 ? 79  ASN A O   1 
ATOM   608  C CB  . ASN A 1 79  ? 9.847   10.157  -2.626  1.00 22.31 ? 79  ASN A CB  1 
ATOM   609  C CG  . ASN A 1 79  ? 10.056  10.906  -1.307  1.00 37.81 ? 79  ASN A CG  1 
ATOM   610  O OD1 . ASN A 1 79  ? 11.171  11.366  -0.999  1.00 34.25 ? 79  ASN A OD1 1 
ATOM   611  N ND2 . ASN A 1 79  ? 8.983   11.042  -0.527  1.00 37.90 ? 79  ASN A ND2 1 
ATOM   612  N N   . GLN A 1 80  ? 9.105   7.848   -4.608  1.00 14.78 ? 80  GLN A N   1 
ATOM   613  C CA  . GLN A 1 80  ? 8.775   7.363   -5.945  1.00 16.67 ? 80  GLN A CA  1 
ATOM   614  C C   . GLN A 1 80  ? 7.472   6.582   -5.934  1.00 22.69 ? 80  GLN A C   1 
ATOM   615  O O   . GLN A 1 80  ? 6.605   6.759   -6.803  1.00 17.21 ? 80  GLN A O   1 
ATOM   616  C CB  . GLN A 1 80  ? 9.899   6.446   -6.461  1.00 16.33 ? 80  GLN A CB  1 
ATOM   617  C CG  . GLN A 1 80  ? 11.162  7.232   -6.679  1.00 15.37 ? 80  GLN A CG  1 
ATOM   618  C CD  . GLN A 1 80  ? 12.315  6.377   -7.162  1.00 22.45 ? 80  GLN A CD  1 
ATOM   619  O OE1 . GLN A 1 80  ? 12.285  5.130   -7.087  1.00 22.80 ? 80  GLN A OE1 1 
ATOM   620  N NE2 . GLN A 1 80  ? 13.338  7.043   -7.660  1.00 16.79 ? 80  GLN A NE2 1 
ATOM   621  N N   . ASP A 1 81  ? 7.334   5.710   -4.944  1.00 17.16 ? 81  ASP A N   1 
ATOM   622  C CA  . ASP A 1 81  ? 6.139   4.861   -4.847  1.00 15.68 ? 81  ASP A CA  1 
ATOM   623  C C   . ASP A 1 81  ? 4.855   5.641   -4.547  1.00 14.97 ? 81  ASP A C   1 
ATOM   624  O O   . ASP A 1 81  ? 3.781   5.298   -5.057  1.00 19.59 ? 81  ASP A O   1 
ATOM   625  C CB  . ASP A 1 81  ? 6.331   3.768   -3.777  1.00 17.93 ? 81  ASP A CB  1 
ATOM   626  C CG  . ASP A 1 81  ? 7.395   2.740   -4.162  1.00 19.81 ? 81  ASP A CG  1 
ATOM   627  O OD1 . ASP A 1 81  ? 7.822   2.722   -5.327  1.00 15.63 ? 81  ASP A OD1 1 
ATOM   628  O OD2 . ASP A 1 81  ? 7.807   1.951   -3.288  1.00 21.42 ? 81  ASP A OD2 1 
ATOM   629  N N   . VAL A 1 82  ? 4.943   6.672   -3.718  1.00 16.62 ? 82  VAL A N   1 
ATOM   630  C CA  . VAL A 1 82  ? 3.735   7.465   -3.424  1.00 15.72 ? 82  VAL A CA  1 
ATOM   631  C C   . VAL A 1 82  ? 3.365   8.184   -4.718  1.00 19.40 ? 82  VAL A C   1 
ATOM   632  O O   . VAL A 1 82  ? 2.199   8.164   -5.142  1.00 18.57 ? 82  VAL A O   1 
ATOM   633  C CB  . VAL A 1 82  ? 4.008   8.507   -2.275  1.00 16.37 ? 82  VAL A CB  1 
ATOM   634  C CG1 . VAL A 1 82  ? 2.779   9.443   -2.066  1.00 18.70 ? 82  VAL A CG1 1 
ATOM   635  C CG2 . VAL A 1 82  ? 4.289   7.748   -0.951  1.00 19.51 ? 82  VAL A CG2 1 
ATOM   636  N N   . ASP A 1 83  ? 4.363   8.789   -5.370  1.00 17.43 ? 83  ASP A N   1 
ATOM   637  C CA  . ASP A 1 83  ? 4.075   9.521   -6.615  1.00 19.50 ? 83  ASP A CA  1 
ATOM   638  C C   . ASP A 1 83  ? 3.427   8.615   -7.648  1.00 18.29 ? 83  ASP A C   1 
ATOM   639  O O   . ASP A 1 83  ? 2.474   8.985   -8.343  1.00 21.08 ? 83  ASP A O   1 
ATOM   640  C CB  . ASP A 1 83  ? 5.363   10.119  -7.194  1.00 25.04 ? 83  ASP A CB  1 
ATOM   641  C CG  . ASP A 1 83  ? 5.077   10.980  -8.425  1.00 34.47 ? 83  ASP A CG  1 
ATOM   642  O OD1 . ASP A 1 83  ? 4.640   12.119  -8.241  1.00 40.61 ? 83  ASP A OD1 1 
ATOM   643  O OD2 . ASP A 1 83  ? 5.249   10.507  -9.559  1.00 46.83 ? 83  ASP A OD2 1 
ATOM   644  N N   . ALA A 1 84  ? 3.943   7.403   -7.743  1.00 20.28 ? 84  ALA A N   1 
ATOM   645  C CA  . ALA A 1 84  ? 3.422   6.418   -8.668  1.00 20.59 ? 84  ALA A CA  1 
ATOM   646  C C   . ALA A 1 84  ? 1.980   6.046   -8.351  1.00 20.73 ? 84  ALA A C   1 
ATOM   647  O O   . ALA A 1 84  ? 1.148   5.858   -9.272  1.00 22.54 ? 84  ALA A O   1 
ATOM   648  C CB  . ALA A 1 84  ? 4.309   5.162   -8.628  1.00 25.43 ? 84  ALA A CB  1 
ATOM   649  N N   . ALA A 1 85  ? 1.674   5.923   -7.066  1.00 17.80 ? 85  ALA A N   1 
ATOM   650  C CA  . ALA A 1 85  ? 0.318   5.568   -6.629  1.00 18.11 ? 85  ALA A CA  1 
ATOM   651  C C   . ALA A 1 85  ? -0.671  6.670   -7.053  1.00 18.81 ? 85  ALA A C   1 
ATOM   652  O O   . ALA A 1 85  ? -1.736  6.369   -7.596  1.00 21.50 ? 85  ALA A O   1 
ATOM   653  C CB  . ALA A 1 85  ? 0.277   5.396   -5.111  1.00 19.50 ? 85  ALA A CB  1 
ATOM   654  N N   . VAL A 1 86  ? -0.311  7.929   -6.803  1.00 18.65 ? 86  VAL A N   1 
ATOM   655  C CA  . VAL A 1 86  ? -1.179  9.071   -7.154  1.00 19.62 ? 86  VAL A CA  1 
ATOM   656  C C   . VAL A 1 86  ? -1.315  9.147   -8.675  1.00 17.80 ? 86  VAL A C   1 
ATOM   657  O O   . VAL A 1 86  ? -2.420  9.298   -9.224  1.00 20.65 ? 86  VAL A O   1 
ATOM   658  C CB  . VAL A 1 86  ? -0.578  10.395  -6.654  1.00 22.12 ? 86  VAL A CB  1 
ATOM   659  C CG1 . VAL A 1 86  ? -1.436  11.604  -7.162  1.00 25.48 ? 86  VAL A CG1 1 
ATOM   660  C CG2 . VAL A 1 86  ? -0.496  10.375  -5.138  1.00 20.23 ? 86  VAL A CG2 1 
ATOM   661  N N   . ARG A 1 87  ? -0.175  9.042   -9.350  1.00 19.59 ? 87  ARG A N   1 
ATOM   662  C CA  . ARG A 1 87  ? -0.145  9.065   -10.823 1.00 28.29 ? 87  ARG A CA  1 
ATOM   663  C C   . ARG A 1 87  ? -1.099  7.999   -11.373 1.00 27.36 ? 87  ARG A C   1 
ATOM   664  O O   . ARG A 1 87  ? -1.872  8.256   -12.295 1.00 26.92 ? 87  ARG A O   1 
ATOM   665  C CB  . ARG A 1 87  ? 1.308   8.827   -11.319 1.00 30.26 ? 87  ARG A CB  1 
ATOM   666  C CG  . ARG A 1 87  ? 1.456   8.404   -12.817 1.00 51.49 ? 87  ARG A CG  1 
ATOM   667  C CD  . ARG A 1 87  ? 2.956   8.223   -13.289 1.00 50.70 ? 87  ARG A CD  1 
ATOM   668  N NE  . ARG A 1 87  ? 3.062   7.740   -14.680 1.00 57.29 ? 87  ARG A NE  1 
ATOM   669  C CZ  . ARG A 1 87  ? 4.191   7.673   -15.402 1.00 56.36 ? 87  ARG A CZ  1 
ATOM   670  N NH1 . ARG A 1 87  ? 5.354   8.063   -14.889 1.00 57.32 ? 87  ARG A NH1 1 
ATOM   671  N NH2 . ARG A 1 87  ? 4.155   7.205   -16.651 1.00 54.32 ? 87  ARG A NH2 1 
ATOM   672  N N   . GLY A 1 88  ? -1.068  6.808   -10.791 1.00 21.71 ? 88  GLY A N   1 
ATOM   673  C CA  . GLY A 1 88  ? -1.950  5.739   -11.238 1.00 23.86 ? 88  GLY A CA  1 
ATOM   674  C C   . GLY A 1 88  ? -3.431  6.042   -11.059 1.00 30.08 ? 88  GLY A C   1 
ATOM   675  O O   . GLY A 1 88  ? -4.266  5.769   -11.942 1.00 24.53 ? 88  GLY A O   1 
ATOM   676  N N   . ILE A 1 89  ? -3.776  6.589   -9.897  1.00 17.05 ? 89  ILE A N   1 
ATOM   677  C CA  . ILE A 1 89  ? -5.150  6.954   -9.645  1.00 14.83 ? 89  ILE A CA  1 
ATOM   678  C C   . ILE A 1 89  ? -5.600  7.904   -10.761 1.00 17.88 ? 89  ILE A C   1 
ATOM   679  O O   . ILE A 1 89  ? -6.651  7.717   -11.361 1.00 19.45 ? 89  ILE A O   1 
ATOM   680  C CB  . ILE A 1 89  ? -5.275  7.674   -8.260  1.00 15.73 ? 89  ILE A CB  1 
ATOM   681  C CG1 . ILE A 1 89  ? -5.121  6.624   -7.139  1.00 22.01 ? 89  ILE A CG1 1 
ATOM   682  C CG2 . ILE A 1 89  ? -6.590  8.444   -8.173  1.00 18.75 ? 89  ILE A CG2 1 
ATOM   683  C CD1 . ILE A 1 89  ? -5.066  7.205   -5.722  1.00 20.87 ? 89  ILE A CD1 1 
ATOM   684  N N   . LEU A 1 90  ? -4.792  8.918   -11.024 1.00 21.19 ? 90  LEU A N   1 
ATOM   685  C CA  . LEU A 1 90  ? -5.162  9.928   -12.024 1.00 24.59 ? 90  LEU A CA  1 
ATOM   686  C C   . LEU A 1 90  ? -5.335  9.386   -13.438 1.00 29.02 ? 90  LEU A C   1 
ATOM   687  O O   . LEU A 1 90  ? -6.123  9.924   -14.228 1.00 27.74 ? 90  LEU A O   1 
ATOM   688  C CB  . LEU A 1 90  ? -4.147  11.069  -12.002 1.00 22.31 ? 90  LEU A CB  1 
ATOM   689  C CG  . LEU A 1 90  ? -4.145  11.843  -10.678 1.00 24.21 ? 90  LEU A CG  1 
ATOM   690  C CD1 . LEU A 1 90  ? -3.082  12.959  -10.719 1.00 34.92 ? 90  LEU A CD1 1 
ATOM   691  C CD2 . LEU A 1 90  ? -5.505  12.422  -10.418 1.00 30.56 ? 90  LEU A CD2 1 
ATOM   692  N N   . ARG A 1 91  ? -4.621  8.310   -13.749 1.00 23.92 ? 91  ARG A N   1 
ATOM   693  C CA  . ARG A 1 91  ? -4.702  7.709   -15.064 1.00 28.13 ? 91  ARG A CA  1 
ATOM   694  C C   . ARG A 1 91  ? -5.773  6.635   -15.159 1.00 32.03 ? 91  ARG A C   1 
ATOM   695  O O   . ARG A 1 91  ? -6.047  6.134   -16.245 1.00 30.31 ? 91  ARG A O   1 
ATOM   696  C CB  . ARG A 1 91  ? -3.346  7.096   -15.446 1.00 25.73 ? 91  ARG A CB  1 
ATOM   697  C CG  . ARG A 1 91  ? -3.077  5.731   -14.817 1.00 39.21 ? 91  ARG A CG  1 
ATOM   698  C CD  . ARG A 1 91  ? -1.834  5.067   -15.441 1.00 45.19 ? 91  ARG A CD  1 
ATOM   699  N NE  . ARG A 1 91  ? -1.433  3.853   -14.744 1.00 45.13 ? 91  ARG A NE  1 
ATOM   700  C CZ  . ARG A 1 91  ? -0.260  3.253   -14.927 1.00 56.91 ? 91  ARG A CZ  1 
ATOM   701  N NH1 . ARG A 1 91  ? 0.613   3.765   -15.794 1.00 57.96 ? 91  ARG A NH1 1 
ATOM   702  N NH2 . ARG A 1 91  ? 0.051   2.157   -14.235 1.00 52.66 ? 91  ARG A NH2 1 
ATOM   703  N N   . ASN A 1 92  ? -6.396  6.285   -14.037 1.00 23.36 ? 92  ASN A N   1 
ATOM   704  C CA  . ASN A 1 92  ? -7.397  5.222   -14.056 1.00 29.53 ? 92  ASN A CA  1 
ATOM   705  C C   . ASN A 1 92  ? -8.801  5.771   -14.149 1.00 28.31 ? 92  ASN A C   1 
ATOM   706  O O   . ASN A 1 92  ? -9.227  6.531   -13.289 1.00 24.07 ? 92  ASN A O   1 
ATOM   707  C CB  . ASN A 1 92  ? -7.238  4.332   -12.817 1.00 20.91 ? 92  ASN A CB  1 
ATOM   708  C CG  . ASN A 1 92  ? -8.226  3.207   -12.799 1.00 23.99 ? 92  ASN A CG  1 
ATOM   709  O OD1 . ASN A 1 92  ? -9.391  3.418   -12.547 1.00 22.15 ? 92  ASN A OD1 1 
ATOM   710  N ND2 . ASN A 1 92  ? -7.757  1.992   -13.063 1.00 28.60 ? 92  ASN A ND2 1 
ATOM   711  N N   . ALA A 1 93  ? -9.530  5.356   -15.186 1.00 23.26 ? 93  ALA A N   1 
ATOM   712  C CA  . ALA A 1 93  ? -10.878 5.875   -15.441 1.00 23.23 ? 93  ALA A CA  1 
ATOM   713  C C   . ALA A 1 93  ? -11.884 5.698   -14.320 1.00 27.39 ? 93  ALA A C   1 
ATOM   714  O O   . ALA A 1 93  ? -12.863 6.454   -14.225 1.00 21.58 ? 93  ALA A O   1 
ATOM   715  C CB  . ALA A 1 93  ? -11.439 5.254   -16.736 1.00 29.23 ? 93  ALA A CB  1 
ATOM   716  N N   . LYS A 1 94  ? -11.667 4.702   -13.476 1.00 25.03 ? 94  LYS A N   1 
ATOM   717  C CA  . LYS A 1 94  ? -12.589 4.471   -12.378 1.00 26.06 ? 94  LYS A CA  1 
ATOM   718  C C   . LYS A 1 94  ? -12.201 5.186   -11.102 1.00 24.85 ? 94  LYS A C   1 
ATOM   719  O O   . LYS A 1 94  ? -13.069 5.645   -10.337 1.00 26.44 ? 94  LYS A O   1 
ATOM   720  C CB  . LYS A 1 94  ? -12.685 2.987   -12.079 1.00 31.27 ? 94  LYS A CB  1 
ATOM   721  C CG  . LYS A 1 94  ? -13.342 2.186   -13.176 1.00 38.87 ? 94  LYS A CG  1 
ATOM   722  C CD  . LYS A 1 94  ? -13.194 0.711   -12.881 1.00 40.50 ? 94  LYS A CD  1 
ATOM   723  C CE  . LYS A 1 94  ? -14.026 -0.126  -13.841 1.00 48.88 ? 94  LYS A CE  1 
ATOM   724  N NZ  . LYS A 1 94  ? -13.865 -1.594  -13.559 1.00 54.04 ? 94  LYS A NZ  1 
ATOM   725  N N   . LEU A 1 95  ? -10.902 5.272   -10.849 1.00 19.29 ? 95  LEU A N   1 
ATOM   726  C CA  . LEU A 1 95  ? -10.454 5.915   -9.623  1.00 18.75 ? 95  LEU A CA  1 
ATOM   727  C C   . LEU A 1 95  ? -10.399 7.434   -9.707  1.00 19.95 ? 95  LEU A C   1 
ATOM   728  O O   . LEU A 1 95  ? -10.658 8.124   -8.715  1.00 19.02 ? 95  LEU A O   1 
ATOM   729  C CB  . LEU A 1 95  ? -9.064  5.391   -9.233  1.00 14.91 ? 95  LEU A CB  1 
ATOM   730  C CG  . LEU A 1 95  ? -8.961  3.864   -9.053  1.00 20.26 ? 95  LEU A CG  1 
ATOM   731  C CD1 . LEU A 1 95  ? -7.511  3.489   -8.739  1.00 18.11 ? 95  LEU A CD1 1 
ATOM   732  C CD2 . LEU A 1 95  ? -9.841  3.398   -7.916  1.00 23.28 ? 95  LEU A CD2 1 
ATOM   733  N N   . LYS A 1 96  ? -10.052 7.979   -10.872 1.00 16.24 ? 96  LYS A N   1 
ATOM   734  C CA  . LYS A 1 96  ? -9.923  9.432   -10.936 1.00 16.79 ? 96  LYS A CA  1 
ATOM   735  C C   . LYS A 1 96  ? -11.171 10.209  -10.517 1.00 17.46 ? 96  LYS A C   1 
ATOM   736  O O   . LYS A 1 96  ? -11.073 11.146  -9.721  1.00 18.15 ? 96  LYS A O   1 
ATOM   737  C CB  . LYS A 1 96  ? -9.487  9.894   -12.334 1.00 20.95 ? 96  LYS A CB  1 
ATOM   738  C CG  . LYS A 1 96  ? -9.394  11.421  -12.386 1.00 22.17 ? 96  LYS A CG  1 
ATOM   739  C CD  . LYS A 1 96  ? -8.969  11.972  -13.732 1.00 35.26 ? 96  LYS A CD  1 
ATOM   740  C CE  . LYS A 1 96  ? -8.773  13.494  -13.624 1.00 34.57 ? 96  LYS A CE  1 
ATOM   741  N NZ  . LYS A 1 96  ? -8.407  14.085  -14.935 1.00 49.08 ? 96  LYS A NZ  1 
ATOM   742  N N   . PRO A 1 97  ? -12.361 9.839   -11.042 1.00 20.26 ? 97  PRO A N   1 
ATOM   743  C CA  . PRO A 1 97  ? -13.558 10.597  -10.638 1.00 21.57 ? 97  PRO A CA  1 
ATOM   744  C C   . PRO A 1 97  ? -13.817 10.527  -9.149  1.00 19.61 ? 97  PRO A C   1 
ATOM   745  O O   . PRO A 1 97  ? -14.260 11.488  -8.544  1.00 16.94 ? 97  PRO A O   1 
ATOM   746  C CB  . PRO A 1 97  ? -14.710 9.919   -11.395 1.00 24.92 ? 97  PRO A CB  1 
ATOM   747  C CG  . PRO A 1 97  ? -14.036 9.108   -12.472 1.00 27.37 ? 97  PRO A CG  1 
ATOM   748  C CD  . PRO A 1 97  ? -12.732 8.675   -11.885 1.00 20.63 ? 97  PRO A CD  1 
ATOM   749  N N   . VAL A 1 98  ? -13.577 9.367   -8.550  1.00 20.02 ? 98  VAL A N   1 
ATOM   750  C CA  . VAL A 1 98  ? -13.814 9.272   -7.104  1.00 20.62 ? 98  VAL A CA  1 
ATOM   751  C C   . VAL A 1 98  ? -12.803 10.175  -6.370  1.00 19.21 ? 98  VAL A C   1 
ATOM   752  O O   . VAL A 1 98  ? -13.160 10.971  -5.504  1.00 20.09 ? 98  VAL A O   1 
ATOM   753  C CB  . VAL A 1 98  ? -13.673 7.808   -6.639  1.00 23.64 ? 98  VAL A CB  1 
ATOM   754  C CG1 . VAL A 1 98  ? -13.837 7.699   -5.111  1.00 22.42 ? 98  VAL A CG1 1 
ATOM   755  C CG2 . VAL A 1 98  ? -14.704 6.962   -7.360  1.00 25.29 ? 98  VAL A CG2 1 
ATOM   756  N N   . TYR A 1 99  ? -11.535 10.022  -6.720  1.00 18.79 ? 99  TYR A N   1 
ATOM   757  C CA  . TYR A 1 99  ? -10.465 10.812  -6.146  1.00 20.81 ? 99  TYR A CA  1 
ATOM   758  C C   . TYR A 1 99  ? -10.785 12.291  -6.270  1.00 22.16 ? 99  TYR A C   1 
ATOM   759  O O   . TYR A 1 99  ? -10.658 13.032  -5.319  1.00 20.79 ? 99  TYR A O   1 
ATOM   760  C CB  . TYR A 1 99  ? -9.152  10.563  -6.909  1.00 19.86 ? 99  TYR A CB  1 
ATOM   761  C CG  . TYR A 1 99  ? -7.953  11.241  -6.294  1.00 23.06 ? 99  TYR A CG  1 
ATOM   762  C CD1 . TYR A 1 99  ? -7.297  10.675  -5.191  1.00 24.54 ? 99  TYR A CD1 1 
ATOM   763  C CD2 . TYR A 1 99  ? -7.434  12.410  -6.836  1.00 25.38 ? 99  TYR A CD2 1 
ATOM   764  C CE1 . TYR A 1 99  ? -6.146  11.271  -4.658  1.00 22.42 ? 99  TYR A CE1 1 
ATOM   765  C CE2 . TYR A 1 99  ? -6.283  13.008  -6.310  1.00 30.76 ? 99  TYR A CE2 1 
ATOM   766  C CZ  . TYR A 1 99  ? -5.646  12.425  -5.222  1.00 27.57 ? 99  TYR A CZ  1 
ATOM   767  O OH  . TYR A 1 99  ? -4.494  12.986  -4.727  1.00 28.57 ? 99  TYR A OH  1 
ATOM   768  N N   . ASP A 1 100 ? -11.160 12.736  -7.463  1.00 21.05 ? 100 ASP A N   1 
ATOM   769  C CA  . ASP A 1 100 ? -11.444 14.167  -7.630  1.00 19.92 ? 100 ASP A CA  1 
ATOM   770  C C   . ASP A 1 100 ? -12.632 14.619  -6.804  1.00 23.12 ? 100 ASP A C   1 
ATOM   771  O O   . ASP A 1 100 ? -12.724 15.800  -6.414  1.00 23.77 ? 100 ASP A O   1 
ATOM   772  C CB  . ASP A 1 100 ? -11.687 14.515  -9.101  1.00 18.28 ? 100 ASP A CB  1 
ATOM   773  C CG  . ASP A 1 100 ? -10.402 14.519  -9.901  1.00 29.39 ? 100 ASP A CG  1 
ATOM   774  O OD1 . ASP A 1 100 ? -9.313  14.600  -9.279  1.00 28.03 ? 100 ASP A OD1 1 
ATOM   775  O OD2 . ASP A 1 100 ? -10.485 14.453  -11.137 1.00 35.00 ? 100 ASP A OD2 1 
ATOM   776  N N   . SER A 1 101 ? -13.543 13.696  -6.519  1.00 20.49 ? 101 SER A N   1 
ATOM   777  C CA  . SER A 1 101 ? -14.728 14.079  -5.740  1.00 22.82 ? 101 SER A CA  1 
ATOM   778  C C   . SER A 1 101 ? -14.447 14.232  -4.247  1.00 25.90 ? 101 SER A C   1 
ATOM   779  O O   . SER A 1 101 ? -15.227 14.901  -3.528  1.00 24.09 ? 101 SER A O   1 
ATOM   780  C CB  . SER A 1 101 ? -15.841 13.039  -5.905  1.00 19.42 ? 101 SER A CB  1 
ATOM   781  O OG  . SER A 1 101 ? -15.558 11.909  -5.078  1.00 18.38 ? 101 SER A OG  1 
ATOM   782  N N   . LEU A 1 102 ? -13.345 13.627  -3.775  1.00 18.10 ? 102 LEU A N   1 
ATOM   783  C CA  . LEU A 1 102 ? -13.025 13.622  -2.335  1.00 13.45 ? 102 LEU A CA  1 
ATOM   784  C C   . LEU A 1 102 ? -12.247 14.803  -1.784  1.00 17.11 ? 102 LEU A C   1 
ATOM   785  O O   . LEU A 1 102 ? -11.530 15.477  -2.508  1.00 20.29 ? 102 LEU A O   1 
ATOM   786  C CB  . LEU A 1 102 ? -12.231 12.353  -1.974  1.00 14.00 ? 102 LEU A CB  1 
ATOM   787  C CG  . LEU A 1 102 ? -12.854 10.985  -2.316  1.00 16.06 ? 102 LEU A CG  1 
ATOM   788  C CD1 . LEU A 1 102 ? -11.797 9.868   -2.197  1.00 15.78 ? 102 LEU A CD1 1 
ATOM   789  C CD2 . LEU A 1 102 ? -13.977 10.725  -1.299  1.00 16.41 ? 102 LEU A CD2 1 
ATOM   790  N N   . ASP A 1 103 ? -12.387 15.027  -0.475  1.00 18.78 ? 103 ASP A N   1 
ATOM   791  C CA  . ASP A 1 103 ? -11.615 16.082  0.201   1.00 21.77 ? 103 ASP A CA  1 
ATOM   792  C C   . ASP A 1 103 ? -10.183 15.509  0.375   1.00 23.52 ? 103 ASP A C   1 
ATOM   793  O O   . ASP A 1 103 ? -9.952  14.312  0.172   1.00 19.14 ? 103 ASP A O   1 
ATOM   794  C CB  . ASP A 1 103 ? -12.193 16.349  1.568   1.00 17.43 ? 103 ASP A CB  1 
ATOM   795  C CG  . ASP A 1 103 ? -12.374 15.079  2.337   1.00 21.05 ? 103 ASP A CG  1 
ATOM   796  O OD1 . ASP A 1 103 ? -13.402 14.389  2.104   1.00 27.82 ? 103 ASP A OD1 1 
ATOM   797  O OD2 . ASP A 1 103 ? -11.476 14.756  3.131   1.00 20.45 ? 103 ASP A OD2 1 
ATOM   798  N N   . ALA A 1 104 ? -9.256  16.346  0.825   1.00 19.53 ? 104 ALA A N   1 
ATOM   799  C CA  . ALA A 1 104 ? -7.845  15.963  0.981   1.00 18.05 ? 104 ALA A CA  1 
ATOM   800  C C   . ALA A 1 104 ? -7.541  14.769  1.892   1.00 19.15 ? 104 ALA A C   1 
ATOM   801  O O   . ALA A 1 104 ? -6.645  13.959  1.584   1.00 18.56 ? 104 ALA A O   1 
ATOM   802  C CB  . ALA A 1 104 ? -7.017  17.191  1.451   1.00 21.95 ? 104 ALA A CB  1 
ATOM   803  N N   . VAL A 1 105 ? -8.259  14.667  3.004   1.00 18.66 ? 105 VAL A N   1 
ATOM   804  C CA  . VAL A 1 105 ? -8.025  13.587  3.929   1.00 19.38 ? 105 VAL A CA  1 
ATOM   805  C C   . VAL A 1 105 ? -8.527  12.289  3.322   1.00 19.39 ? 105 VAL A C   1 
ATOM   806  O O   . VAL A 1 105 ? -7.840  11.275  3.371   1.00 17.86 ? 105 VAL A O   1 
ATOM   807  C CB  . VAL A 1 105 ? -8.727  13.846  5.270   1.00 23.00 ? 105 VAL A CB  1 
ATOM   808  C CG1 . VAL A 1 105 ? -8.548  12.659  6.177   1.00 27.22 ? 105 VAL A CG1 1 
ATOM   809  C CG2 . VAL A 1 105 ? -8.135  15.091  5.915   1.00 20.64 ? 105 VAL A CG2 1 
ATOM   810  N N   . ARG A 1 106 ? -9.718  12.320  2.721   1.00 13.28 ? 106 ARG A N   1 
ATOM   811  C CA  . ARG A 1 106 ? -10.216 11.090  2.129   1.00 14.02 ? 106 ARG A CA  1 
ATOM   812  C C   . ARG A 1 106 ? -9.371  10.692  0.905   1.00 16.91 ? 106 ARG A C   1 
ATOM   813  O O   . ARG A 1 106 ? -9.212  9.497   0.609   1.00 18.45 ? 106 ARG A O   1 
ATOM   814  C CB  . ARG A 1 106 ? -11.704 11.244  1.795   1.00 11.46 ? 106 ARG A CB  1 
ATOM   815  C CG  . ARG A 1 106 ? -12.566 11.204  3.059   1.00 18.61 ? 106 ARG A CG  1 
ATOM   816  C CD  . ARG A 1 106 ? -14.062 11.219  2.748   1.00 15.89 ? 106 ARG A CD  1 
ATOM   817  N NE  . ARG A 1 106 ? -14.896 11.104  3.942   1.00 16.90 ? 106 ARG A NE  1 
ATOM   818  C CZ  . ARG A 1 106 ? -15.400 12.153  4.601   1.00 27.83 ? 106 ARG A CZ  1 
ATOM   819  N NH1 . ARG A 1 106 ? -15.145 13.389  4.181   1.00 19.16 ? 106 ARG A NH1 1 
ATOM   820  N NH2 . ARG A 1 106 ? -16.167 11.971  5.674   1.00 22.69 ? 106 ARG A NH2 1 
ATOM   821  N N   . ARG A 1 107 ? -8.799  11.676  0.209   1.00 16.74 ? 107 ARG A N   1 
ATOM   822  C CA  . ARG A 1 107 ? -7.931  11.368  -0.943  1.00 17.01 ? 107 ARG A CA  1 
ATOM   823  C C   . ARG A 1 107 ? -6.727  10.546  -0.457  1.00 17.45 ? 107 ARG A C   1 
ATOM   824  O O   . ARG A 1 107 ? -6.310  9.609   -1.125  1.00 15.46 ? 107 ARG A O   1 
ATOM   825  C CB  . ARG A 1 107 ? -7.421  12.647  -1.635  1.00 15.88 ? 107 ARG A CB  1 
ATOM   826  C CG  . ARG A 1 107 ? -8.480  13.280  -2.536  1.00 16.73 ? 107 ARG A CG  1 
ATOM   827  C CD  . ARG A 1 107 ? -7.963  14.538  -3.287  1.00 24.79 ? 107 ARG A CD  1 
ATOM   828  N NE  . ARG A 1 107 ? -9.036  15.113  -4.127  1.00 24.64 ? 107 ARG A NE  1 
ATOM   829  C CZ  . ARG A 1 107 ? -9.036  16.349  -4.626  1.00 31.67 ? 107 ARG A CZ  1 
ATOM   830  N NH1 . ARG A 1 107 ? -8.018  17.172  -4.392  1.00 33.01 ? 107 ARG A NH1 1 
ATOM   831  N NH2 . ARG A 1 107 ? -10.076 16.789  -5.333  1.00 27.58 ? 107 ARG A NH2 1 
ATOM   832  N N   . ALA A 1 108 ? -6.201  10.888  0.724   1.00 15.20 ? 108 ALA A N   1 
ATOM   833  C CA  . ALA A 1 108 ? -5.074  10.156  1.290   1.00 17.93 ? 108 ALA A CA  1 
ATOM   834  C C   . ALA A 1 108 ? -5.460  8.711   1.583   1.00 18.71 ? 108 ALA A C   1 
ATOM   835  O O   . ALA A 1 108 ? -4.654  7.787   1.404   1.00 17.07 ? 108 ALA A O   1 
ATOM   836  C CB  . ALA A 1 108 ? -4.613  10.821  2.560   1.00 14.23 ? 108 ALA A CB  1 
ATOM   837  N N   . ALA A 1 109 ? -6.678  8.513   2.073   1.00 17.22 ? 109 ALA A N   1 
ATOM   838  C CA  . ALA A 1 109 ? -7.146  7.177   2.353   1.00 17.30 ? 109 ALA A CA  1 
ATOM   839  C C   . ALA A 1 109 ? -7.163  6.369   1.056   1.00 18.76 ? 109 ALA A C   1 
ATOM   840  O O   . ALA A 1 109 ? -6.762  5.197   1.034   1.00 16.27 ? 109 ALA A O   1 
ATOM   841  C CB  . ALA A 1 109 ? -8.529  7.209   2.954   1.00 15.52 ? 109 ALA A CB  1 
ATOM   842  N N   . LEU A 1 110 ? -7.619  6.968   -0.036  1.00 16.71 ? 110 LEU A N   1 
ATOM   843  C CA  . LEU A 1 110 ? -7.642  6.200   -1.292  1.00 15.42 ? 110 LEU A CA  1 
ATOM   844  C C   . LEU A 1 110 ? -6.206  5.938   -1.790  1.00 15.27 ? 110 LEU A C   1 
ATOM   845  O O   . LEU A 1 110 ? -5.897  4.826   -2.308  1.00 18.50 ? 110 LEU A O   1 
ATOM   846  C CB  . LEU A 1 110 ? -8.448  6.947   -2.367  1.00 13.88 ? 110 LEU A CB  1 
ATOM   847  C CG  . LEU A 1 110 ? -8.686  6.249   -3.700  1.00 18.04 ? 110 LEU A CG  1 
ATOM   848  C CD1 . LEU A 1 110 ? -9.599  5.090   -3.494  1.00 18.95 ? 110 LEU A CD1 1 
ATOM   849  C CD2 . LEU A 1 110 ? -9.281  7.240   -4.703  1.00 18.52 ? 110 LEU A CD2 1 
ATOM   850  N N   . ILE A 1 111 ? -5.315  6.915   -1.637  1.00 15.34 ? 111 ILE A N   1 
ATOM   851  C CA  . ILE A 1 111 ? -3.931  6.685   -2.072  1.00 15.45 ? 111 ILE A CA  1 
ATOM   852  C C   . ILE A 1 111 ? -3.363  5.528   -1.253  1.00 17.83 ? 111 ILE A C   1 
ATOM   853  O O   . ILE A 1 111 ? -2.668  4.644   -1.778  1.00 18.47 ? 111 ILE A O   1 
ATOM   854  C CB  . ILE A 1 111 ? -3.056  7.913   -1.843  1.00 19.35 ? 111 ILE A CB  1 
ATOM   855  C CG1 . ILE A 1 111 ? -3.586  9.077   -2.697  1.00 16.75 ? 111 ILE A CG1 1 
ATOM   856  C CG2 . ILE A 1 111 ? -1.578  7.588   -2.204  1.00 21.54 ? 111 ILE A CG2 1 
ATOM   857  C CD1 . ILE A 1 111 ? -2.976  10.409  -2.311  1.00 19.85 ? 111 ILE A CD1 1 
ATOM   858  N N   . ASN A 1 112 ? -3.705  5.512   0.034   1.00 16.96 ? 112 ASN A N   1 
ATOM   859  C CA  . ASN A 1 112 ? -3.211  4.458   0.938   1.00 14.89 ? 112 ASN A CA  1 
ATOM   860  C C   . ASN A 1 112 ? -3.637  3.104   0.375   1.00 18.09 ? 112 ASN A C   1 
ATOM   861  O O   . ASN A 1 112 ? -2.838  2.178   0.302   1.00 17.12 ? 112 ASN A O   1 
ATOM   862  C CB  . ASN A 1 112 ? -3.821  4.645   2.353   1.00 14.20 ? 112 ASN A CB  1 
ATOM   863  C CG  . ASN A 1 112 ? -3.181  3.758   3.418   1.00 16.32 ? 112 ASN A CG  1 
ATOM   864  O OD1 . ASN A 1 112 ? -3.105  2.543   3.281   1.00 16.17 ? 112 ASN A OD1 1 
ATOM   865  N ND2 . ASN A 1 112 ? -2.741  4.380   4.520   1.00 16.38 ? 112 ASN A ND2 1 
ATOM   866  N N   . MET A 1 113 ? -4.904  2.973   0.011   1.00 16.03 ? 113 MET A N   1 
ATOM   867  C CA  . MET A 1 113 ? -5.361  1.700   -0.508  1.00 15.52 ? 113 MET A CA  1 
ATOM   868  C C   . MET A 1 113 ? -4.614  1.321   -1.773  1.00 16.37 ? 113 MET A C   1 
ATOM   869  O O   . MET A 1 113 ? -4.223  0.184   -1.931  1.00 19.51 ? 113 MET A O   1 
ATOM   870  C CB  . MET A 1 113 ? -6.853  1.731   -0.835  1.00 14.27 ? 113 MET A CB  1 
ATOM   871  C CG  . MET A 1 113 ? -7.733  1.691   0.404   1.00 19.59 ? 113 MET A CG  1 
ATOM   872  S SD  . MET A 1 113 ? -9.480  1.662   -0.077  1.00 19.52 ? 113 MET A SD  1 
ATOM   873  C CE  . MET A 1 113 ? -9.743  -0.090  -0.515  1.00 16.80 ? 113 MET A CE  1 
ATOM   874  N N   . VAL A 1 114 ? -4.435  2.277   -2.676  1.00 16.80 ? 114 VAL A N   1 
ATOM   875  C CA  . VAL A 1 114 ? -3.762  1.986   -3.934  1.00 17.57 ? 114 VAL A CA  1 
ATOM   876  C C   . VAL A 1 114 ? -2.319  1.585   -3.704  1.00 22.58 ? 114 VAL A C   1 
ATOM   877  O O   . VAL A 1 114 ? -1.797  0.719   -4.393  1.00 21.10 ? 114 VAL A O   1 
ATOM   878  C CB  . VAL A 1 114 ? -3.834  3.191   -4.876  1.00 18.02 ? 114 VAL A CB  1 
ATOM   879  C CG1 . VAL A 1 114 ? -2.901  2.985   -6.054  1.00 22.02 ? 114 VAL A CG1 1 
ATOM   880  C CG2 . VAL A 1 114 ? -5.270  3.363   -5.374  1.00 19.82 ? 114 VAL A CG2 1 
ATOM   881  N N   . PHE A 1 115 ? -1.685  2.222   -2.727  1.00 17.87 ? 115 PHE A N   1 
ATOM   882  C CA  . PHE A 1 115 ? -0.300  1.919   -2.389  1.00 18.51 ? 115 PHE A CA  1 
ATOM   883  C C   . PHE A 1 115 ? -0.207  0.462   -1.923  1.00 22.39 ? 115 PHE A C   1 
ATOM   884  O O   . PHE A 1 115 ? 0.722   -0.270  -2.275  1.00 19.05 ? 115 PHE A O   1 
ATOM   885  C CB  . PHE A 1 115 ? 0.140   2.852   -1.271  1.00 16.92 ? 115 PHE A CB  1 
ATOM   886  C CG  . PHE A 1 115 ? 1.611   2.806   -0.975  1.00 21.03 ? 115 PHE A CG  1 
ATOM   887  C CD1 . PHE A 1 115 ? 2.137   1.823   -0.148  1.00 20.94 ? 115 PHE A CD1 1 
ATOM   888  C CD2 . PHE A 1 115 ? 2.460   3.746   -1.518  1.00 20.06 ? 115 PHE A CD2 1 
ATOM   889  C CE1 . PHE A 1 115 ? 3.496   1.790   0.127   1.00 21.45 ? 115 PHE A CE1 1 
ATOM   890  C CE2 . PHE A 1 115 ? 3.828   3.721   -1.250  1.00 22.04 ? 115 PHE A CE2 1 
ATOM   891  C CZ  . PHE A 1 115 ? 4.344   2.740   -0.424  1.00 20.48 ? 115 PHE A CZ  1 
ATOM   892  N N   . GLN A 1 116 ? -1.170  0.050   -1.106  1.00 14.73 ? 116 GLN A N   1 
ATOM   893  C CA  . GLN A 1 116 ? -1.159  -1.306  -0.589  1.00 23.99 ? 116 GLN A CA  1 
ATOM   894  C C   . GLN A 1 116 ? -1.541  -2.388  -1.580  1.00 26.63 ? 116 GLN A C   1 
ATOM   895  O O   . GLN A 1 116 ? -0.852  -3.403  -1.668  1.00 22.13 ? 116 GLN A O   1 
ATOM   896  C CB  . GLN A 1 116 ? -2.100  -1.433  0.618   1.00 19.48 ? 116 GLN A CB  1 
ATOM   897  C CG  . GLN A 1 116 ? -2.057  -2.818  1.286   1.00 20.98 ? 116 GLN A CG  1 
ATOM   898  C CD  . GLN A 1 116 ? -2.971  -2.943  2.486   1.00 21.70 ? 116 GLN A CD  1 
ATOM   899  O OE1 . GLN A 1 116 ? -3.661  -1.992  2.869   1.00 19.33 ? 116 GLN A OE1 1 
ATOM   900  N NE2 . GLN A 1 116 ? -2.983  -4.126  3.105   1.00 23.61 ? 116 GLN A NE2 1 
ATOM   901  N N   . MET A 1 117 ? -2.619  -2.164  -2.332  1.00 20.89 ? 117 MET A N   1 
ATOM   902  C CA  . MET A 1 117 ? -3.144  -3.201  -3.248  1.00 22.88 ? 117 MET A CA  1 
ATOM   903  C C   . MET A 1 117 ? -2.987  -2.954  -4.724  1.00 26.67 ? 117 MET A C   1 
ATOM   904  O O   . MET A 1 117 ? -3.398  -3.788  -5.517  1.00 33.94 ? 117 MET A O   1 
ATOM   905  C CB  . MET A 1 117 ? -4.653  -3.412  -2.991  1.00 27.50 ? 117 MET A CB  1 
ATOM   906  C CG  . MET A 1 117 ? -5.022  -3.788  -1.565  1.00 32.89 ? 117 MET A CG  1 
ATOM   907  S SD  . MET A 1 117 ? -6.823  -3.702  -1.280  1.00 39.34 ? 117 MET A SD  1 
ATOM   908  C CE  . MET A 1 117 ? -7.384  -3.125  -2.772  1.00 14.17 ? 117 MET A CE  1 
ATOM   909  N N   . GLY A 1 118 ? -2.427  -1.822  -5.108  1.00 23.80 ? 118 GLY A N   1 
ATOM   910  C CA  . GLY A 1 118 ? -2.304  -1.539  -6.524  1.00 26.04 ? 118 GLY A CA  1 
ATOM   911  C C   . GLY A 1 118 ? -3.598  -1.000  -7.115  1.00 27.87 ? 118 GLY A C   1 
ATOM   912  O O   . GLY A 1 118 ? -4.700  -1.308  -6.648  1.00 23.44 ? 118 GLY A O   1 
ATOM   913  N N   . GLU A 1 119 ? -3.428  -0.199  -8.161  1.00 25.50 ? 119 GLU A N   1 
ATOM   914  C CA  . GLU A 1 119 ? -4.501  0.445   -8.878  1.00 34.36 ? 119 GLU A CA  1 
ATOM   915  C C   . GLU A 1 119 ? -5.617  -0.473  -9.322  1.00 32.02 ? 119 GLU A C   1 
ATOM   916  O O   . GLU A 1 119 ? -6.782  -0.215  -9.023  1.00 31.81 ? 119 GLU A O   1 
ATOM   917  C CB  . GLU A 1 119 ? -3.909  1.194   -10.074 1.00 28.18 ? 119 GLU A CB  1 
ATOM   918  C CG  . GLU A 1 119 ? -4.901  1.618   -11.135 1.00 39.91 ? 119 GLU A CG  1 
ATOM   919  C CD  . GLU A 1 119 ? -4.202  2.209   -12.336 1.00 41.79 ? 119 GLU A CD  1 
ATOM   920  O OE1 . GLU A 1 119 ? -4.780  2.197   -13.452 1.00 39.41 ? 119 GLU A OE1 1 
ATOM   921  O OE2 . GLU A 1 119 ? -3.066  2.701   -12.154 1.00 50.45 ? 119 GLU A OE2 1 
ATOM   922  N N   . THR A 1 120 ? -5.301  -1.550  -10.031 1.00 32.06 ? 120 THR A N   1 
ATOM   923  C CA  . THR A 1 120 ? -6.399  -2.409  -10.496 1.00 35.47 ? 120 THR A CA  1 
ATOM   924  C C   . THR A 1 120 ? -7.162  -3.060  -9.350  1.00 35.17 ? 120 THR A C   1 
ATOM   925  O O   . THR A 1 120 ? -8.374  -3.276  -9.441  1.00 30.68 ? 120 THR A O   1 
ATOM   926  C CB  . THR A 1 120 ? -5.910  -3.488  -11.519 1.00 36.12 ? 120 THR A CB  1 
ATOM   927  O OG1 . THR A 1 120 ? -5.067  -4.437  -10.863 1.00 43.11 ? 120 THR A OG1 1 
ATOM   928  C CG2 . THR A 1 120 ? -5.124  -2.829  -12.632 1.00 26.99 ? 120 THR A CG2 1 
ATOM   929  N N   . GLY A 1 121 ? -6.463  -3.356  -8.258  1.00 30.97 ? 121 GLY A N   1 
ATOM   930  C CA  . GLY A 1 121 ? -7.118  -3.950  -7.112  1.00 28.05 ? 121 GLY A CA  1 
ATOM   931  C C   . GLY A 1 121 ? -8.177  -3.024  -6.507  1.00 28.20 ? 121 GLY A C   1 
ATOM   932  O O   . GLY A 1 121 ? -9.301  -3.436  -6.227  1.00 26.51 ? 121 GLY A O   1 
ATOM   933  N N   . VAL A 1 122 ? -7.815  -1.764  -6.312  1.00 23.26 ? 122 VAL A N   1 
ATOM   934  C CA  . VAL A 1 122 ? -8.746  -0.817  -5.723  1.00 21.03 ? 122 VAL A CA  1 
ATOM   935  C C   . VAL A 1 122 ? -9.876  -0.457  -6.701  1.00 25.52 ? 122 VAL A C   1 
ATOM   936  O O   . VAL A 1 122 ? -11.031 -0.279  -6.286  1.00 25.16 ? 122 VAL A O   1 
ATOM   937  C CB  . VAL A 1 122 ? -8.024  0.449   -5.293  1.00 22.02 ? 122 VAL A CB  1 
ATOM   938  C CG1 . VAL A 1 122 ? -9.046  1.471   -4.723  1.00 19.89 ? 122 VAL A CG1 1 
ATOM   939  C CG2 . VAL A 1 122 ? -6.961  0.087   -4.234  1.00 19.90 ? 122 VAL A CG2 1 
ATOM   940  N N   . ALA A 1 123 ? -9.546  -0.393  -7.988  1.00 22.45 ? 123 ALA A N   1 
ATOM   941  C CA  . ALA A 1 123 ? -10.550 -0.051  -9.015  1.00 24.38 ? 123 ALA A CA  1 
ATOM   942  C C   . ALA A 1 123 ? -11.618 -1.121  -9.016  1.00 27.23 ? 123 ALA A C   1 
ATOM   943  O O   . ALA A 1 123 ? -12.732 -0.913  -9.522  1.00 35.09 ? 123 ALA A O   1 
ATOM   944  C CB  . ALA A 1 123 ? -9.882  0.057   -10.411 1.00 24.75 ? 123 ALA A CB  1 
ATOM   945  N N   . GLY A 1 124 ? -11.286 -2.270  -8.430  1.00 27.45 ? 124 GLY A N   1 
ATOM   946  C CA  . GLY A 1 124 ? -12.247 -3.356  -8.345  1.00 28.11 ? 124 GLY A CA  1 
ATOM   947  C C   . GLY A 1 124 ? -13.308 -3.214  -7.253  1.00 35.39 ? 124 GLY A C   1 
ATOM   948  O O   . GLY A 1 124 ? -14.295 -3.963  -7.261  1.00 31.44 ? 124 GLY A O   1 
ATOM   949  N N   . PHE A 1 125 ? -13.116 -2.290  -6.301  1.00 23.79 ? 125 PHE A N   1 
ATOM   950  C CA  . PHE A 1 125 ? -14.114 -2.090  -5.227  1.00 24.73 ? 125 PHE A CA  1 
ATOM   951  C C   . PHE A 1 125 ? -15.197 -1.204  -5.821  1.00 25.65 ? 125 PHE A C   1 
ATOM   952  O O   . PHE A 1 125 ? -15.455 -0.113  -5.348  1.00 19.33 ? 125 PHE A O   1 
ATOM   953  C CB  . PHE A 1 125 ? -13.497 -1.369  -4.031  1.00 18.54 ? 125 PHE A CB  1 
ATOM   954  C CG  . PHE A 1 125 ? -12.684 -2.267  -3.137  1.00 27.18 ? 125 PHE A CG  1 
ATOM   955  C CD1 . PHE A 1 125 ? -11.548 -2.891  -3.610  1.00 28.14 ? 125 PHE A CD1 1 
ATOM   956  C CD2 . PHE A 1 125 ? -13.080 -2.497  -1.822  1.00 26.22 ? 125 PHE A CD2 1 
ATOM   957  C CE1 . PHE A 1 125 ? -10.800 -3.750  -2.778  1.00 24.43 ? 125 PHE A CE1 1 
ATOM   958  C CE2 . PHE A 1 125 ? -12.340 -3.355  -0.976  1.00 27.86 ? 125 PHE A CE2 1 
ATOM   959  C CZ  . PHE A 1 125 ? -11.205 -3.976  -1.463  1.00 27.20 ? 125 PHE A CZ  1 
ATOM   960  N N   . THR A 1 126 ? -15.845 -1.702  -6.856  1.00 24.23 ? 126 THR A N   1 
ATOM   961  C CA  . THR A 1 126 ? -16.841 -0.915  -7.548  1.00 26.29 ? 126 THR A CA  1 
ATOM   962  C C   . THR A 1 126 ? -17.937 -0.295  -6.716  1.00 29.29 ? 126 THR A C   1 
ATOM   963  O O   . THR A 1 126 ? -18.203 0.890   -6.863  1.00 24.39 ? 126 THR A O   1 
ATOM   964  C CB  . THR A 1 126 ? -17.442 -1.738  -8.673  1.00 27.25 ? 126 THR A CB  1 
ATOM   965  O OG1 . THR A 1 126 ? -16.374 -2.103  -9.551  1.00 33.74 ? 126 THR A OG1 1 
ATOM   966  C CG2 . THR A 1 126 ? -18.473 -0.930  -9.450  1.00 33.61 ? 126 THR A CG2 1 
ATOM   967  N N   . ASN A 1 127 ? -18.558 -1.078  -5.835  1.00 22.21 ? 127 ASN A N   1 
ATOM   968  C CA  . ASN A 1 127 ? -19.645 -0.584  -5.024  1.00 26.37 ? 127 ASN A CA  1 
ATOM   969  C C   . ASN A 1 127 ? -19.164 0.427   -3.967  1.00 23.44 ? 127 ASN A C   1 
ATOM   970  O O   . ASN A 1 127 ? -19.788 1.465   -3.768  1.00 21.07 ? 127 ASN A O   1 
ATOM   971  C CB  . ASN A 1 127 ? -20.384 -1.794  -4.440  1.00 27.21 ? 127 ASN A CB  1 
ATOM   972  C CG  . ASN A 1 127 ? -20.841 -2.753  -5.547  1.00 37.27 ? 127 ASN A CG  1 
ATOM   973  O OD1 . ASN A 1 127 ? -21.380 -2.305  -6.565  1.00 43.42 ? 127 ASN A OD1 1 
ATOM   974  N ND2 . ASN A 1 127 ? -20.618 -4.066  -5.365  1.00 32.64 ? 127 ASN A ND2 1 
ATOM   975  N N   . SER A 1 128 ? -18.036 0.160   -3.320  1.00 19.72 ? 128 SER A N   1 
ATOM   976  C CA  . SER A 1 128 ? -17.513 1.117   -2.327  1.00 18.57 ? 128 SER A CA  1 
ATOM   977  C C   . SER A 1 128 ? -17.152 2.441   -3.018  1.00 17.76 ? 128 SER A C   1 
ATOM   978  O O   . SER A 1 128 ? -17.443 3.514   -2.510  1.00 21.72 ? 128 SER A O   1 
ATOM   979  C CB  . SER A 1 128 ? -16.258 0.568   -1.646  1.00 22.49 ? 128 SER A CB  1 
ATOM   980  O OG  . SER A 1 128 ? -16.597 -0.477  -0.755  1.00 27.90 ? 128 SER A OG  1 
ATOM   981  N N   . LEU A 1 129 ? -16.514 2.368   -4.172  1.00 16.41 ? 129 LEU A N   1 
ATOM   982  C CA  . LEU A 1 129 ? -16.116 3.595   -4.866  1.00 19.58 ? 129 LEU A CA  1 
ATOM   983  C C   . LEU A 1 129 ? -17.347 4.437   -5.166  1.00 25.92 ? 129 LEU A C   1 
ATOM   984  O O   . LEU A 1 129 ? -17.338 5.661   -5.008  1.00 21.23 ? 129 LEU A O   1 
ATOM   985  C CB  . LEU A 1 129 ? -15.381 3.257   -6.158  1.00 20.30 ? 129 LEU A CB  1 
ATOM   986  C CG  . LEU A 1 129 ? -13.972 2.716   -5.957  1.00 22.39 ? 129 LEU A CG  1 
ATOM   987  C CD1 . LEU A 1 129 ? -13.422 2.233   -7.333  1.00 20.99 ? 129 LEU A CD1 1 
ATOM   988  C CD2 . LEU A 1 129 ? -13.089 3.784   -5.345  1.00 25.59 ? 129 LEU A CD2 1 
ATOM   989  N N   . ARG A 1 130 ? -18.417 3.784   -5.590  1.00 18.16 ? 130 ARG A N   1 
ATOM   990  C CA  . ARG A 1 130 ? -19.674 4.526   -5.845  1.00 19.51 ? 130 ARG A CA  1 
ATOM   991  C C   . ARG A 1 130 ? -20.218 5.180   -4.568  1.00 23.57 ? 130 ARG A C   1 
ATOM   992  O O   . ARG A 1 130 ? -20.633 6.345   -4.564  1.00 20.61 ? 130 ARG A O   1 
ATOM   993  C CB  . ARG A 1 130 ? -20.746 3.578   -6.432  1.00 23.01 ? 130 ARG A CB  1 
ATOM   994  C CG  . ARG A 1 130 ? -22.061 4.285   -6.739  1.00 21.76 ? 130 ARG A CG  1 
ATOM   995  C CD  . ARG A 1 130 ? -23.144 3.326   -7.269  1.00 34.83 ? 130 ARG A CD  1 
ATOM   996  N NE  . ARG A 1 130 ? -23.560 2.386   -6.230  1.00 44.98 ? 130 ARG A NE  1 
ATOM   997  C CZ  . ARG A 1 130 ? -23.258 1.083   -6.204  1.00 48.48 ? 130 ARG A CZ  1 
ATOM   998  N NH1 . ARG A 1 130 ? -22.534 0.524   -7.176  1.00 40.71 ? 130 ARG A NH1 1 
ATOM   999  N NH2 . ARG A 1 130 ? -23.662 0.338   -5.178  1.00 50.60 ? 130 ARG A NH2 1 
ATOM   1000 N N   . MET A 1 131 ? -20.247 4.436   -3.468  1.00 23.13 ? 131 MET A N   1 
ATOM   1001 C CA  . MET A 1 131 ? -20.729 5.001   -2.224  1.00 21.08 ? 131 MET A CA  1 
ATOM   1002 C C   . MET A 1 131 ? -19.845 6.177   -1.800  1.00 22.41 ? 131 MET A C   1 
ATOM   1003 O O   . MET A 1 131 ? -20.342 7.169   -1.284  1.00 17.62 ? 131 MET A O   1 
ATOM   1004 C CB  . MET A 1 131 ? -20.737 3.933   -1.145  1.00 22.32 ? 131 MET A CB  1 
ATOM   1005 C CG  . MET A 1 131 ? -21.808 2.891   -1.401  1.00 24.32 ? 131 MET A CG  1 
ATOM   1006 S SD  . MET A 1 131 ? -21.515 1.499   -0.330  1.00 23.39 ? 131 MET A SD  1 
ATOM   1007 C CE  . MET A 1 131 ? -22.455 0.167   -1.221  1.00 31.95 ? 131 MET A CE  1 
ATOM   1008 N N   . LEU A 1 132 ? -18.532 6.068   -2.003  1.00 16.15 ? 132 LEU A N   1 
ATOM   1009 C CA  . LEU A 1 132 ? -17.640 7.183   -1.659  1.00 20.51 ? 132 LEU A CA  1 
ATOM   1010 C C   . LEU A 1 132 ? -17.980 8.412   -2.499  1.00 16.49 ? 132 LEU A C   1 
ATOM   1011 O O   . LEU A 1 132 ? -18.052 9.524   -1.978  1.00 18.71 ? 132 LEU A O   1 
ATOM   1012 C CB  . LEU A 1 132 ? -16.182 6.808   -1.893  1.00 19.53 ? 132 LEU A CB  1 
ATOM   1013 C CG  . LEU A 1 132 ? -15.651 5.753   -0.918  1.00 19.49 ? 132 LEU A CG  1 
ATOM   1014 C CD1 . LEU A 1 132 ? -14.255 5.279   -1.383  1.00 21.97 ? 132 LEU A CD1 1 
ATOM   1015 C CD2 . LEU A 1 132 ? -15.593 6.306   0.496   1.00 18.80 ? 132 LEU A CD2 1 
ATOM   1016 N N   . GLN A 1 133 ? -18.176 8.207   -3.800  1.00 15.50 ? 133 GLN A N   1 
ATOM   1017 C CA  . GLN A 1 133 ? -18.510 9.302   -4.707  1.00 20.33 ? 133 GLN A CA  1 
ATOM   1018 C C   . GLN A 1 133 ? -19.844 9.954   -4.317  1.00 23.34 ? 133 GLN A C   1 
ATOM   1019 O O   . GLN A 1 133 ? -20.034 11.144  -4.536  1.00 23.19 ? 133 GLN A O   1 
ATOM   1020 C CB  . GLN A 1 133 ? -18.584 8.782   -6.150  1.00 23.46 ? 133 GLN A CB  1 
ATOM   1021 C CG  . GLN A 1 133 ? -19.182 9.762   -7.135  1.00 34.75 ? 133 GLN A CG  1 
ATOM   1022 C CD  . GLN A 1 133 ? -18.244 10.070  -8.273  1.00 44.60 ? 133 GLN A CD  1 
ATOM   1023 O OE1 . GLN A 1 133 ? -17.546 9.176   -8.770  1.00 43.44 ? 133 GLN A OE1 1 
ATOM   1024 N NE2 . GLN A 1 133 ? -18.226 11.341  -8.713  1.00 45.47 ? 133 GLN A NE2 1 
ATOM   1025 N N   . GLN A 1 134 ? -20.748 9.175   -3.731  1.00 20.10 ? 134 GLN A N   1 
ATOM   1026 C CA  . GLN A 1 134 ? -22.048 9.671   -3.292  1.00 22.07 ? 134 GLN A CA  1 
ATOM   1027 C C   . GLN A 1 134 ? -21.985 10.253  -1.870  1.00 29.30 ? 134 GLN A C   1 
ATOM   1028 O O   . GLN A 1 134 ? -22.980 10.743  -1.330  1.00 23.38 ? 134 GLN A O   1 
ATOM   1029 C CB  . GLN A 1 134 ? -23.066 8.527   -3.334  1.00 19.87 ? 134 GLN A CB  1 
ATOM   1030 C CG  . GLN A 1 134 ? -23.496 8.196   -4.750  1.00 27.84 ? 134 GLN A CG  1 
ATOM   1031 C CD  . GLN A 1 134 ? -24.333 6.933   -4.854  1.00 35.37 ? 134 GLN A CD  1 
ATOM   1032 O OE1 . GLN A 1 134 ? -24.965 6.685   -5.882  1.00 40.06 ? 134 GLN A OE1 1 
ATOM   1033 N NE2 . GLN A 1 134 ? -24.314 6.112   -3.808  1.00 30.54 ? 134 GLN A NE2 1 
ATOM   1034 N N   . LYS A 1 135 ? -20.811 10.167  -1.262  1.00 20.43 ? 135 LYS A N   1 
ATOM   1035 C CA  . LYS A 1 135 ? -20.587 10.657  0.092   1.00 18.99 ? 135 LYS A CA  1 
ATOM   1036 C C   . LYS A 1 135 ? -21.456 9.950   1.133   1.00 22.16 ? 135 LYS A C   1 
ATOM   1037 O O   . LYS A 1 135 ? -21.882 10.523  2.157   1.00 19.83 ? 135 LYS A O   1 
ATOM   1038 C CB  . LYS A 1 135 ? -20.780 12.171  0.148   1.00 21.90 ? 135 LYS A CB  1 
ATOM   1039 C CG  . LYS A 1 135 ? -19.879 12.875  -0.875  1.00 24.15 ? 135 LYS A CG  1 
ATOM   1040 C CD  . LYS A 1 135 ? -19.683 14.338  -0.541  1.00 26.84 ? 135 LYS A CD  1 
ATOM   1041 C CE  . LYS A 1 135 ? -18.950 15.037  -1.665  1.00 18.52 ? 135 LYS A CE  1 
ATOM   1042 N NZ  . LYS A 1 135 ? -17.590 14.492  -1.853  1.00 21.01 ? 135 LYS A NZ  1 
ATOM   1043 N N   . ARG A 1 136 ? -21.666 8.673   0.876   1.00 20.02 ? 136 ARG A N   1 
ATOM   1044 C CA  . ARG A 1 136 ? -22.410 7.817   1.764   1.00 16.76 ? 136 ARG A CA  1 
ATOM   1045 C C   . ARG A 1 136 ? -21.334 7.134   2.609   1.00 19.48 ? 136 ARG A C   1 
ATOM   1046 O O   . ARG A 1 136 ? -21.078 5.961   2.473   1.00 21.23 ? 136 ARG A O   1 
ATOM   1047 C CB  . ARG A 1 136 ? -23.186 6.805   0.923   1.00 19.06 ? 136 ARG A CB  1 
ATOM   1048 C CG  . ARG A 1 136 ? -24.311 7.443   0.079   1.00 22.72 ? 136 ARG A CG  1 
ATOM   1049 C CD  . ARG A 1 136 ? -25.105 6.346   -0.630  1.00 31.80 ? 136 ARG A CD  1 
ATOM   1050 N NE  . ARG A 1 136 ? -26.151 6.865   -1.512  1.00 38.08 ? 136 ARG A NE  1 
ATOM   1051 C CZ  . ARG A 1 136 ? -27.454 6.595   -1.370  1.00 43.38 ? 136 ARG A CZ  1 
ATOM   1052 N NH1 . ARG A 1 136 ? -27.882 5.831   -0.372  1.00 43.58 ? 136 ARG A NH1 1 
ATOM   1053 N NH2 . ARG A 1 136 ? -28.330 7.045   -2.257  1.00 39.53 ? 136 ARG A NH2 1 
ATOM   1054 N N   . TRP A 1 137 ? -20.698 7.901   3.479   1.00 21.35 ? 137 TRP A N   1 
ATOM   1055 C CA  . TRP A 1 137 ? -19.595 7.415   4.283   1.00 19.81 ? 137 TRP A CA  1 
ATOM   1056 C C   . TRP A 1 137 ? -19.817 6.134   5.087   1.00 23.07 ? 137 TRP A C   1 
ATOM   1057 O O   . TRP A 1 137 ? -19.021 5.207   5.006   1.00 21.29 ? 137 TRP A O   1 
ATOM   1058 C CB  . TRP A 1 137 ? -19.139 8.558   5.206   1.00 17.49 ? 137 TRP A CB  1 
ATOM   1059 C CG  . TRP A 1 137 ? -18.955 9.882   4.464   1.00 17.19 ? 137 TRP A CG  1 
ATOM   1060 C CD1 . TRP A 1 137 ? -19.477 11.118  4.822   1.00 22.56 ? 137 TRP A CD1 1 
ATOM   1061 C CD2 . TRP A 1 137 ? -18.192 10.115  3.261   1.00 19.14 ? 137 TRP A CD2 1 
ATOM   1062 N NE1 . TRP A 1 137 ? -19.084 12.094  3.910   1.00 16.34 ? 137 TRP A NE1 1 
ATOM   1063 C CE2 . TRP A 1 137 ? -18.296 11.507  2.948   1.00 18.36 ? 137 TRP A CE2 1 
ATOM   1064 C CE3 . TRP A 1 137 ? -17.432 9.287   2.410   1.00 17.00 ? 137 TRP A CE3 1 
ATOM   1065 C CZ2 . TRP A 1 137 ? -17.663 12.080  1.834   1.00 15.09 ? 137 TRP A CZ2 1 
ATOM   1066 C CZ3 . TRP A 1 137 ? -16.808 9.863   1.304   1.00 14.72 ? 137 TRP A CZ3 1 
ATOM   1067 C CH2 . TRP A 1 137 ? -16.925 11.242  1.025   1.00 17.59 ? 137 TRP A CH2 1 
ATOM   1068 N N   . ASP A 1 138 ? -20.884 6.073   5.874   1.00 19.50 ? 138 ASP A N   1 
ATOM   1069 C CA  . ASP A 1 138 ? -21.095 4.886   6.686   1.00 24.66 ? 138 ASP A CA  1 
ATOM   1070 C C   . ASP A 1 138 ? -21.321 3.627   5.842   1.00 22.65 ? 138 ASP A C   1 
ATOM   1071 O O   . ASP A 1 138 ? -20.796 2.558   6.145   1.00 27.25 ? 138 ASP A O   1 
ATOM   1072 C CB  . ASP A 1 138 ? -22.257 5.124   7.653   1.00 24.04 ? 138 ASP A CB  1 
ATOM   1073 C CG  . ASP A 1 138 ? -21.924 6.180   8.686   1.00 34.25 ? 138 ASP A CG  1 
ATOM   1074 O OD1 . ASP A 1 138 ? -20.792 6.195   9.186   1.00 33.11 ? 138 ASP A OD1 1 
ATOM   1075 O OD2 . ASP A 1 138 ? -22.788 7.001   9.009   1.00 39.31 ? 138 ASP A OD2 1 
ATOM   1076 N N   . GLU A 1 139 ? -22.101 3.760   4.779   1.00 21.11 ? 139 GLU A N   1 
ATOM   1077 C CA  . GLU A 1 139 ? -22.346 2.633   3.886   1.00 21.46 ? 139 GLU A CA  1 
ATOM   1078 C C   . GLU A 1 139 ? -21.053 2.204   3.220   1.00 19.73 ? 139 GLU A C   1 
ATOM   1079 O O   . GLU A 1 139 ? -20.794 1.010   3.069   1.00 19.55 ? 139 GLU A O   1 
ATOM   1080 C CB  . GLU A 1 139 ? -23.351 3.043   2.827   1.00 25.65 ? 139 GLU A CB  1 
ATOM   1081 C CG  . GLU A 1 139 ? -24.664 3.446   3.470   1.00 27.51 ? 139 GLU A CG  1 
ATOM   1082 C CD  . GLU A 1 139 ? -25.616 4.044   2.481   1.00 37.64 ? 139 GLU A CD  1 
ATOM   1083 O OE1 . GLU A 1 139 ? -26.150 3.284   1.645   1.00 48.24 ? 139 GLU A OE1 1 
ATOM   1084 O OE2 . GLU A 1 139 ? -25.813 5.275   2.537   1.00 42.87 ? 139 GLU A OE2 1 
ATOM   1085 N N   . ALA A 1 140 ? -20.235 3.171   2.805   1.00 19.78 ? 140 ALA A N   1 
ATOM   1086 C CA  . ALA A 1 140 ? -18.974 2.813   2.172   1.00 20.86 ? 140 ALA A CA  1 
ATOM   1087 C C   . ALA A 1 140 ? -18.100 2.041   3.157   1.00 19.65 ? 140 ALA A C   1 
ATOM   1088 O O   . ALA A 1 140 ? -17.441 1.053   2.793   1.00 20.94 ? 140 ALA A O   1 
ATOM   1089 C CB  . ALA A 1 140 ? -18.255 4.069   1.671   1.00 18.99 ? 140 ALA A CB  1 
ATOM   1090 N N   . ALA A 1 141 ? -18.086 2.500   4.402   1.00 17.47 ? 141 ALA A N   1 
ATOM   1091 C CA  . ALA A 1 141 ? -17.303 1.873   5.450   1.00 19.80 ? 141 ALA A CA  1 
ATOM   1092 C C   . ALA A 1 141 ? -17.749 0.424   5.659   1.00 22.35 ? 141 ALA A C   1 
ATOM   1093 O O   . ALA A 1 141 ? -16.921 -0.486  5.784   1.00 20.86 ? 141 ALA A O   1 
ATOM   1094 C CB  . ALA A 1 141 ? -17.440 2.676   6.741   1.00 18.10 ? 141 ALA A CB  1 
ATOM   1095 N N   . VAL A 1 142 ? -19.060 0.205   5.693   1.00 19.97 ? 142 VAL A N   1 
ATOM   1096 C CA  . VAL A 1 142 ? -19.573 -1.149  5.865   1.00 20.06 ? 142 VAL A CA  1 
ATOM   1097 C C   . VAL A 1 142 ? -19.173 -2.023  4.663   1.00 20.80 ? 142 VAL A C   1 
ATOM   1098 O O   . VAL A 1 142 ? -18.732 -3.168  4.830   1.00 22.53 ? 142 VAL A O   1 
ATOM   1099 C CB  . VAL A 1 142 ? -21.101 -1.132  5.999   1.00 21.72 ? 142 VAL A CB  1 
ATOM   1100 C CG1 . VAL A 1 142 ? -21.666 -2.569  5.906   1.00 23.66 ? 142 VAL A CG1 1 
ATOM   1101 C CG2 . VAL A 1 142 ? -21.474 -0.496  7.359   1.00 23.40 ? 142 VAL A CG2 1 
ATOM   1102 N N   . ASN A 1 143 ? -19.308 -1.485  3.455   1.00 20.11 ? 143 ASN A N   1 
ATOM   1103 C CA  . ASN A 1 143 ? -18.961 -2.267  2.270   1.00 13.88 ? 143 ASN A CA  1 
ATOM   1104 C C   . ASN A 1 143 ? -17.465 -2.588  2.169   1.00 19.07 ? 143 ASN A C   1 
ATOM   1105 O O   . ASN A 1 143 ? -17.079 -3.705  1.753   1.00 19.51 ? 143 ASN A O   1 
ATOM   1106 C CB  . ASN A 1 143 ? -19.412 -1.534  0.986   1.00 17.28 ? 143 ASN A CB  1 
ATOM   1107 C CG  . ASN A 1 143 ? -19.258 -2.388  -0.254  1.00 21.82 ? 143 ASN A CG  1 
ATOM   1108 O OD1 . ASN A 1 143 ? -18.286 -2.262  -0.996  1.00 25.44 ? 143 ASN A OD1 1 
ATOM   1109 N ND2 . ASN A 1 143 ? -20.218 -3.282  -0.479  1.00 25.09 ? 143 ASN A ND2 1 
ATOM   1110 N N   . LEU A 1 144 ? -16.634 -1.610  2.505   1.00 16.55 ? 144 LEU A N   1 
ATOM   1111 C CA  . LEU A 1 144 ? -15.175 -1.790  2.428   1.00 16.80 ? 144 LEU A CA  1 
ATOM   1112 C C   . LEU A 1 144 ? -14.677 -2.930  3.331   1.00 18.70 ? 144 LEU A C   1 
ATOM   1113 O O   . LEU A 1 144 ? -13.693 -3.613  3.009   1.00 16.77 ? 144 LEU A O   1 
ATOM   1114 C CB  . LEU A 1 144 ? -14.439 -0.487  2.832   1.00 13.63 ? 144 LEU A CB  1 
ATOM   1115 C CG  . LEU A 1 144 ? -14.438 0.679   1.831   1.00 18.32 ? 144 LEU A CG  1 
ATOM   1116 C CD1 . LEU A 1 144 ? -14.128 2.019   2.573   1.00 19.79 ? 144 LEU A CD1 1 
ATOM   1117 C CD2 . LEU A 1 144 ? -13.420 0.424   0.740   1.00 18.56 ? 144 LEU A CD2 1 
ATOM   1118 N N   . ALA A 1 145 ? -15.353 -3.134  4.456   1.00 16.93 ? 145 ALA A N   1 
ATOM   1119 C CA  . ALA A 1 145 ? -14.930 -4.178  5.391   1.00 17.46 ? 145 ALA A CA  1 
ATOM   1120 C C   . ALA A 1 145 ? -15.238 -5.593  4.947   1.00 20.41 ? 145 ALA A C   1 
ATOM   1121 O O   . ALA A 1 145 ? -14.697 -6.554  5.504   1.00 19.79 ? 145 ALA A O   1 
ATOM   1122 C CB  . ALA A 1 145 ? -15.557 -3.932  6.776   1.00 24.17 ? 145 ALA A CB  1 
ATOM   1123 N N   . LYS A 1 146 ? -16.104 -5.729  3.950   1.00 20.34 ? 146 LYS A N   1 
ATOM   1124 C CA  . LYS A 1 146 ? -16.485 -7.049  3.452   1.00 21.02 ? 146 LYS A CA  1 
ATOM   1125 C C   . LYS A 1 146 ? -15.502 -7.373  2.351   1.00 20.71 ? 146 LYS A C   1 
ATOM   1126 O O   . LYS A 1 146 ? -15.844 -7.400  1.170   1.00 18.76 ? 146 LYS A O   1 
ATOM   1127 C CB  . LYS A 1 146 ? -17.920 -7.001  2.910   1.00 20.65 ? 146 LYS A CB  1 
ATOM   1128 C CG  . LYS A 1 146 ? -18.986 -6.611  3.928   1.00 24.99 ? 146 LYS A CG  1 
ATOM   1129 C CD  . LYS A 1 146 ? -20.377 -6.620  3.238   1.00 35.52 ? 146 LYS A CD  1 
ATOM   1130 C CE  . LYS A 1 146 ? -21.431 -5.777  3.978   1.00 45.97 ? 146 LYS A CE  1 
ATOM   1131 N NZ  . LYS A 1 146 ? -22.184 -6.478  5.065   1.00 45.10 ? 146 LYS A NZ  1 
ATOM   1132 N N   . SER A 1 147 ? -14.254 -7.594  2.747   1.00 18.45 ? 147 SER A N   1 
ATOM   1133 C CA  . SER A 1 147 ? -13.224 -7.833  1.761   1.00 16.09 ? 147 SER A CA  1 
ATOM   1134 C C   . SER A 1 147 ? -12.094 -8.660  2.295   1.00 13.11 ? 147 SER A C   1 
ATOM   1135 O O   . SER A 1 147 ? -11.885 -8.726  3.506   1.00 18.73 ? 147 SER A O   1 
ATOM   1136 C CB  . SER A 1 147 ? -12.643 -6.488  1.323   1.00 18.32 ? 147 SER A CB  1 
ATOM   1137 O OG  . SER A 1 147 ? -12.114 -5.808  2.458   1.00 19.86 ? 147 SER A OG  1 
ATOM   1138 N N   . ARG A 1 148 ? -11.358 -9.299  1.390   1.00 13.55 ? 148 ARG A N   1 
ATOM   1139 C CA  . ARG A 1 148 ? -10.190 -10.059 1.801   1.00 16.28 ? 148 ARG A CA  1 
ATOM   1140 C C   . ARG A 1 148 ? -9.224  -9.062  2.413   1.00 18.42 ? 148 ARG A C   1 
ATOM   1141 O O   . ARG A 1 148 ? -8.523  -9.354  3.373   1.00 20.45 ? 148 ARG A O   1 
ATOM   1142 C CB  . ARG A 1 148 ? -9.514  -10.739 0.592   1.00 16.72 ? 148 ARG A CB  1 
ATOM   1143 C CG  . ARG A 1 148 ? -8.203  -11.440 1.004   1.00 21.47 ? 148 ARG A CG  1 
ATOM   1144 C CD  . ARG A 1 148 ? -7.687  -12.388 -0.084  1.00 22.95 ? 148 ARG A CD  1 
ATOM   1145 N NE  . ARG A 1 148 ? -6.646  -13.278 0.430   1.00 34.04 ? 148 ARG A NE  1 
ATOM   1146 C CZ  . ARG A 1 148 ? -5.378  -12.933 0.616   1.00 36.36 ? 148 ARG A CZ  1 
ATOM   1147 N NH1 . ARG A 1 148 ? -4.957  -11.710 0.327   1.00 36.20 ? 148 ARG A NH1 1 
ATOM   1148 N NH2 . ARG A 1 148 ? -4.524  -13.822 1.113   1.00 41.69 ? 148 ARG A NH2 1 
ATOM   1149 N N   . TRP A 1 149 ? -9.183  -7.866  1.824   1.00 18.72 ? 149 TRP A N   1 
ATOM   1150 C CA  . TRP A 1 149 ? -8.332  -6.788  2.309   1.00 20.09 ? 149 TRP A CA  1 
ATOM   1151 C C   . TRP A 1 149 ? -8.499  -6.633  3.816   1.00 17.97 ? 149 TRP A C   1 
ATOM   1152 O O   . TRP A 1 149 ? -7.549  -6.716  4.574   1.00 21.51 ? 149 TRP A O   1 
ATOM   1153 C CB  . TRP A 1 149 ? -8.739  -5.464  1.639   1.00 16.47 ? 149 TRP A CB  1 
ATOM   1154 C CG  . TRP A 1 149 ? -8.063  -4.239  2.243   1.00 16.64 ? 149 TRP A CG  1 
ATOM   1155 C CD1 . TRP A 1 149 ? -6.724  -4.033  2.411   1.00 21.66 ? 149 TRP A CD1 1 
ATOM   1156 C CD2 . TRP A 1 149 ? -8.708  -3.028  2.629   1.00 16.58 ? 149 TRP A CD2 1 
ATOM   1157 N NE1 . TRP A 1 149 ? -6.496  -2.755  2.878   1.00 20.05 ? 149 TRP A NE1 1 
ATOM   1158 C CE2 . TRP A 1 149 ? -7.705  -2.118  3.016   1.00 20.20 ? 149 TRP A CE2 1 
ATOM   1159 C CE3 . TRP A 1 149 ? -10.045 -2.625  2.682   1.00 19.07 ? 149 TRP A CE3 1 
ATOM   1160 C CZ2 . TRP A 1 149 ? -7.996  -0.815  3.444   1.00 14.93 ? 149 TRP A CZ2 1 
ATOM   1161 C CZ3 . TRP A 1 149 ? -10.347 -1.346  3.106   1.00 17.33 ? 149 TRP A CZ3 1 
ATOM   1162 C CH2 . TRP A 1 149 ? -9.325  -0.443  3.487   1.00 16.02 ? 149 TRP A CH2 1 
ATOM   1163 N N   . TYR A 1 150 ? -9.731  -6.422  4.246   1.00 18.48 ? 150 TYR A N   1 
ATOM   1164 C CA  . TYR A 1 150 ? -10.004 -6.199  5.662   1.00 19.01 ? 150 TYR A CA  1 
ATOM   1165 C C   . TYR A 1 150 ? -9.675  -7.423  6.525   1.00 25.29 ? 150 TYR A C   1 
ATOM   1166 O O   . TYR A 1 150 ? -9.046  -7.316  7.586   1.00 22.19 ? 150 TYR A O   1 
ATOM   1167 C CB  . TYR A 1 150 ? -11.474 -5.815  5.808   1.00 18.18 ? 150 TYR A CB  1 
ATOM   1168 C CG  . TYR A 1 150 ? -11.904 -5.530  7.227   1.00 20.32 ? 150 TYR A CG  1 
ATOM   1169 C CD1 . TYR A 1 150 ? -11.984 -4.224  7.703   1.00 25.43 ? 150 TYR A CD1 1 
ATOM   1170 C CD2 . TYR A 1 150 ? -12.283 -6.569  8.069   1.00 24.15 ? 150 TYR A CD2 1 
ATOM   1171 C CE1 . TYR A 1 150 ? -12.439 -3.962  8.991   1.00 30.53 ? 150 TYR A CE1 1 
ATOM   1172 C CE2 . TYR A 1 150 ? -12.748 -6.321  9.361   1.00 33.99 ? 150 TYR A CE2 1 
ATOM   1173 C CZ  . TYR A 1 150 ? -12.820 -5.016  9.812   1.00 37.42 ? 150 TYR A CZ  1 
ATOM   1174 O OH  . TYR A 1 150 ? -13.278 -4.766  11.088  1.00 43.27 ? 150 TYR A OH  1 
ATOM   1175 N N   . ASN A 1 151 ? -10.080 -8.599  6.057   1.00 20.15 ? 151 ASN A N   1 
ATOM   1176 C CA  . ASN A 1 151 ? -9.816  -9.813  6.825   1.00 20.41 ? 151 ASN A CA  1 
ATOM   1177 C C   . ASN A 1 151 ? -8.336  -10.102 6.998   1.00 19.07 ? 151 ASN A C   1 
ATOM   1178 O O   . ASN A 1 151 ? -7.936  -10.637 8.028   1.00 21.29 ? 151 ASN A O   1 
ATOM   1179 C CB  . ASN A 1 151 ? -10.507 -11.009 6.178   1.00 22.42 ? 151 ASN A CB  1 
ATOM   1180 C CG  . ASN A 1 151 ? -11.989 -11.015 6.441   1.00 25.80 ? 151 ASN A CG  1 
ATOM   1181 O OD1 . ASN A 1 151 ? -12.804 -10.553 5.628   1.00 23.75 ? 151 ASN A OD1 1 
ATOM   1182 N ND2 . ASN A 1 151 ? -12.354 -11.515 7.613   1.00 19.49 ? 151 ASN A ND2 1 
ATOM   1183 N N   . GLN A 1 152 ? -7.524  -9.754  6.012   1.00 19.21 ? 152 GLN A N   1 
ATOM   1184 C CA  . GLN A 1 152 ? -6.064  -9.978  6.081   1.00 21.84 ? 152 GLN A CA  1 
ATOM   1185 C C   . GLN A 1 152 ? -5.284  -8.942  6.891   1.00 25.23 ? 152 GLN A C   1 
ATOM   1186 O O   . GLN A 1 152 ? -4.307  -9.287  7.545   1.00 21.77 ? 152 GLN A O   1 
ATOM   1187 C CB  . GLN A 1 152 ? -5.451  -10.046 4.674   1.00 24.07 ? 152 GLN A CB  1 
ATOM   1188 C CG  . GLN A 1 152 ? -5.727  -11.326 3.922   1.00 30.04 ? 152 GLN A CG  1 
ATOM   1189 C CD  . GLN A 1 152 ? -5.042  -12.538 4.563   1.00 30.18 ? 152 GLN A CD  1 
ATOM   1190 O OE1 . GLN A 1 152 ? -5.680  -13.332 5.241   1.00 25.60 ? 152 GLN A OE1 1 
ATOM   1191 N NE2 . GLN A 1 152 ? -3.733  -12.664 4.351   1.00 35.11 ? 152 GLN A NE2 1 
ATOM   1192 N N   . THR A 1 153 ? -5.659  -7.666  6.818   1.00 20.08 ? 153 THR A N   1 
ATOM   1193 C CA  . THR A 1 153 ? -4.955  -6.637  7.599   1.00 19.38 ? 153 THR A CA  1 
ATOM   1194 C C   . THR A 1 153 ? -6.048  -5.761  8.202   1.00 18.65 ? 153 THR A C   1 
ATOM   1195 O O   . THR A 1 153 ? -6.187  -4.587  7.847   1.00 20.35 ? 153 THR A O   1 
ATOM   1196 C CB  . THR A 1 153 ? -4.008  -5.791  6.723   1.00 22.45 ? 153 THR A CB  1 
ATOM   1197 O OG1 . THR A 1 153 ? -4.739  -5.262  5.607   1.00 22.84 ? 153 THR A OG1 1 
ATOM   1198 C CG2 . THR A 1 153 ? -2.833  -6.668  6.190   1.00 19.98 ? 153 THR A CG2 1 
ATOM   1199 N N   . PRO A 1 154 ? -6.811  -6.314  9.166   1.00 19.26 ? 154 PRO A N   1 
ATOM   1200 C CA  . PRO A 1 154 ? -7.903  -5.567  9.800   1.00 21.16 ? 154 PRO A CA  1 
ATOM   1201 C C   . PRO A 1 154 ? -7.573  -4.301  10.565  1.00 21.68 ? 154 PRO A C   1 
ATOM   1202 O O   . PRO A 1 154 ? -8.328  -3.336  10.499  1.00 17.02 ? 154 PRO A O   1 
ATOM   1203 C CB  . PRO A 1 154 ? -8.600  -6.630  10.672  1.00 24.96 ? 154 PRO A CB  1 
ATOM   1204 C CG  . PRO A 1 154 ? -7.472  -7.571  11.015  1.00 28.56 ? 154 PRO A CG  1 
ATOM   1205 C CD  . PRO A 1 154 ? -6.756  -7.692  9.690   1.00 22.25 ? 154 PRO A CD  1 
ATOM   1206 N N   . ASN A 1 155 ? -6.477  -4.286  11.313  1.00 19.32 ? 155 ASN A N   1 
ATOM   1207 C CA  . ASN A 1 155 ? -6.165  -3.067  12.049  1.00 20.43 ? 155 ASN A CA  1 
ATOM   1208 C C   . ASN A 1 155 ? -5.843  -1.931  11.085  1.00 23.34 ? 155 ASN A C   1 
ATOM   1209 O O   . ASN A 1 155 ? -6.300  -0.805  11.287  1.00 20.28 ? 155 ASN A O   1 
ATOM   1210 C CB  . ASN A 1 155 ? -5.007  -3.297  13.024  1.00 23.86 ? 155 ASN A CB  1 
ATOM   1211 C CG  . ASN A 1 155 ? -5.403  -4.232  14.173  1.00 29.34 ? 155 ASN A CG  1 
ATOM   1212 O OD1 . ASN A 1 155 ? -6.587  -4.435  14.442  1.00 35.27 ? 155 ASN A OD1 1 
ATOM   1213 N ND2 . ASN A 1 155 ? -4.420  -4.770  14.861  1.00 27.66 ? 155 ASN A ND2 1 
ATOM   1214 N N   . ARG A 1 156 ? -5.075  -2.212  10.036  1.00 18.85 ? 156 ARG A N   1 
ATOM   1215 C CA  . ARG A 1 156 ? -4.765  -1.156  9.072   1.00 17.12 ? 156 ARG A CA  1 
ATOM   1216 C C   . ARG A 1 156 ? -6.027  -0.774  8.299   1.00 17.52 ? 156 ARG A C   1 
ATOM   1217 O O   . ARG A 1 156 ? -6.304  0.416   8.087   1.00 17.81 ? 156 ARG A O   1 
ATOM   1218 C CB  . ARG A 1 156 ? -3.717  -1.632  8.068   1.00 22.01 ? 156 ARG A CB  1 
ATOM   1219 C CG  . ARG A 1 156 ? -3.429  -0.548  7.019   1.00 20.98 ? 156 ARG A CG  1 
ATOM   1220 C CD  . ARG A 1 156 ? -2.527  -1.062  5.961   1.00 27.31 ? 156 ARG A CD  1 
ATOM   1221 N NE  . ARG A 1 156 ? -2.228  -0.057  4.947   1.00 21.08 ? 156 ARG A NE  1 
ATOM   1222 C CZ  . ARG A 1 156 ? -1.184  -0.168  4.153   1.00 21.88 ? 156 ARG A CZ  1 
ATOM   1223 N NH1 . ARG A 1 156 ? -0.406  -1.236  4.294   1.00 21.18 ? 156 ARG A NH1 1 
ATOM   1224 N NH2 . ARG A 1 156 ? -0.891  0.780   3.278   1.00 14.53 ? 156 ARG A NH2 1 
ATOM   1225 N N   . ALA A 1 157 ? -6.778  -1.785  7.853   1.00 17.56 ? 157 ALA A N   1 
ATOM   1226 C CA  . ALA A 1 157 ? -8.006  -1.536  7.107   1.00 18.50 ? 157 ALA A CA  1 
ATOM   1227 C C   . ALA A 1 157 ? -8.941  -0.683  7.940   1.00 22.13 ? 157 ALA A C   1 
ATOM   1228 O O   . ALA A 1 157 ? -9.564  0.258   7.440   1.00 17.78 ? 157 ALA A O   1 
ATOM   1229 C CB  . ALA A 1 157 ? -8.702  -2.889  6.706   1.00 19.69 ? 157 ALA A CB  1 
ATOM   1230 N N   . LYS A 1 158 ? -9.042  -0.990  9.227   1.00 15.75 ? 158 LYS A N   1 
ATOM   1231 C CA  . LYS A 1 158 ? -9.933  -0.196  10.075  1.00 18.43 ? 158 LYS A CA  1 
ATOM   1232 C C   . LYS A 1 158 ? -9.520  1.291   10.146  1.00 20.04 ? 158 LYS A C   1 
ATOM   1233 O O   . LYS A 1 158 ? -10.383 2.177   10.228  1.00 16.43 ? 158 LYS A O   1 
ATOM   1234 C CB  . LYS A 1 158 ? -9.958  -0.819  11.466  1.00 20.02 ? 158 LYS A CB  1 
ATOM   1235 C CG  . LYS A 1 158 ? -10.832 -2.081  11.497  1.00 24.30 ? 158 LYS A CG  1 
ATOM   1236 C CD  . LYS A 1 158 ? -10.663 -2.885  12.805  1.00 34.09 ? 158 LYS A CD  1 
ATOM   1237 C CE  . LYS A 1 158 ? -10.675 -1.984  14.025  1.00 44.66 ? 158 LYS A CE  1 
ATOM   1238 N NZ  . LYS A 1 158 ? -11.749 -0.937  13.966  1.00 49.46 ? 158 LYS A NZ  1 
ATOM   1239 N N   . ARG A 1 159 ? -8.216  1.566   10.134  1.00 18.00 ? 159 ARG A N   1 
ATOM   1240 C CA  . ARG A 1 159 ? -7.764  2.953   10.184  1.00 16.76 ? 159 ARG A CA  1 
ATOM   1241 C C   . ARG A 1 159 ? -8.119  3.648   8.887   1.00 19.87 ? 159 ARG A C   1 
ATOM   1242 O O   . ARG A 1 159 ? -8.577  4.790   8.890   1.00 18.90 ? 159 ARG A O   1 
ATOM   1243 C CB  . ARG A 1 159 ? -6.242  3.056   10.411  1.00 15.50 ? 159 ARG A CB  1 
ATOM   1244 C CG  . ARG A 1 159 ? -5.775  2.542   11.784  1.00 16.01 ? 159 ARG A CG  1 
ATOM   1245 C CD  . ARG A 1 159 ? -4.338  2.969   12.052  1.00 17.52 ? 159 ARG A CD  1 
ATOM   1246 N NE  . ARG A 1 159 ? -3.409  2.184   11.252  1.00 18.56 ? 159 ARG A NE  1 
ATOM   1247 C CZ  . ARG A 1 159 ? -2.946  0.993   11.625  1.00 20.63 ? 159 ARG A CZ  1 
ATOM   1248 N NH1 . ARG A 1 159 ? -3.329  0.473   12.792  1.00 19.01 ? 159 ARG A NH1 1 
ATOM   1249 N NH2 . ARG A 1 159 ? -2.117  0.323   10.827  1.00 18.68 ? 159 ARG A NH2 1 
ATOM   1250 N N   . VAL A 1 160 ? -7.902  2.960   7.765   1.00 14.85 ? 160 VAL A N   1 
ATOM   1251 C CA  . VAL A 1 160 ? -8.214  3.576   6.472   1.00 15.60 ? 160 VAL A CA  1 
ATOM   1252 C C   . VAL A 1 160 ? -9.724  3.799   6.355   1.00 20.05 ? 160 VAL A C   1 
ATOM   1253 O O   . VAL A 1 160 ? -10.186 4.876   5.940   1.00 19.76 ? 160 VAL A O   1 
ATOM   1254 C CB  . VAL A 1 160 ? -7.716  2.663   5.316   1.00 15.76 ? 160 VAL A CB  1 
ATOM   1255 C CG1 . VAL A 1 160 ? -8.258  3.141   3.965   1.00 16.49 ? 160 VAL A CG1 1 
ATOM   1256 C CG2 . VAL A 1 160 ? -6.210  2.652   5.320   1.00 18.36 ? 160 VAL A CG2 1 
ATOM   1257 N N   . ILE A 1 161 ? -10.502 2.782   6.717   1.00 15.56 ? 161 ILE A N   1 
ATOM   1258 C CA  . ILE A 1 161 ? -11.957 2.881   6.642   1.00 16.92 ? 161 ILE A CA  1 
ATOM   1259 C C   . ILE A 1 161 ? -12.470 3.999   7.552   1.00 18.88 ? 161 ILE A C   1 
ATOM   1260 O O   . ILE A 1 161 ? -13.398 4.752   7.175   1.00 20.24 ? 161 ILE A O   1 
ATOM   1261 C CB  . ILE A 1 161 ? -12.615 1.524   7.018   1.00 17.66 ? 161 ILE A CB  1 
ATOM   1262 C CG1 . ILE A 1 161 ? -12.323 0.496   5.906   1.00 18.36 ? 161 ILE A CG1 1 
ATOM   1263 C CG2 . ILE A 1 161 ? -14.115 1.693   7.265   1.00 19.83 ? 161 ILE A CG2 1 
ATOM   1264 C CD1 . ILE A 1 161 ? -12.868 -0.900  6.214   1.00 18.40 ? 161 ILE A CD1 1 
ATOM   1265 N N   . THR A 1 162 ? -11.876 4.135   8.733   1.00 14.85 ? 162 THR A N   1 
ATOM   1266 C CA  . THR A 1 162 ? -12.297 5.204   9.659   1.00 23.01 ? 162 THR A CA  1 
ATOM   1267 C C   . THR A 1 162 ? -11.999 6.582   9.050   1.00 24.73 ? 162 THR A C   1 
ATOM   1268 O O   . THR A 1 162 ? -12.736 7.569   9.254   1.00 21.73 ? 162 THR A O   1 
ATOM   1269 C CB  . THR A 1 162 ? -11.574 5.061   11.017  1.00 26.89 ? 162 THR A CB  1 
ATOM   1270 O OG1 . THR A 1 162 ? -12.131 3.947   11.722  1.00 27.46 ? 162 THR A OG1 1 
ATOM   1271 C CG2 . THR A 1 162 ? -11.728 6.325   11.869  1.00 31.11 ? 162 THR A CG2 1 
ATOM   1272 N N   . THR A 1 163 ? -10.921 6.651   8.285   1.00 20.71 ? 163 THR A N   1 
ATOM   1273 C CA  . THR A 1 163 ? -10.538 7.906   7.654   1.00 18.47 ? 163 THR A CA  1 
ATOM   1274 C C   . THR A 1 163 ? -11.570 8.281   6.573   1.00 23.05 ? 163 THR A C   1 
ATOM   1275 O O   . THR A 1 163 ? -11.939 9.451   6.425   1.00 18.80 ? 163 THR A O   1 
ATOM   1276 C CB  . THR A 1 163 ? -9.123  7.793   7.079   1.00 22.62 ? 163 THR A CB  1 
ATOM   1277 O OG1 . THR A 1 163 ? -8.215  7.433   8.154   1.00 18.73 ? 163 THR A OG1 1 
ATOM   1278 C CG2 . THR A 1 163 ? -8.686  9.134   6.467   1.00 19.20 ? 163 THR A CG2 1 
ATOM   1279 N N   . PHE A 1 164 ? -12.045 7.290   5.825   1.00 20.48 ? 164 PHE A N   1 
ATOM   1280 C CA  . PHE A 1 164 ? -13.068 7.536   4.815   1.00 18.01 ? 164 PHE A CA  1 
ATOM   1281 C C   . PHE A 1 164 ? -14.363 7.881   5.534   1.00 22.09 ? 164 PHE A C   1 
ATOM   1282 O O   . PHE A 1 164 ? -15.143 8.714   5.086   1.00 22.19 ? 164 PHE A O   1 
ATOM   1283 C CB  . PHE A 1 164 ? -13.347 6.265   3.986   1.00 19.26 ? 164 PHE A CB  1 
ATOM   1284 C CG  . PHE A 1 164 ? -12.406 6.047   2.864   1.00 18.17 ? 164 PHE A CG  1 
ATOM   1285 C CD1 . PHE A 1 164 ? -12.226 7.024   1.894   1.00 19.31 ? 164 PHE A CD1 1 
ATOM   1286 C CD2 . PHE A 1 164 ? -11.735 4.833   2.735   1.00 21.62 ? 164 PHE A CD2 1 
ATOM   1287 C CE1 . PHE A 1 164 ? -11.391 6.798   0.796   1.00 19.04 ? 164 PHE A CE1 1 
ATOM   1288 C CE2 . PHE A 1 164 ? -10.887 4.589   1.639   1.00 21.74 ? 164 PHE A CE2 1 
ATOM   1289 C CZ  . PHE A 1 164 ? -10.717 5.578   0.664   1.00 17.57 ? 164 PHE A CZ  1 
ATOM   1290 N N   . ARG A 1 165 ? -14.611 7.221   6.656   1.00 23.12 ? 165 ARG A N   1 
ATOM   1291 C CA  . ARG A 1 165 ? -15.858 7.456   7.361   1.00 24.54 ? 165 ARG A CA  1 
ATOM   1292 C C   . ARG A 1 165 ? -15.987 8.856   7.937   1.00 26.37 ? 165 ARG A C   1 
ATOM   1293 O O   . ARG A 1 165 ? -17.038 9.499   7.787   1.00 23.84 ? 165 ARG A O   1 
ATOM   1294 C CB  . ARG A 1 165 ? -16.019 6.431   8.478   1.00 29.73 ? 165 ARG A CB  1 
ATOM   1295 C CG  . ARG A 1 165 ? -17.425 6.291   9.011   1.00 33.35 ? 165 ARG A CG  1 
ATOM   1296 C CD  . ARG A 1 165 ? -17.458 5.265   10.131  1.00 35.72 ? 165 ARG A CD  1 
ATOM   1297 N NE  . ARG A 1 165 ? -18.818 5.058   10.606  1.00 49.62 ? 165 ARG A NE  1 
ATOM   1298 C CZ  . ARG A 1 165 ? -19.138 4.439   11.741  1.00 52.79 ? 165 ARG A CZ  1 
ATOM   1299 N NH1 . ARG A 1 165 ? -18.190 3.955   12.536  1.00 49.42 ? 165 ARG A NH1 1 
ATOM   1300 N NH2 . ARG A 1 165 ? -20.416 4.299   12.074  1.00 55.91 ? 165 ARG A NH2 1 
ATOM   1301 N N   . THR A 1 166 ? -14.915 9.338   8.561   1.00 22.78 ? 166 THR A N   1 
ATOM   1302 C CA  . THR A 1 166 ? -14.924 10.638  9.236   1.00 21.85 ? 166 THR A CA  1 
ATOM   1303 C C   . THR A 1 166 ? -14.325 11.827  8.507   1.00 24.30 ? 166 THR A C   1 
ATOM   1304 O O   . THR A 1 166 ? -14.648 12.978  8.830   1.00 23.51 ? 166 THR A O   1 
ATOM   1305 C CB  . THR A 1 166 ? -14.173 10.555  10.556  1.00 26.65 ? 166 THR A CB  1 
ATOM   1306 O OG1 . THR A 1 166 ? -12.790 10.251  10.274  1.00 20.56 ? 166 THR A OG1 1 
ATOM   1307 C CG2 . THR A 1 166 ? -14.781 9.502   11.448  1.00 25.38 ? 166 THR A CG2 1 
ATOM   1308 N N   . GLY A 1 167 ? -13.428 11.583  7.561   1.00 18.92 ? 167 GLY A N   1 
ATOM   1309 C CA  . GLY A 1 167 ? -12.804 12.703  6.887   1.00 19.43 ? 167 GLY A CA  1 
ATOM   1310 C C   . GLY A 1 167 ? -11.791 13.392  7.802   1.00 24.14 ? 167 GLY A C   1 
ATOM   1311 O O   . GLY A 1 167 ? -11.383 14.521  7.523   1.00 20.38 ? 167 GLY A O   1 
ATOM   1312 N N   . THR A 1 168 ? -11.405 12.719  8.900   1.00 19.88 ? 168 THR A N   1 
ATOM   1313 C CA  . THR A 1 168 ? -10.405 13.228  9.848   1.00 17.89 ? 168 THR A CA  1 
ATOM   1314 C C   . THR A 1 168 ? -9.242  12.246  10.008  1.00 19.21 ? 168 THR A C   1 
ATOM   1315 O O   . THR A 1 168 ? -9.333  11.102  9.564   1.00 17.68 ? 168 THR A O   1 
ATOM   1316 C CB  . THR A 1 168 ? -10.980 13.417  11.260  1.00 26.81 ? 168 THR A CB  1 
ATOM   1317 O OG1 . THR A 1 168 ? -11.187 12.129  11.865  1.00 23.82 ? 168 THR A OG1 1 
ATOM   1318 C CG2 . THR A 1 168 ? -12.308 14.186  11.190  1.00 27.89 ? 168 THR A CG2 1 
ATOM   1319 N N   . TRP A 1 169 ? -8.155  12.701  10.641  1.00 17.19 ? 169 TRP A N   1 
ATOM   1320 C CA  . TRP A 1 169 ? -6.987  11.842  10.882  1.00 19.07 ? 169 TRP A CA  1 
ATOM   1321 C C   . TRP A 1 169 ? -7.048  11.149  12.248  1.00 21.85 ? 169 TRP A C   1 
ATOM   1322 O O   . TRP A 1 169 ? -6.028  10.692  12.766  1.00 19.26 ? 169 TRP A O   1 
ATOM   1323 C CB  . TRP A 1 169 ? -5.685  12.648  10.859  1.00 18.46 ? 169 TRP A CB  1 
ATOM   1324 C CG  . TRP A 1 169 ? -5.401  13.276  9.548   1.00 23.18 ? 169 TRP A CG  1 
ATOM   1325 C CD1 . TRP A 1 169 ? -5.452  14.619  9.235   1.00 20.40 ? 169 TRP A CD1 1 
ATOM   1326 C CD2 . TRP A 1 169 ? -4.950  12.606  8.372   1.00 17.64 ? 169 TRP A CD2 1 
ATOM   1327 N NE1 . TRP A 1 169 ? -5.056  14.811  7.935   1.00 19.97 ? 169 TRP A NE1 1 
ATOM   1328 C CE2 . TRP A 1 169 ? -4.747  13.596  7.380   1.00 17.76 ? 169 TRP A CE2 1 
ATOM   1329 C CE3 . TRP A 1 169 ? -4.697  11.259  8.054   1.00 21.93 ? 169 TRP A CE3 1 
ATOM   1330 C CZ2 . TRP A 1 169 ? -4.291  13.284  6.096   1.00 25.11 ? 169 TRP A CZ2 1 
ATOM   1331 C CZ3 . TRP A 1 169 ? -4.238  10.955  6.768   1.00 26.72 ? 169 TRP A CZ3 1 
ATOM   1332 C CH2 . TRP A 1 169 ? -4.045  11.961  5.810   1.00 23.34 ? 169 TRP A CH2 1 
ATOM   1333 N N   . ASP A 1 170 ? -8.231  11.094  12.835  1.00 20.72 ? 170 ASP A N   1 
ATOM   1334 C CA  . ASP A 1 170 ? -8.402  10.472  14.147  1.00 21.90 ? 170 ASP A CA  1 
ATOM   1335 C C   . ASP A 1 170 ? -7.767  9.094   14.365  1.00 23.57 ? 170 ASP A C   1 
ATOM   1336 O O   . ASP A 1 170 ? -7.249  8.795   15.445  1.00 22.50 ? 170 ASP A O   1 
ATOM   1337 C CB  . ASP A 1 170 ? -9.893  10.359  14.439  1.00 30.09 ? 170 ASP A CB  1 
ATOM   1338 C CG  . ASP A 1 170 ? -10.343 11.312  15.509  1.00 51.47 ? 170 ASP A CG  1 
ATOM   1339 O OD1 . ASP A 1 170 ? -10.104 11.016  16.705  1.00 52.44 ? 170 ASP A OD1 1 
ATOM   1340 O OD2 . ASP A 1 170 ? -10.927 12.357  15.149  1.00 54.31 ? 170 ASP A OD2 1 
ATOM   1341 N N   . ALA A 1 171 ? -7.855  8.237   13.357  1.00 22.60 ? 171 ALA A N   1 
ATOM   1342 C CA  . ALA A 1 171 ? -7.328  6.881   13.477  1.00 23.43 ? 171 ALA A CA  1 
ATOM   1343 C C   . ALA A 1 171 ? -5.816  6.823   13.535  1.00 24.65 ? 171 ALA A C   1 
ATOM   1344 O O   . ALA A 1 171 ? -5.258  5.794   13.888  1.00 23.37 ? 171 ALA A O   1 
ATOM   1345 C CB  . ALA A 1 171 ? -7.832  6.021   12.318  1.00 22.10 ? 171 ALA A CB  1 
ATOM   1346 N N   . TYR A 1 172 ? -5.156  7.928   13.207  1.00 20.43 ? 172 TYR A N   1 
ATOM   1347 C CA  . TYR A 1 172 ? -3.696  7.954   13.185  1.00 21.95 ? 172 TYR A CA  1 
ATOM   1348 C C   . TYR A 1 172 ? -3.064  8.809   14.278  1.00 30.55 ? 172 TYR A C   1 
ATOM   1349 O O   . TYR A 1 172 ? -1.843  8.980   14.308  1.00 30.79 ? 172 TYR A O   1 
ATOM   1350 C CB  . TYR A 1 172 ? -3.236  8.421   11.818  1.00 20.88 ? 172 TYR A CB  1 
ATOM   1351 C CG  . TYR A 1 172 ? -3.505  7.406   10.714  1.00 16.90 ? 172 TYR A CG  1 
ATOM   1352 C CD1 . TYR A 1 172 ? -2.530  6.446   10.357  1.00 18.98 ? 172 TYR A CD1 1 
ATOM   1353 C CD2 . TYR A 1 172 ? -4.736  7.375   10.066  1.00 20.94 ? 172 TYR A CD2 1 
ATOM   1354 C CE1 . TYR A 1 172 ? -2.794  5.487   9.390   1.00 16.60 ? 172 TYR A CE1 1 
ATOM   1355 C CE2 . TYR A 1 172 ? -5.009  6.414   9.076   1.00 19.60 ? 172 TYR A CE2 1 
ATOM   1356 C CZ  . TYR A 1 172 ? -4.033  5.482   8.751   1.00 17.34 ? 172 TYR A CZ  1 
ATOM   1357 O OH  . TYR A 1 172 ? -4.298  4.556   7.769   1.00 17.51 ? 172 TYR A OH  1 
ATOM   1358 N N   . LYS A 1 173 ? -3.885  9.349   15.173  1.00 36.44 ? 173 LYS A N   1 
ATOM   1359 C CA  . LYS A 1 173 ? -3.360  10.174  16.262  1.00 43.81 ? 173 LYS A CA  1 
ATOM   1360 C C   . LYS A 1 173 ? -2.933  9.265   17.393  1.00 45.17 ? 173 LYS A C   1 
ATOM   1361 O O   . LYS A 1 173 ? -3.665  8.350   17.787  1.00 54.28 ? 173 LYS A O   1 
ATOM   1362 C CB  . LYS A 1 173 ? -4.406  11.181  16.744  1.00 45.13 ? 173 LYS A CB  1 
ATOM   1363 C CG  . LYS A 1 173 ? -4.863  12.142  15.657  1.00 51.81 ? 173 LYS A CG  1 
ATOM   1364 C CD  . LYS A 1 173 ? -3.687  12.843  14.950  1.00 53.26 ? 173 LYS A CD  1 
ATOM   1365 C CE  . LYS A 1 173 ? -4.211  13.818  13.875  1.00 61.53 ? 173 LYS A CE  1 
ATOM   1366 N NZ  . LYS A 1 173 ? -3.169  14.681  13.228  1.00 62.53 ? 173 LYS A NZ  1 
ATOM   1367 N N   . ASN A 1 174 ? -1.737  9.527   17.902  1.00 53.40 ? 174 ASN A N   1 
ATOM   1368 C CA  . ASN A 1 174 ? -1.124  8.727   18.956  1.00 54.72 ? 174 ASN A CA  1 
ATOM   1369 C C   . ASN A 1 174 ? -0.414  7.562   18.278  1.00 53.65 ? 174 ASN A C   1 
ATOM   1370 O O   . ASN A 1 174 ? -0.004  6.603   18.929  1.00 58.18 ? 174 ASN A O   1 
ATOM   1371 C CB  . ASN A 1 174 ? -2.169  8.208   19.957  1.00 58.04 ? 174 ASN A CB  1 
ATOM   1372 C CG  . ASN A 1 174 ? -2.974  9.328   20.590  1.00 61.02 ? 174 ASN A CG  1 
ATOM   1373 O OD1 . ASN A 1 174 ? -2.434  10.388  20.942  1.00 66.42 ? 174 ASN A OD1 1 
ATOM   1374 N ND2 . ASN A 1 174 ? -4.275  9.098   20.750  1.00 63.42 ? 174 ASN A ND2 1 
ATOM   1375 N N   . LEU A 1 175 ? -0.288  7.650   16.955  1.00 50.01 ? 175 LEU A N   1 
ATOM   1376 C CA  . LEU A 1 175 ? 0.410   6.630   16.185  1.00 55.66 ? 175 LEU A CA  1 
ATOM   1377 C C   . LEU A 1 175 ? 1.550   7.301   15.425  1.00 56.72 ? 175 LEU A C   1 
ATOM   1378 O O   . LEU A 1 175 ? 2.694   6.859   15.486  1.00 51.98 ? 175 LEU A O   1 
ATOM   1379 C CB  . LEU A 1 175 ? -0.527  5.928   15.193  1.00 53.95 ? 175 LEU A CB  1 
ATOM   1380 C CG  . LEU A 1 175 ? -1.630  5.030   15.748  1.00 54.37 ? 175 LEU A CG  1 
ATOM   1381 C CD1 . LEU A 1 175 ? -2.422  4.423   14.596  1.00 57.22 ? 175 LEU A CD1 1 
ATOM   1382 C CD2 . LEU A 1 175 ? -1.013  3.933   16.598  1.00 58.82 ? 175 LEU A CD2 1 
HETATM 1383 C C1  . BME B 2 .   ? -0.919  14.248  -1.245  1.00 51.53 ? 600 BME A C1  1 
HETATM 1384 C C2  . BME B 2 .   ? -0.904  15.441  -2.189  1.00 52.50 ? 600 BME A C2  1 
HETATM 1385 O O1  . BME B 2 .   ? -1.985  13.767  -0.827  1.00 54.28 ? 600 BME A O1  1 
HETATM 1386 S S2  . BME B 2 .   ? -0.095  15.157  -3.791  1.00 67.16 ? 600 BME A S2  1 
HETATM 1387 C CG  A EGD C 3 .   ? 25.773  2.892   -1.807  0.50 45.59 ? 300 EGD A CG  1 
HETATM 1388 C CG  B EGD C 3 .   ? 26.798  0.623   -0.741  0.50 45.59 ? 300 EGD A CG  1 
HETATM 1389 C CD  A EGD C 3 .   ? 25.160  1.526   -2.111  0.50 41.64 ? 300 EGD A CD  1 
HETATM 1390 C CD  B EGD C 3 .   ? 25.802  -0.259  -1.496  0.50 41.64 ? 300 EGD A CD  1 
HETATM 1391 N NE  A EGD C 3 .   ? 23.909  1.312   -1.363  0.50 28.66 ? 300 EGD A NE  1 
HETATM 1392 N NE  B EGD C 3 .   ? 24.613  -0.447  -0.640  0.50 36.82 ? 300 EGD A NE  1 
HETATM 1393 C CZ  A EGD C 3 .   ? 23.644  0.263   -0.569  0.50 33.01 ? 300 EGD A CZ  1 
HETATM 1394 C CZ  B EGD C 3 .   ? 23.544  0.343   -0.687  0.50 33.01 ? 300 EGD A CZ  1 
HETATM 1395 N NH1 A EGD C 3 .   ? 24.540  -0.708  -0.392  0.50 36.82 ? 300 EGD A NH1 1 
HETATM 1396 N NH1 B EGD C 3 .   ? 23.501  1.369   -1.545  0.50 28.66 ? 300 EGD A NH1 1 
HETATM 1397 N NH2 A EGD C 3 .   ? 22.471  0.175   0.057   0.50 30.42 ? 300 EGD A NH2 1 
HETATM 1398 N NH2 B EGD C 3 .   ? 22.521  0.106   0.122   0.50 30.42 ? 300 EGD A NH2 1 
HETATM 1399 O O   . HOH D 4 .   ? 10.657  2.282   0.731   1.00 16.48 ? 601 HOH A O   1 
HETATM 1400 O O   . HOH D 4 .   ? -5.160  1.373   14.820  1.00 20.25 ? 602 HOH A O   1 
HETATM 1401 O O   . HOH D 4 .   ? -8.505  8.699   10.560  1.00 18.33 ? 603 HOH A O   1 
HETATM 1402 O O   . HOH D 4 .   ? -4.868  0.479   2.706   1.00 18.83 ? 604 HOH A O   1 
HETATM 1403 O O   . HOH D 4 .   ? 18.634  0.891   -12.541 1.00 18.36 ? 605 HOH A O   1 
HETATM 1404 O O   . HOH D 4 .   ? 8.275   2.576   -0.604  1.00 20.98 ? 606 HOH A O   1 
HETATM 1405 O O   . HOH D 4 .   ? -7.221  -0.147  13.709  1.00 21.60 ? 607 HOH A O   1 
HETATM 1406 O O   . HOH D 4 .   ? 13.879  3.167   -8.581  1.00 16.67 ? 608 HOH A O   1 
HETATM 1407 O O   . HOH D 4 .   ? -3.233  -4.608  10.005  1.00 21.66 ? 609 HOH A O   1 
HETATM 1408 O O   . HOH D 4 .   ? -1.750  14.190  2.325   1.00 22.68 ? 610 HOH A O   1 
HETATM 1409 O O   . HOH D 4 .   ? -16.941 12.110  -2.719  1.00 21.40 ? 611 HOH A O   1 
HETATM 1410 O O   . HOH D 4 .   ? 4.390   8.857   10.425  1.00 21.93 ? 612 HOH A O   1 
HETATM 1411 O O   . HOH D 4 .   ? 5.421   15.253  7.129   1.00 19.41 ? 613 HOH A O   1 
HETATM 1412 O O   . HOH D 4 .   ? -5.795  17.560  6.900   1.00 30.88 ? 614 HOH A O   1 
HETATM 1413 O O   . HOH D 4 .   ? -11.671 18.303  -2.625  1.00 23.21 ? 615 HOH A O   1 
HETATM 1414 O O   . HOH D 4 .   ? -15.341 -8.027  7.491   1.00 28.76 ? 616 HOH A O   1 
HETATM 1415 O O   . HOH D 4 .   ? -22.343 -3.410  2.110   1.00 26.66 ? 617 HOH A O   1 
HETATM 1416 O O   . HOH D 4 .   ? 10.524  2.913   -6.268  1.00 20.30 ? 618 HOH A O   1 
HETATM 1417 O O   . HOH D 4 .   ? 13.953  9.519   -8.250  1.00 32.93 ? 619 HOH A O   1 
HETATM 1418 O O   . HOH D 4 .   ? 9.963   9.829   1.310   1.00 24.04 ? 620 HOH A O   1 
HETATM 1419 O O   . HOH D 4 .   ? 22.248  6.384   1.852   1.00 31.88 ? 621 HOH A O   1 
HETATM 1420 O O   . HOH D 4 .   ? -18.102 2.642   -8.842  1.00 33.18 ? 622 HOH A O   1 
HETATM 1421 O O   . HOH D 4 .   ? -17.709 -3.828  -5.228  1.00 29.00 ? 623 HOH A O   1 
HETATM 1422 O O   . HOH D 4 .   ? -0.246  -3.532  5.898   1.00 18.00 ? 624 HOH A O   1 
HETATM 1423 O O   . HOH D 4 .   ? -1.108  -6.403  2.498   1.00 47.49 ? 625 HOH A O   1 
HETATM 1424 O O   . HOH D 4 .   ? -8.615  3.331   -16.863 1.00 29.58 ? 626 HOH A O   1 
HETATM 1425 O O   . HOH D 4 .   ? -15.264 -5.263  -9.790  1.00 41.74 ? 627 HOH A O   1 
HETATM 1426 O O   . HOH D 4 .   ? -11.082 -12.816 9.340   1.00 14.93 ? 628 HOH A O   1 
HETATM 1427 O O   . HOH D 4 .   ? 1.726   16.618  9.436   1.00 28.01 ? 629 HOH A O   1 
HETATM 1428 O O   . HOH D 4 .   ? -14.130 -9.996  9.099   1.00 33.93 ? 630 HOH A O   1 
HETATM 1429 O O   . HOH D 4 .   ? 1.627   4.677   -11.615 1.00 34.65 ? 631 HOH A O   1 
HETATM 1430 O O   . HOH D 4 .   ? 20.275  7.075   5.587   1.00 28.82 ? 632 HOH A O   1 
HETATM 1431 O O   . HOH D 4 .   ? -15.601 -10.265 5.964   1.00 30.85 ? 633 HOH A O   1 
HETATM 1432 O O   . HOH D 4 .   ? 3.696   2.215   -5.798  1.00 43.26 ? 634 HOH A O   1 
HETATM 1433 O O   . HOH D 4 .   ? 16.687  4.803   -6.773  1.00 28.71 ? 635 HOH A O   1 
HETATM 1434 O O   . HOH D 4 .   ? -6.249  3.893   15.359  1.00 27.91 ? 636 HOH A O   1 
HETATM 1435 O O   . HOH D 4 .   ? 10.621  8.033   7.095   1.00 41.03 ? 637 HOH A O   1 
HETATM 1436 O O   . HOH D 4 .   ? -0.138  -1.547  9.327   1.00 20.54 ? 638 HOH A O   1 
HETATM 1437 O O   . HOH D 4 .   ? -19.061 -4.617  7.102   1.00 26.19 ? 639 HOH A O   1 
HETATM 1438 O O   . HOH D 4 .   ? -12.983 1.326   10.825  1.00 28.57 ? 640 HOH A O   1 
HETATM 1439 O O   . HOH D 4 .   ? -7.449  15.391  -11.028 1.00 38.10 ? 641 HOH A O   1 
HETATM 1440 O O   . HOH D 4 .   ? 23.869  4.257   0.789   1.00 40.77 ? 642 HOH A O   1 
HETATM 1441 O O   . HOH D 4 .   ? 15.831  10.109  0.354   1.00 24.94 ? 643 HOH A O   1 
HETATM 1442 O O   . HOH D 4 .   ? 15.744  6.445   -8.607  1.00 27.37 ? 644 HOH A O   1 
HETATM 1443 O O   . HOH D 4 .   ? -16.644 -0.828  8.495   1.00 27.52 ? 645 HOH A O   1 
HETATM 1444 O O   . HOH D 4 .   ? 21.102  -0.150  6.642   1.00 32.54 ? 646 HOH A O   1 
HETATM 1445 O O   . HOH D 4 .   ? -15.634 13.462  -9.786  1.00 26.24 ? 647 HOH A O   1 
HETATM 1446 O O   . HOH D 4 .   ? 22.001  5.021   -3.100  1.00 31.12 ? 648 HOH A O   1 
HETATM 1447 O O   . HOH D 4 .   ? -2.554  -2.311  -10.536 1.00 39.53 ? 649 HOH A O   1 
HETATM 1448 O O   . HOH D 4 .   ? -15.914 15.003  0.931   1.00 26.01 ? 650 HOH A O   1 
HETATM 1449 O O   . HOH D 4 .   ? 0.985   -6.997  0.053   1.00 40.23 ? 651 HOH A O   1 
HETATM 1450 O O   . HOH D 4 .   ? 13.029  -3.024  -9.244  1.00 23.35 ? 652 HOH A O   1 
HETATM 1451 O O   . HOH D 4 .   ? 11.495  -2.735  -7.158  1.00 32.18 ? 653 HOH A O   1 
HETATM 1452 O O   . HOH D 4 .   ? 1.756   17.944  6.884   1.00 26.11 ? 654 HOH A O   1 
HETATM 1453 O O   . HOH D 4 .   ? 5.269   -1.174  -3.906  1.00 29.77 ? 655 HOH A O   1 
HETATM 1454 O O   . HOH D 4 .   ? 3.129   13.614  -9.113  1.00 33.37 ? 656 HOH A O   1 
HETATM 1455 O O   . HOH D 4 .   ? 24.086  -2.701  1.662   1.00 35.03 ? 657 HOH A O   1 
HETATM 1456 O O   . HOH D 4 .   ? -9.115  -0.508  -13.587 1.00 37.48 ? 658 HOH A O   1 
HETATM 1457 O O   . HOH D 4 .   ? 7.228   -11.666 -8.363  1.00 40.18 ? 659 HOH A O   1 
HETATM 1458 O O   . HOH D 4 .   ? 10.296  -11.873 6.782   1.00 30.47 ? 660 HOH A O   1 
HETATM 1459 O O   . HOH D 4 .   ? 25.230  -7.851  2.798   1.00 38.24 ? 661 HOH A O   1 
HETATM 1460 O O   . HOH D 4 .   ? 15.206  11.378  2.617   1.00 25.78 ? 662 HOH A O   1 
HETATM 1461 O O   . HOH D 4 .   ? -8.126  8.911   -16.094 1.00 37.37 ? 663 HOH A O   1 
HETATM 1462 O O   . HOH D 4 .   ? 3.716   -0.693  -2.013  1.00 39.52 ? 664 HOH A O   1 
HETATM 1463 O O   . HOH D 4 .   ? -8.153  -13.796 4.790   1.00 36.84 ? 665 HOH A O   1 
HETATM 1464 O O   . HOH D 4 .   ? -22.996 -0.731  2.667   1.00 25.03 ? 666 HOH A O   1 
HETATM 1465 O O   . HOH D 4 .   ? -3.844  -4.021  -8.231  1.00 33.17 ? 667 HOH A O   1 
HETATM 1466 O O   . HOH D 4 .   ? 7.484   3.401   -8.081  1.00 43.18 ? 668 HOH A O   1 
HETATM 1467 O O   . HOH D 4 .   ? 20.064  4.329   7.605   1.00 32.09 ? 669 HOH A O   1 
HETATM 1468 O O   . HOH D 4 .   ? 3.595   -3.321  -0.157  1.00 35.12 ? 670 HOH A O   1 
HETATM 1469 O O   . HOH D 4 .   ? 19.085  5.333   -5.658  1.00 34.36 ? 671 HOH A O   1 
HETATM 1470 O O   . HOH D 4 .   ? 4.754   1.690   11.765  1.00 31.13 ? 672 HOH A O   1 
HETATM 1471 O O   . HOH D 4 .   ? 6.969   -14.188 7.390   1.00 27.18 ? 673 HOH A O   1 
HETATM 1472 O O   . HOH D 4 .   ? -25.642 9.204   3.061   1.00 44.34 ? 674 HOH A O   1 
HETATM 1473 O O   . HOH D 4 .   ? -3.532  -8.003  2.429   1.00 48.31 ? 675 HOH A O   1 
HETATM 1474 O O   . HOH D 4 .   ? 16.745  -10.356 4.132   1.00 52.02 ? 676 HOH A O   1 
HETATM 1475 O O   . HOH D 4 .   ? 23.299  -7.174  -4.176  1.00 30.23 ? 677 HOH A O   1 
HETATM 1476 O O   . HOH D 4 .   ? 0.632   -15.316 4.788   1.00 41.98 ? 678 HOH A O   1 
HETATM 1477 O O   . HOH D 4 .   ? -7.863  -1.797  15.650  1.00 36.46 ? 679 HOH A O   1 
HETATM 1478 O O   . HOH D 4 .   ? 9.906   -5.076  -8.230  1.00 32.15 ? 680 HOH A O   1 
HETATM 1479 O O   . HOH D 4 .   ? -11.888 -9.357  11.007  1.00 41.88 ? 681 HOH A O   1 
HETATM 1480 O O   . HOH D 4 .   ? 19.961  -5.829  -10.346 1.00 37.18 ? 682 HOH A O   1 
HETATM 1481 O O   . HOH D 4 .   ? -1.486  -2.361  13.160  1.00 48.22 ? 683 HOH A O   1 
HETATM 1482 O O   . HOH D 4 .   ? -19.510 13.660  -5.221  1.00 33.44 ? 684 HOH A O   1 
HETATM 1483 O O   . HOH D 4 .   ? 10.529  7.127   9.306   1.00 47.24 ? 685 HOH A O   1 
HETATM 1484 O O   . HOH D 4 .   ? -24.111 -3.479  -5.587  1.00 56.50 ? 686 HOH A O   1 
HETATM 1485 O O   . HOH D 4 .   ? 4.533   8.097   14.226  1.00 48.29 ? 687 HOH A O   1 
HETATM 1486 O O   . HOH D 4 .   ? 14.246  5.396   11.665  1.00 43.91 ? 688 HOH A O   1 
HETATM 1487 O O   . HOH D 4 .   ? 2.151   -3.154  2.237   1.00 45.69 ? 689 HOH A O   1 
HETATM 1488 O O   . HOH D 4 .   ? 3.176   0.535   -3.963  1.00 35.56 ? 690 HOH A O   1 
HETATM 1489 O O   . HOH D 4 .   ? 3.105   -5.312  2.686   1.00 39.51 ? 691 HOH A O   1 
HETATM 1490 O O   . HOH D 4 .   ? 7.371   -2.395  -6.494  1.00 44.66 ? 692 HOH A O   1 
HETATM 1491 O O   . HOH D 4 .   ? 7.917   11.817  -3.940  1.00 56.90 ? 693 HOH A O   1 
HETATM 1492 O O   . HOH D 4 .   ? 11.468  -13.841 -5.518  1.00 43.84 ? 694 HOH A O   1 
HETATM 1493 O O   . HOH D 4 .   ? 5.530   -12.297 7.086   1.00 34.09 ? 695 HOH A O   1 
HETATM 1494 O O   . HOH D 4 .   ? -25.986 3.216   -1.217  1.00 66.04 ? 696 HOH A O   1 
HETATM 1495 O O   . HOH D 4 .   ? -1.450  -14.236 5.112   1.00 41.03 ? 697 HOH A O   1 
HETATM 1496 O O   . HOH D 4 .   ? 1.747   -7.773  5.919   1.00 44.30 ? 698 HOH A O   1 
HETATM 1497 O O   . HOH D 4 .   ? -0.603  14.846  12.983  1.00 45.91 ? 699 HOH A O   1 
HETATM 1498 O O   . HOH D 4 .   ? 0.288   -8.225  -3.507  1.00 67.49 ? 700 HOH A O   1 
HETATM 1499 O O   . HOH D 4 .   ? -5.321  -10.639 9.625   1.00 48.18 ? 701 HOH A O   1 
HETATM 1500 O O   . HOH D 4 .   ? -15.676 5.306   -10.567 1.00 33.46 ? 702 HOH A O   1 
HETATM 1501 O O   . HOH D 4 .   ? 15.337  -2.247  9.877   1.00 33.61 ? 703 HOH A O   1 
HETATM 1502 O O   . HOH D 4 .   ? -15.041 3.326   10.666  1.00 42.85 ? 704 HOH A O   1 
HETATM 1503 O O   . HOH D 4 .   ? -16.886 -2.489  -3.338  1.00 25.49 ? 705 HOH A O   1 
HETATM 1504 O O   . HOH D 4 .   ? -8.180  15.621  11.417  1.00 24.38 ? 706 HOH A O   1 
HETATM 1505 O O   . HOH D 4 .   ? 27.164  -2.580  0.349   1.00 47.77 ? 707 HOH A O   1 
HETATM 1506 O O   . HOH D 4 .   ? -0.649  3.909   19.836  1.00 44.98 ? 708 HOH A O   1 
HETATM 1507 O O   . HOH D 4 .   ? -13.328 8.639   -15.771 1.00 36.38 ? 709 HOH A O   1 
HETATM 1508 O O   . HOH D 4 .   ? -21.584 -5.726  7.649   1.00 51.01 ? 710 HOH A O   1 
HETATM 1509 O O   . HOH D 4 .   ? -9.937  -2.645  -12.547 1.00 50.85 ? 711 HOH A O   1 
HETATM 1510 O O   . HOH D 4 .   ? 3.103   4.394   14.668  1.00 48.24 ? 712 HOH A O   1 
HETATM 1511 O O   . HOH D 4 .   ? -24.896 11.293  1.041   1.00 36.55 ? 713 HOH A O   1 
HETATM 1512 O O   . HOH D 4 .   ? -25.627 11.282  -2.454  1.00 49.58 ? 714 HOH A O   1 
HETATM 1513 O O   . HOH D 4 .   ? -24.720 3.153   -3.977  1.00 44.58 ? 715 HOH A O   1 
HETATM 1514 O O   . HOH D 4 .   ? -10.732 3.378   13.913  1.00 42.18 ? 716 HOH A O   1 
HETATM 1515 O O   . HOH D 4 .   ? -10.470 16.864  8.643   1.00 41.41 ? 717 HOH A O   1 
HETATM 1516 O O   . HOH D 4 .   ? 20.748  -11.426 -6.713  1.00 42.94 ? 718 HOH A O   1 
HETATM 1517 O O   . HOH D 4 .   ? 14.951  -4.828  9.688   1.00 47.15 ? 719 HOH A O   1 
HETATM 1518 O O   . HOH D 4 .   ? 13.324  11.237  7.613   1.00 47.34 ? 720 HOH A O   1 
HETATM 1519 O O   . HOH D 4 .   ? 21.650  -8.577  -7.447  1.00 37.86 ? 721 HOH A O   1 
HETATM 1520 O O   . HOH D 4 .   ? 11.858  5.566   12.101  1.00 45.40 ? 722 HOH A O   1 
HETATM 1521 O O   . HOH D 4 .   ? -17.515 1.263   9.939   1.00 34.60 ? 723 HOH A O   1 
HETATM 1522 O O   . HOH D 4 .   ? 2.078   -2.895  -2.710  1.00 41.89 ? 724 HOH A O   1 
HETATM 1523 O O   . HOH D 4 .   ? -7.343  7.355   17.704  1.00 45.52 ? 725 HOH A O   1 
HETATM 1524 O O   . HOH D 4 .   ? -8.922  -5.672  14.314  1.00 49.32 ? 726 HOH A O   1 
HETATM 1525 O O   . HOH D 4 .   ? -0.760  2.170   -11.591 1.00 43.46 ? 727 HOH A O   1 
HETATM 1526 O O   . HOH D 4 .   ? 6.505   -3.457  8.685   1.00 44.93 ? 728 HOH A O   1 
HETATM 1527 O O   . HOH D 4 .   ? -4.233  14.229  0.306   1.00 47.22 ? 729 HOH A O   1 
HETATM 1528 O O   . HOH D 4 .   ? -12.013 16.157  5.513   1.00 33.00 ? 730 HOH A O   1 
HETATM 1529 O O   . HOH D 4 .   ? 7.866   -1.626  5.176   1.00 20.85 ? 731 HOH A O   1 
HETATM 1530 O O   . HOH D 4 .   ? -11.469 15.039  14.989  1.00 44.60 ? 732 HOH A O   1 
HETATM 1531 O O   . HOH D 4 .   ? -14.668 -2.437  11.706  1.00 33.85 ? 733 HOH A O   1 
HETATM 1532 O O   . HOH D 4 .   ? 27.017  -5.522  -10.332 1.00 58.06 ? 734 HOH A O   1 
HETATM 1533 O O   . HOH D 4 .   ? 11.604  0.857   11.970  1.00 47.36 ? 735 HOH A O   1 
HETATM 1534 O O   . HOH D 4 .   ? -1.057  1.148   -8.779  1.00 47.90 ? 736 HOH A O   1 
HETATM 1535 O O   . HOH D 4 .   ? -3.304  12.767  23.071  1.00 53.15 ? 737 HOH A O   1 
HETATM 1536 O O   . HOH D 4 .   ? 13.811  -6.376  7.942   1.00 54.93 ? 738 HOH A O   1 
HETATM 1537 O O   . HOH D 4 .   ? -19.877 9.526   8.734   1.00 51.97 ? 739 HOH A O   1 
HETATM 1538 O O   . HOH D 4 .   ? 7.487   -18.325 -5.758  1.00 61.23 ? 740 HOH A O   1 
HETATM 1539 O O   . HOH D 4 .   ? 22.513  4.306   -5.967  1.00 43.18 ? 741 HOH A O   1 
HETATM 1540 O O   . HOH D 4 .   ? 12.660  9.813   -4.180  1.00 41.16 ? 742 HOH A O   1 
HETATM 1541 O O   . HOH D 4 .   ? 15.422  7.160   14.315  1.00 66.47 ? 743 HOH A O   1 
HETATM 1542 O O   . HOH D 4 .   ? -5.245  2.914   -16.152 1.00 47.25 ? 744 HOH A O   1 
HETATM 1543 O O   . HOH D 4 .   ? -16.631 14.041  9.999   1.00 46.71 ? 745 HOH A O   1 
HETATM 1544 O O   . HOH D 4 .   ? -17.200 7.375   -10.250 1.00 56.09 ? 746 HOH A O   1 
HETATM 1545 O O   . HOH D 4 .   ? 8.853   -0.241  11.375  1.00 32.42 ? 747 HOH A O   1 
HETATM 1546 O O   . HOH D 4 .   ? 10.053  -24.062 5.233   1.00 53.99 ? 748 HOH A O   1 
HETATM 1547 O O   . HOH D 4 .   ? -14.731 15.883  8.193   1.00 39.70 ? 749 HOH A O   1 
HETATM 1548 O O   . HOH D 4 .   ? 3.776   -16.959 -4.493  1.00 58.88 ? 750 HOH A O   1 
HETATM 1549 O O   . HOH D 4 .   ? 5.081   -20.715 -3.968  1.00 66.66 ? 751 HOH A O   1 
HETATM 1550 O O   . HOH D 4 .   ? 3.805   19.625  7.776   1.00 33.30 ? 752 HOH A O   1 
HETATM 1551 O O   . HOH D 4 .   ? 5.940   17.910  7.184   1.00 24.34 ? 753 HOH A O   1 
HETATM 1552 O O   . HOH D 4 .   ? 6.992   12.600  10.835  1.00 39.12 ? 754 HOH A O   1 
HETATM 1553 O O   . HOH D 4 .   ? 6.607   10.116  9.448   1.00 27.13 ? 755 HOH A O   1 
HETATM 1554 O O   . HOH D 4 .   ? 4.576   17.057  11.144  1.00 52.01 ? 756 HOH A O   1 
HETATM 1555 O O   . HOH D 4 .   ? 7.920   1.846   13.388  1.00 48.47 ? 757 HOH A O   1 
HETATM 1556 O O   . HOH D 4 .   ? 0.571   -5.681  4.324   1.00 34.77 ? 758 HOH A O   1 
HETATM 1557 O O   . HOH D 4 .   ? -0.862  -4.322  8.174   1.00 33.20 ? 759 HOH A O   1 
HETATM 1558 O O   . HOH D 4 .   ? 11.394  0.989   -8.378  1.00 13.37 ? 760 HOH A O   1 
HETATM 1559 O O   . HOH D 4 .   ? 7.301   7.354   -9.508  1.00 38.54 ? 761 HOH A O   1 
HETATM 1560 O O   . HOH D 4 .   ? 0.198   -5.200  -5.583  1.00 51.86 ? 762 HOH A O   1 
HETATM 1561 O O   . HOH D 4 .   ? 3.647   10.566  11.993  1.00 37.97 ? 763 HOH A O   1 
HETATM 1562 O O   . HOH D 4 .   ? 5.726   6.938   12.289  1.00 27.30 ? 764 HOH A O   1 
HETATM 1563 O O   . HOH D 4 .   ? 2.600   -2.937  6.946   1.00 29.53 ? 765 HOH A O   1 
HETATM 1564 O O   . HOH D 4 .   ? 5.129   -1.082  12.076  1.00 34.72 ? 766 HOH A O   1 
HETATM 1565 O O   . HOH D 4 .   ? 5.037   4.244   13.377  1.00 41.26 ? 767 HOH A O   1 
HETATM 1566 O O   . HOH D 4 .   ? 4.568   -4.111  5.688   1.00 44.78 ? 768 HOH A O   1 
HETATM 1567 O O   . HOH D 4 .   ? 3.647   -3.264  9.142   1.00 50.56 ? 769 HOH A O   1 
HETATM 1568 O O   . HOH D 4 .   ? 8.552   -0.433  -8.293  1.00 39.21 ? 770 HOH A O   1 
HETATM 1569 O O   . HOH D 4 .   ? -16.461 -1.747  -13.628 1.00 48.46 ? 771 HOH A O   1 
HETATM 1570 O O   . HOH D 4 .   ? 18.970  -12.735 -9.756  1.00 50.07 ? 772 HOH A O   1 
HETATM 1571 O O   . HOH D 4 .   ? 23.782  -10.044 -3.616  1.00 37.50 ? 773 HOH A O   1 
HETATM 1572 O O   . HOH D 4 .   ? 21.134  -0.012  -12.476 1.00 30.88 ? 774 HOH A O   1 
HETATM 1573 O O   . HOH D 4 .   ? 21.356  -3.236  -11.302 1.00 44.62 ? 775 HOH A O   1 
HETATM 1574 O O   . HOH D 4 .   ? 24.740  -4.847  -12.265 1.00 60.54 ? 776 HOH A O   1 
HETATM 1575 O O   . HOH D 4 .   ? 25.294  1.847   2.465   1.00 37.30 ? 777 HOH A O   1 
HETATM 1576 O O   . HOH D 4 .   ? 23.537  -0.272  5.522   1.00 35.78 ? 778 HOH A O   1 
HETATM 1577 O O   . HOH D 4 .   ? 18.957  7.981   -1.531  1.00 35.42 ? 779 HOH A O   1 
HETATM 1578 O O   . HOH D 4 .   ? 19.685  6.547   -3.673  1.00 48.26 ? 780 HOH A O   1 
HETATM 1579 O O   . HOH D 4 .   ? 20.830  -2.118  8.289   1.00 35.88 ? 781 HOH A O   1 
HETATM 1580 O O   . HOH D 4 .   ? 25.407  1.960   5.373   1.00 51.33 ? 782 HOH A O   1 
HETATM 1581 O O   . HOH D 4 .   ? 18.547  4.227   10.062  1.00 35.37 ? 783 HOH A O   1 
HETATM 1582 O O   . HOH D 4 .   ? 0.538   1.201   -5.717  1.00 51.61 ? 784 HOH A O   1 
HETATM 1583 O O   . HOH D 4 .   ? -18.149 15.901  -4.861  1.00 18.44 ? 785 HOH A O   1 
HETATM 1584 O O   . HOH D 4 .   ? -6.758  18.955  -1.707  1.00 33.93 ? 786 HOH A O   1 
HETATM 1585 O O   . HOH D 4 .   ? -22.505 10.150  -7.958  1.00 56.71 ? 787 HOH A O   1 
HETATM 1586 O O   . HOH D 4 .   ? -23.982 11.761  -6.311  1.00 50.98 ? 788 HOH A O   1 
HETATM 1587 O O   . HOH D 4 .   ? -21.563 11.391  7.696   1.00 54.86 ? 789 HOH A O   1 
HETATM 1588 O O   . HOH D 4 .   ? -18.221 -3.034  9.167   1.00 35.58 ? 790 HOH A O   1 
HETATM 1589 O O   . HOH D 4 .   ? -18.124 -7.207  7.702   1.00 30.43 ? 791 HOH A O   1 
HETATM 1590 O O   . HOH D 4 .   ? -19.892 2.673   9.198   1.00 31.30 ? 792 HOH A O   1 
HETATM 1591 O O   . HOH D 4 .   ? -14.881 -0.151  -10.691 1.00 45.09 ? 793 HOH A O   1 
HETATM 1592 O O   . HOH D 4 .   ? -23.946 6.255   4.482   1.00 27.77 ? 794 HOH A O   1 
HETATM 1593 O O   . HOH D 4 .   ? -14.094 -0.780  9.953   1.00 29.72 ? 795 HOH A O   1 
HETATM 1594 O O   . HOH D 4 .   ? 3.316   -1.117  10.480  1.00 24.92 ? 796 HOH A O   1 
HETATM 1595 O O   . HOH D 4 .   ? 22.645  -12.189 -4.748  1.00 30.45 ? 797 HOH A O   1 
HETATM 1596 O O   . HOH D 4 .   ? 5.388   8.650   -10.951 1.00 32.64 ? 798 HOH A O   1 
HETATM 1597 O O   . HOH D 4 .   ? -0.771  -6.102  -3.571  1.00 63.33 ? 799 HOH A O   1 
HETATM 1598 O O   . HOH D 4 .   ? 1.022   -2.904  -5.192  1.00 51.15 ? 800 HOH A O   1 
HETATM 1599 O O   . HOH D 4 .   ? -24.754 -0.319  5.392   1.00 34.84 ? 801 HOH A O   1 
HETATM 1600 O O   . HOH D 4 .   ? -24.448 2.046   7.146   1.00 47.24 ? 802 HOH A O   1 
HETATM 1601 O O   . HOH D 4 .   ? -4.760  -6.758  0.527   1.00 49.16 ? 803 HOH A O   1 
HETATM 1602 O O   . HOH D 4 .   ? -6.482  -8.365  -0.788  1.00 25.10 ? 804 HOH A O   1 
HETATM 1603 O O   . HOH D 4 .   ? -10.408 5.737   15.292  1.00 74.79 ? 805 HOH A O   1 
# 
loop_
_pdbx_poly_seq_scheme.asym_id 
_pdbx_poly_seq_scheme.entity_id 
_pdbx_poly_seq_scheme.seq_id 
_pdbx_poly_seq_scheme.mon_id 
_pdbx_poly_seq_scheme.ndb_seq_num 
_pdbx_poly_seq_scheme.pdb_seq_num 
_pdbx_poly_seq_scheme.auth_seq_num 
_pdbx_poly_seq_scheme.pdb_mon_id 
_pdbx_poly_seq_scheme.auth_mon_id 
_pdbx_poly_seq_scheme.pdb_strand_id 
_pdbx_poly_seq_scheme.pdb_ins_code 
_pdbx_poly_seq_scheme.hetero 
A 1 1   MET 1   1   1   MET MET A . n 
A 1 2   ASN 2   2   2   ASN ASN A . n 
A 1 3   ILE 3   3   3   ILE ILE A . n 
A 1 4   PHE 4   4   4   PHE PHE A . n 
A 1 5   GLU 5   5   5   GLU GLU A . n 
A 1 6   MET 6   6   6   MET MET A . n 
A 1 7   LEU 7   7   7   LEU LEU A . n 
A 1 8   ARG 8   8   8   ARG ARG A . n 
A 1 9   ILE 9   9   9   ILE ILE A . n 
A 1 10  ASP 10  10  10  ASP ASP A . n 
A 1 11  GLU 11  11  11  GLU GLU A . n 
A 1 12  GLY 12  12  12  GLY GLY A . n 
A 1 13  LEU 13  13  13  LEU LEU A . n 
A 1 14  ARG 14  14  14  ARG ARG A . n 
A 1 15  LEU 15  15  15  LEU LEU A . n 
A 1 16  LYS 16  16  16  LYS LYS A . n 
A 1 17  ILE 17  17  17  ILE ILE A . n 
A 1 18  TYR 18  18  18  TYR TYR A . n 
A 1 19  LYS 19  19  19  LYS LYS A . n 
A 1 20  ASP 20  20  20  ASP ASP A . n 
A 1 21  THR 21  21  21  THR THR A . n 
A 1 22  GLU 22  22  22  GLU GLU A . n 
A 1 23  GLY 23  23  23  GLY GLY A . n 
A 1 24  TYR 24  24  24  TYR TYR A . n 
A 1 25  TYR 25  25  25  TYR TYR A . n 
A 1 26  THR 26  26  26  THR THR A . n 
A 1 27  ILE 27  27  27  ILE ILE A . n 
A 1 28  GLY 28  28  28  GLY GLY A . n 
A 1 29  ILE 29  29  29  ILE ILE A . n 
A 1 30  GLY 30  30  30  GLY GLY A . n 
A 1 31  HIS 31  31  31  HIS HIS A . n 
A 1 32  LEU 32  32  32  LEU LEU A . n 
A 1 33  LEU 33  33  33  LEU LEU A . n 
A 1 34  THR 34  34  34  THR THR A . n 
A 1 35  LYS 35  35  35  LYS LYS A . n 
A 1 36  SER 36  36  36  SER SER A . n 
A 1 37  PRO 37  37  37  PRO PRO A . n 
A 1 38  SER 38  38  38  SER SER A . n 
A 1 39  ILE 39  39  39  ILE ILE A . n 
A 1 40  ASN 40  40  40  ASN ASN A . n 
A 1 41  ALA 41  41  41  ALA ALA A . n 
A 1 42  ALA 42  42  42  ALA ALA A . n 
A 1 43  LYS 43  43  43  LYS LYS A . n 
A 1 44  SER 44  44  44  SER SER A . n 
A 1 45  GLU 45  45  45  GLU GLU A . n 
A 1 46  LEU 46  46  46  LEU LEU A . n 
A 1 47  ASP 47  47  47  ASP ASP A . n 
A 1 48  LYS 48  48  48  LYS LYS A . n 
A 1 49  ALA 49  49  49  ALA ALA A . n 
A 1 50  ILE 50  50  50  ILE ILE A . n 
A 1 51  ASN 51  51  51  ASN ASN A . n 
A 1 52  ALA 52  52  52  ALA ALA A . n 
A 1 53  ALA 53  53  53  ALA ALA A . n 
A 1 54  LYS 54  54  54  LYS LYS A . n 
A 1 55  SER 55  55  55  SER SER A . n 
A 1 56  GLU 56  56  56  GLU GLU A . n 
A 1 57  LEU 57  57  57  LEU LEU A . n 
A 1 58  ASP 58  58  58  ASP ASP A . n 
A 1 59  LYS 59  59  59  LYS LYS A . n 
A 1 60  ALA 60  60  60  ALA ALA A . n 
A 1 61  ILE 61  61  61  ILE ILE A . n 
A 1 62  GLY 62  62  62  GLY GLY A . n 
A 1 63  ALA 63  63  63  ALA ALA A . n 
A 1 64  ASN 64  64  64  ASN ASN A . n 
A 1 65  THR 65  65  65  THR THR A . n 
A 1 66  ASN 66  66  66  ASN ASN A . n 
A 1 67  GLY 67  67  67  GLY GLY A . n 
A 1 68  VAL 68  68  68  VAL VAL A . n 
A 1 69  ILE 69  69  69  ILE ILE A . n 
A 1 70  THR 70  70  70  THR THR A . n 
A 1 71  LYS 71  71  71  LYS LYS A . n 
A 1 72  ASP 72  72  72  ASP ASP A . n 
A 1 73  GLU 73  73  73  GLU GLU A . n 
A 1 74  ALA 74  74  74  ALA ALA A . n 
A 1 75  GLU 75  75  75  GLU GLU A . n 
A 1 76  LYS 76  76  76  LYS LYS A . n 
A 1 77  LEU 77  77  77  LEU LEU A . n 
A 1 78  PHE 78  78  78  PHE PHE A . n 
A 1 79  ASN 79  79  79  ASN ASN A . n 
A 1 80  GLN 80  80  80  GLN GLN A . n 
A 1 81  ASP 81  81  81  ASP ASP A . n 
A 1 82  VAL 82  82  82  VAL VAL A . n 
A 1 83  ASP 83  83  83  ASP ASP A . n 
A 1 84  ALA 84  84  84  ALA ALA A . n 
A 1 85  ALA 85  85  85  ALA ALA A . n 
A 1 86  VAL 86  86  86  VAL VAL A . n 
A 1 87  ARG 87  87  87  ARG ARG A . n 
A 1 88  GLY 88  88  88  GLY GLY A . n 
A 1 89  ILE 89  89  89  ILE ILE A . n 
A 1 90  LEU 90  90  90  LEU LEU A . n 
A 1 91  ARG 91  91  91  ARG ARG A . n 
A 1 92  ASN 92  92  92  ASN ASN A . n 
A 1 93  ALA 93  93  93  ALA ALA A . n 
A 1 94  LYS 94  94  94  LYS LYS A . n 
A 1 95  LEU 95  95  95  LEU LEU A . n 
A 1 96  LYS 96  96  96  LYS LYS A . n 
A 1 97  PRO 97  97  97  PRO PRO A . n 
A 1 98  VAL 98  98  98  VAL VAL A . n 
A 1 99  TYR 99  99  99  TYR TYR A . n 
A 1 100 ASP 100 100 100 ASP ASP A . n 
A 1 101 SER 101 101 101 SER SER A . n 
A 1 102 LEU 102 102 102 LEU LEU A . n 
A 1 103 ASP 103 103 103 ASP ASP A . n 
A 1 104 ALA 104 104 104 ALA ALA A . n 
A 1 105 VAL 105 105 105 VAL VAL A . n 
A 1 106 ARG 106 106 106 ARG ARG A . n 
A 1 107 ARG 107 107 107 ARG ARG A . n 
A 1 108 ALA 108 108 108 ALA ALA A . n 
A 1 109 ALA 109 109 109 ALA ALA A . n 
A 1 110 LEU 110 110 110 LEU LEU A . n 
A 1 111 ILE 111 111 111 ILE ILE A . n 
A 1 112 ASN 112 112 112 ASN ASN A . n 
A 1 113 MET 113 113 113 MET MET A . n 
A 1 114 VAL 114 114 114 VAL VAL A . n 
A 1 115 PHE 115 115 115 PHE PHE A . n 
A 1 116 GLN 116 116 116 GLN GLN A . n 
A 1 117 MET 117 117 117 MET MET A . n 
A 1 118 GLY 118 118 118 GLY GLY A . n 
A 1 119 GLU 119 119 119 GLU GLU A . n 
A 1 120 THR 120 120 120 THR THR A . n 
A 1 121 GLY 121 121 121 GLY GLY A . n 
A 1 122 VAL 122 122 122 VAL VAL A . n 
A 1 123 ALA 123 123 123 ALA ALA A . n 
A 1 124 GLY 124 124 124 GLY GLY A . n 
A 1 125 PHE 125 125 125 PHE PHE A . n 
A 1 126 THR 126 126 126 THR THR A . n 
A 1 127 ASN 127 127 127 ASN ASN A . n 
A 1 128 SER 128 128 128 SER SER A . n 
A 1 129 LEU 129 129 129 LEU LEU A . n 
A 1 130 ARG 130 130 130 ARG ARG A . n 
A 1 131 MET 131 131 131 MET MET A . n 
A 1 132 LEU 132 132 132 LEU LEU A . n 
A 1 133 GLN 133 133 133 GLN GLN A . n 
A 1 134 GLN 134 134 134 GLN GLN A . n 
A 1 135 LYS 135 135 135 LYS LYS A . n 
A 1 136 ARG 136 136 136 ARG ARG A . n 
A 1 137 TRP 137 137 137 TRP TRP A . n 
A 1 138 ASP 138 138 138 ASP ASP A . n 
A 1 139 GLU 139 139 139 GLU GLU A . n 
A 1 140 ALA 140 140 140 ALA ALA A . n 
A 1 141 ALA 141 141 141 ALA ALA A . n 
A 1 142 VAL 142 142 142 VAL VAL A . n 
A 1 143 ASN 143 143 143 ASN ASN A . n 
A 1 144 LEU 144 144 144 LEU LEU A . n 
A 1 145 ALA 145 145 145 ALA ALA A . n 
A 1 146 LYS 146 146 146 LYS LYS A . n 
A 1 147 SER 147 147 147 SER SER A . n 
A 1 148 ARG 148 148 148 ARG ARG A . n 
A 1 149 TRP 149 149 149 TRP TRP A . n 
A 1 150 TYR 150 150 150 TYR TYR A . n 
A 1 151 ASN 151 151 151 ASN ASN A . n 
A 1 152 GLN 152 152 152 GLN GLN A . n 
A 1 153 THR 153 153 153 THR THR A . n 
A 1 154 PRO 154 154 154 PRO PRO A . n 
A 1 155 ASN 155 155 155 ASN ASN A . n 
A 1 156 ARG 156 156 156 ARG ARG A . n 
A 1 157 ALA 157 157 157 ALA ALA A . n 
A 1 158 LYS 158 158 158 LYS LYS A . n 
A 1 159 ARG 159 159 159 ARG ARG A . n 
A 1 160 VAL 160 160 160 VAL VAL A . n 
A 1 161 ILE 161 161 161 ILE ILE A . n 
A 1 162 THR 162 162 162 THR THR A . n 
A 1 163 THR 163 163 163 THR THR A . n 
A 1 164 PHE 164 164 164 PHE PHE A . n 
A 1 165 ARG 165 165 165 ARG ARG A . n 
A 1 166 THR 166 166 166 THR THR A . n 
A 1 167 GLY 167 167 167 GLY GLY A . n 
A 1 168 THR 168 168 168 THR THR A . n 
A 1 169 TRP 169 169 169 TRP TRP A . n 
A 1 170 ASP 170 170 170 ASP ASP A . n 
A 1 171 ALA 171 171 171 ALA ALA A . n 
A 1 172 TYR 172 172 172 TYR TYR A . n 
A 1 173 LYS 173 173 173 LYS LYS A . n 
A 1 174 ASN 174 174 174 ASN ASN A . n 
A 1 175 LEU 175 175 175 LEU LEU A . n 
# 
loop_
_pdbx_nonpoly_scheme.asym_id 
_pdbx_nonpoly_scheme.entity_id 
_pdbx_nonpoly_scheme.mon_id 
_pdbx_nonpoly_scheme.ndb_seq_num 
_pdbx_nonpoly_scheme.pdb_seq_num 
_pdbx_nonpoly_scheme.auth_seq_num 
_pdbx_nonpoly_scheme.pdb_mon_id 
_pdbx_nonpoly_scheme.auth_mon_id 
_pdbx_nonpoly_scheme.pdb_strand_id 
_pdbx_nonpoly_scheme.pdb_ins_code 
B 2 BME 1   600 600 BME BME A . 
C 3 EGD 1   300 300 EGD EGD A . 
D 4 HOH 1   601 1   HOH HOH A . 
D 4 HOH 2   602 2   HOH HOH A . 
D 4 HOH 3   603 3   HOH HOH A . 
D 4 HOH 4   604 4   HOH HOH A . 
D 4 HOH 5   605 5   HOH HOH A . 
D 4 HOH 6   606 6   HOH HOH A . 
D 4 HOH 7   607 7   HOH HOH A . 
D 4 HOH 8   608 8   HOH HOH A . 
D 4 HOH 9   609 9   HOH HOH A . 
D 4 HOH 10  610 10  HOH HOH A . 
D 4 HOH 11  611 11  HOH HOH A . 
D 4 HOH 12  612 12  HOH HOH A . 
D 4 HOH 13  613 14  HOH HOH A . 
D 4 HOH 14  614 15  HOH HOH A . 
D 4 HOH 15  615 16  HOH HOH A . 
D 4 HOH 16  616 17  HOH HOH A . 
D 4 HOH 17  617 18  HOH HOH A . 
D 4 HOH 18  618 19  HOH HOH A . 
D 4 HOH 19  619 20  HOH HOH A . 
D 4 HOH 20  620 21  HOH HOH A . 
D 4 HOH 21  621 22  HOH HOH A . 
D 4 HOH 22  622 23  HOH HOH A . 
D 4 HOH 23  623 24  HOH HOH A . 
D 4 HOH 24  624 25  HOH HOH A . 
D 4 HOH 25  625 26  HOH HOH A . 
D 4 HOH 26  626 27  HOH HOH A . 
D 4 HOH 27  627 28  HOH HOH A . 
D 4 HOH 28  628 29  HOH HOH A . 
D 4 HOH 29  629 30  HOH HOH A . 
D 4 HOH 30  630 31  HOH HOH A . 
D 4 HOH 31  631 32  HOH HOH A . 
D 4 HOH 32  632 33  HOH HOH A . 
D 4 HOH 33  633 34  HOH HOH A . 
D 4 HOH 34  634 35  HOH HOH A . 
D 4 HOH 35  635 36  HOH HOH A . 
D 4 HOH 36  636 37  HOH HOH A . 
D 4 HOH 37  637 38  HOH HOH A . 
D 4 HOH 38  638 39  HOH HOH A . 
D 4 HOH 39  639 40  HOH HOH A . 
D 4 HOH 40  640 41  HOH HOH A . 
D 4 HOH 41  641 42  HOH HOH A . 
D 4 HOH 42  642 43  HOH HOH A . 
D 4 HOH 43  643 44  HOH HOH A . 
D 4 HOH 44  644 45  HOH HOH A . 
D 4 HOH 45  645 46  HOH HOH A . 
D 4 HOH 46  646 47  HOH HOH A . 
D 4 HOH 47  647 48  HOH HOH A . 
D 4 HOH 48  648 49  HOH HOH A . 
D 4 HOH 49  649 50  HOH HOH A . 
D 4 HOH 50  650 51  HOH HOH A . 
D 4 HOH 51  651 53  HOH HOH A . 
D 4 HOH 52  652 54  HOH HOH A . 
D 4 HOH 53  653 55  HOH HOH A . 
D 4 HOH 54  654 56  HOH HOH A . 
D 4 HOH 55  655 57  HOH HOH A . 
D 4 HOH 56  656 58  HOH HOH A . 
D 4 HOH 57  657 59  HOH HOH A . 
D 4 HOH 58  658 60  HOH HOH A . 
D 4 HOH 59  659 61  HOH HOH A . 
D 4 HOH 60  660 62  HOH HOH A . 
D 4 HOH 61  661 63  HOH HOH A . 
D 4 HOH 62  662 64  HOH HOH A . 
D 4 HOH 63  663 65  HOH HOH A . 
D 4 HOH 64  664 66  HOH HOH A . 
D 4 HOH 65  665 67  HOH HOH A . 
D 4 HOH 66  666 68  HOH HOH A . 
D 4 HOH 67  667 69  HOH HOH A . 
D 4 HOH 68  668 70  HOH HOH A . 
D 4 HOH 69  669 71  HOH HOH A . 
D 4 HOH 70  670 72  HOH HOH A . 
D 4 HOH 71  671 74  HOH HOH A . 
D 4 HOH 72  672 75  HOH HOH A . 
D 4 HOH 73  673 76  HOH HOH A . 
D 4 HOH 74  674 77  HOH HOH A . 
D 4 HOH 75  675 78  HOH HOH A . 
D 4 HOH 76  676 79  HOH HOH A . 
D 4 HOH 77  677 80  HOH HOH A . 
D 4 HOH 78  678 81  HOH HOH A . 
D 4 HOH 79  679 82  HOH HOH A . 
D 4 HOH 80  680 83  HOH HOH A . 
D 4 HOH 81  681 84  HOH HOH A . 
D 4 HOH 82  682 85  HOH HOH A . 
D 4 HOH 83  683 86  HOH HOH A . 
D 4 HOH 84  684 87  HOH HOH A . 
D 4 HOH 85  685 88  HOH HOH A . 
D 4 HOH 86  686 89  HOH HOH A . 
D 4 HOH 87  687 90  HOH HOH A . 
D 4 HOH 88  688 91  HOH HOH A . 
D 4 HOH 89  689 92  HOH HOH A . 
D 4 HOH 90  690 93  HOH HOH A . 
D 4 HOH 91  691 94  HOH HOH A . 
D 4 HOH 92  692 95  HOH HOH A . 
D 4 HOH 93  693 96  HOH HOH A . 
D 4 HOH 94  694 97  HOH HOH A . 
D 4 HOH 95  695 98  HOH HOH A . 
D 4 HOH 96  696 99  HOH HOH A . 
D 4 HOH 97  697 100 HOH HOH A . 
D 4 HOH 98  698 101 HOH HOH A . 
D 4 HOH 99  699 102 HOH HOH A . 
D 4 HOH 100 700 103 HOH HOH A . 
D 4 HOH 101 701 104 HOH HOH A . 
D 4 HOH 102 702 105 HOH HOH A . 
D 4 HOH 103 703 106 HOH HOH A . 
D 4 HOH 104 704 107 HOH HOH A . 
D 4 HOH 105 705 108 HOH HOH A . 
D 4 HOH 106 706 109 HOH HOH A . 
D 4 HOH 107 707 110 HOH HOH A . 
D 4 HOH 108 708 111 HOH HOH A . 
D 4 HOH 109 709 112 HOH HOH A . 
D 4 HOH 110 710 113 HOH HOH A . 
D 4 HOH 111 711 114 HOH HOH A . 
D 4 HOH 112 712 115 HOH HOH A . 
D 4 HOH 113 713 116 HOH HOH A . 
D 4 HOH 114 714 117 HOH HOH A . 
D 4 HOH 115 715 118 HOH HOH A . 
D 4 HOH 116 716 119 HOH HOH A . 
D 4 HOH 117 717 120 HOH HOH A . 
D 4 HOH 118 718 121 HOH HOH A . 
D 4 HOH 119 719 122 HOH HOH A . 
D 4 HOH 120 720 123 HOH HOH A . 
D 4 HOH 121 721 124 HOH HOH A . 
D 4 HOH 122 722 125 HOH HOH A . 
D 4 HOH 123 723 126 HOH HOH A . 
D 4 HOH 124 724 127 HOH HOH A . 
D 4 HOH 125 725 128 HOH HOH A . 
D 4 HOH 126 726 129 HOH HOH A . 
D 4 HOH 127 727 130 HOH HOH A . 
D 4 HOH 128 728 131 HOH HOH A . 
D 4 HOH 129 729 132 HOH HOH A . 
D 4 HOH 130 730 133 HOH HOH A . 
D 4 HOH 131 731 134 HOH HOH A . 
D 4 HOH 132 732 135 HOH HOH A . 
D 4 HOH 133 733 136 HOH HOH A . 
D 4 HOH 134 734 137 HOH HOH A . 
D 4 HOH 135 735 138 HOH HOH A . 
D 4 HOH 136 736 139 HOH HOH A . 
D 4 HOH 137 737 140 HOH HOH A . 
D 4 HOH 138 738 141 HOH HOH A . 
D 4 HOH 139 739 142 HOH HOH A . 
D 4 HOH 140 740 143 HOH HOH A . 
D 4 HOH 141 741 144 HOH HOH A . 
D 4 HOH 142 742 145 HOH HOH A . 
D 4 HOH 143 743 146 HOH HOH A . 
D 4 HOH 144 744 147 HOH HOH A . 
D 4 HOH 145 745 148 HOH HOH A . 
D 4 HOH 146 746 149 HOH HOH A . 
D 4 HOH 147 747 150 HOH HOH A . 
D 4 HOH 148 748 151 HOH HOH A . 
D 4 HOH 149 749 152 HOH HOH A . 
D 4 HOH 150 750 153 HOH HOH A . 
D 4 HOH 151 751 154 HOH HOH A . 
D 4 HOH 152 752 155 HOH HOH A . 
D 4 HOH 153 753 156 HOH HOH A . 
D 4 HOH 154 754 157 HOH HOH A . 
D 4 HOH 155 755 158 HOH HOH A . 
D 4 HOH 156 756 161 HOH HOH A . 
D 4 HOH 157 757 162 HOH HOH A . 
D 4 HOH 158 758 163 HOH HOH A . 
D 4 HOH 159 759 164 HOH HOH A . 
D 4 HOH 160 760 165 HOH HOH A . 
D 4 HOH 161 761 166 HOH HOH A . 
D 4 HOH 162 762 168 HOH HOH A . 
D 4 HOH 163 763 169 HOH HOH A . 
D 4 HOH 164 764 170 HOH HOH A . 
D 4 HOH 165 765 171 HOH HOH A . 
D 4 HOH 166 766 172 HOH HOH A . 
D 4 HOH 167 767 173 HOH HOH A . 
D 4 HOH 168 768 175 HOH HOH A . 
D 4 HOH 169 769 177 HOH HOH A . 
D 4 HOH 170 770 179 HOH HOH A . 
D 4 HOH 171 771 180 HOH HOH A . 
D 4 HOH 172 772 181 HOH HOH A . 
D 4 HOH 173 773 182 HOH HOH A . 
D 4 HOH 174 774 183 HOH HOH A . 
D 4 HOH 175 775 184 HOH HOH A . 
D 4 HOH 176 776 185 HOH HOH A . 
D 4 HOH 177 777 186 HOH HOH A . 
D 4 HOH 178 778 187 HOH HOH A . 
D 4 HOH 179 779 188 HOH HOH A . 
D 4 HOH 180 780 189 HOH HOH A . 
D 4 HOH 181 781 190 HOH HOH A . 
D 4 HOH 182 782 191 HOH HOH A . 
D 4 HOH 183 783 192 HOH HOH A . 
D 4 HOH 184 784 194 HOH HOH A . 
D 4 HOH 185 785 196 HOH HOH A . 
D 4 HOH 186 786 198 HOH HOH A . 
D 4 HOH 187 787 202 HOH HOH A . 
D 4 HOH 188 788 203 HOH HOH A . 
D 4 HOH 189 789 207 HOH HOH A . 
D 4 HOH 190 790 208 HOH HOH A . 
D 4 HOH 191 791 209 HOH HOH A . 
D 4 HOH 192 792 210 HOH HOH A . 
D 4 HOH 193 793 211 HOH HOH A . 
D 4 HOH 194 794 212 HOH HOH A . 
D 4 HOH 195 795 213 HOH HOH A . 
D 4 HOH 196 796 214 HOH HOH A . 
D 4 HOH 197 797 215 HOH HOH A . 
D 4 HOH 198 798 216 HOH HOH A . 
D 4 HOH 199 799 217 HOH HOH A . 
D 4 HOH 200 800 218 HOH HOH A . 
D 4 HOH 201 801 219 HOH HOH A . 
D 4 HOH 202 802 220 HOH HOH A . 
D 4 HOH 203 803 221 HOH HOH A . 
D 4 HOH 204 804 222 HOH HOH A . 
D 4 HOH 205 805 223 HOH HOH A . 
# 
_pdbx_struct_assembly.id                   1 
_pdbx_struct_assembly.details              author_defined_assembly 
_pdbx_struct_assembly.method_details       ? 
_pdbx_struct_assembly.oligomeric_details   monomeric 
_pdbx_struct_assembly.oligomeric_count     1 
# 
_pdbx_struct_assembly_gen.assembly_id       1 
_pdbx_struct_assembly_gen.oper_expression   1 
_pdbx_struct_assembly_gen.asym_id_list      A,B,C,D 
# 
_pdbx_struct_oper_list.id                   1 
_pdbx_struct_oper_list.type                 'identity operation' 
_pdbx_struct_oper_list.name                 1_555 
_pdbx_struct_oper_list.symmetry_operation   x,y,z 
_pdbx_struct_oper_list.matrix[1][1]         1.0000000000 
_pdbx_struct_oper_list.matrix[1][2]         0.0000000000 
_pdbx_struct_oper_list.matrix[1][3]         0.0000000000 
_pdbx_struct_oper_list.vector[1]            0.0000000000 
_pdbx_struct_oper_list.matrix[2][1]         0.0000000000 
_pdbx_struct_oper_list.matrix[2][2]         1.0000000000 
_pdbx_struct_oper_list.matrix[2][3]         0.0000000000 
_pdbx_struct_oper_list.vector[2]            0.0000000000 
_pdbx_struct_oper_list.matrix[3][1]         0.0000000000 
_pdbx_struct_oper_list.matrix[3][2]         0.0000000000 
_pdbx_struct_oper_list.matrix[3][3]         1.0000000000 
_pdbx_struct_oper_list.vector[3]            0.0000000000 
# 
loop_
_pdbx_audit_revision_history.ordinal 
_pdbx_audit_revision_history.data_content_type 
_pdbx_audit_revision_history.major_revision 
_pdbx_audit_revision_history.minor_revision 
_pdbx_audit_revision_history.revision_date 
1 'Structure model' 1 0 2006-04-25 
2 'Structure model' 1 1 2008-05-01 
3 'Structure model' 1 2 2011-07-13 
4 'Structure model' 1 3 2017-10-18 
5 'Structure model' 1 4 2021-10-20 
6 'Structure model' 1 5 2023-08-23 
# 
_pdbx_audit_revision_details.ordinal             1 
_pdbx_audit_revision_details.revision_ordinal    1 
_pdbx_audit_revision_details.data_content_type   'Structure model' 
_pdbx_audit_revision_details.provider            repository 
_pdbx_audit_revision_details.type                'Initial release' 
_pdbx_audit_revision_details.description         ? 
_pdbx_audit_revision_details.details             ? 
# 
loop_
_pdbx_audit_revision_group.ordinal 
_pdbx_audit_revision_group.revision_ordinal 
_pdbx_audit_revision_group.data_content_type 
_pdbx_audit_revision_group.group 
1 2 'Structure model' 'Version format compliance' 
2 3 'Structure model' 'Version format compliance' 
3 4 'Structure model' 'Refinement description'    
4 5 'Structure model' 'Database references'       
5 5 'Structure model' 'Derived calculations'      
6 6 'Structure model' 'Data collection'           
7 6 'Structure model' 'Refinement description'    
# 
loop_
_pdbx_audit_revision_category.ordinal 
_pdbx_audit_revision_category.revision_ordinal 
_pdbx_audit_revision_category.data_content_type 
_pdbx_audit_revision_category.category 
1 4 'Structure model' software                      
2 5 'Structure model' database_2                    
3 5 'Structure model' struct_ref_seq_dif            
4 5 'Structure model' struct_site                   
5 6 'Structure model' chem_comp_atom                
6 6 'Structure model' chem_comp_bond                
7 6 'Structure model' pdbx_initial_refinement_model 
# 
loop_
_pdbx_audit_revision_item.ordinal 
_pdbx_audit_revision_item.revision_ordinal 
_pdbx_audit_revision_item.data_content_type 
_pdbx_audit_revision_item.item 
1 5 'Structure model' '_database_2.pdbx_DOI'                
2 5 'Structure model' '_database_2.pdbx_database_accession' 
3 5 'Structure model' '_struct_ref_seq_dif.details'         
4 5 'Structure model' '_struct_site.pdbx_auth_asym_id'      
5 5 'Structure model' '_struct_site.pdbx_auth_comp_id'      
6 5 'Structure model' '_struct_site.pdbx_auth_seq_id'       
# 
loop_
_software.name 
_software.classification 
_software.version 
_software.citation_id 
_software.pdbx_ordinal 
DENZO     'data reduction' DENZO ? 1 
SCALEPACK 'data scaling'   DENZO ? 2 
CNS       refinement       .     ? 3 
CNS       phasing          .     ? 4 
# 
loop_
_pdbx_validate_torsion.id 
_pdbx_validate_torsion.PDB_model_num 
_pdbx_validate_torsion.auth_comp_id 
_pdbx_validate_torsion.auth_asym_id 
_pdbx_validate_torsion.auth_seq_id 
_pdbx_validate_torsion.PDB_ins_code 
_pdbx_validate_torsion.label_alt_id 
_pdbx_validate_torsion.phi 
_pdbx_validate_torsion.psi 
1 1 ILE A 29  ? ? -109.66 77.78   
2 1 LEU A 33  ? ? -106.22 -64.84  
3 1 PRO A 37  ? ? -77.75  -165.10 
4 1 ASN A 40  ? ? -92.21  -63.49  
5 1 ALA A 41  ? ? -6.56   116.50  
6 1 ALA A 42  ? ? -10.47  150.47  
7 1 ASN A 174 ? ? 85.55   11.67   
# 
loop_
_chem_comp_atom.comp_id 
_chem_comp_atom.atom_id 
_chem_comp_atom.type_symbol 
_chem_comp_atom.pdbx_aromatic_flag 
_chem_comp_atom.pdbx_stereo_config 
_chem_comp_atom.pdbx_ordinal 
ALA N    N N N 1   
ALA CA   C N S 2   
ALA C    C N N 3   
ALA O    O N N 4   
ALA CB   C N N 5   
ALA OXT  O N N 6   
ALA H    H N N 7   
ALA H2   H N N 8   
ALA HA   H N N 9   
ALA HB1  H N N 10  
ALA HB2  H N N 11  
ALA HB3  H N N 12  
ALA HXT  H N N 13  
ARG N    N N N 14  
ARG CA   C N S 15  
ARG C    C N N 16  
ARG O    O N N 17  
ARG CB   C N N 18  
ARG CG   C N N 19  
ARG CD   C N N 20  
ARG NE   N N N 21  
ARG CZ   C N N 22  
ARG NH1  N N N 23  
ARG NH2  N N N 24  
ARG OXT  O N N 25  
ARG H    H N N 26  
ARG H2   H N N 27  
ARG HA   H N N 28  
ARG HB2  H N N 29  
ARG HB3  H N N 30  
ARG HG2  H N N 31  
ARG HG3  H N N 32  
ARG HD2  H N N 33  
ARG HD3  H N N 34  
ARG HE   H N N 35  
ARG HH11 H N N 36  
ARG HH12 H N N 37  
ARG HH21 H N N 38  
ARG HH22 H N N 39  
ARG HXT  H N N 40  
ASN N    N N N 41  
ASN CA   C N S 42  
ASN C    C N N 43  
ASN O    O N N 44  
ASN CB   C N N 45  
ASN CG   C N N 46  
ASN OD1  O N N 47  
ASN ND2  N N N 48  
ASN OXT  O N N 49  
ASN H    H N N 50  
ASN H2   H N N 51  
ASN HA   H N N 52  
ASN HB2  H N N 53  
ASN HB3  H N N 54  
ASN HD21 H N N 55  
ASN HD22 H N N 56  
ASN HXT  H N N 57  
ASP N    N N N 58  
ASP CA   C N S 59  
ASP C    C N N 60  
ASP O    O N N 61  
ASP CB   C N N 62  
ASP CG   C N N 63  
ASP OD1  O N N 64  
ASP OD2  O N N 65  
ASP OXT  O N N 66  
ASP H    H N N 67  
ASP H2   H N N 68  
ASP HA   H N N 69  
ASP HB2  H N N 70  
ASP HB3  H N N 71  
ASP HD2  H N N 72  
ASP HXT  H N N 73  
BME C1   C N N 74  
BME C2   C N N 75  
BME O1   O N N 76  
BME S2   S N N 77  
BME H11  H N N 78  
BME H12  H N N 79  
BME H21  H N N 80  
BME H22  H N N 81  
BME HO1  H N N 82  
BME HS2  H N N 83  
CYS N    N N N 84  
CYS CA   C N R 85  
CYS C    C N N 86  
CYS O    O N N 87  
CYS CB   C N N 88  
CYS SG   S N N 89  
CYS OXT  O N N 90  
CYS H    H N N 91  
CYS H2   H N N 92  
CYS HA   H N N 93  
CYS HB2  H N N 94  
CYS HB3  H N N 95  
CYS HG   H N N 96  
CYS HXT  H N N 97  
EGD CG   C N N 98  
EGD CD   C N N 99  
EGD NE   N N N 100 
EGD CZ   C N N 101 
EGD NH1  N N N 102 
EGD NH2  N N N 103 
EGD HG1  H N N 104 
EGD HG2  H N N 105 
EGD HG3  H N N 106 
EGD HD1  H N N 107 
EGD HD2  H N N 108 
EGD HNE  H N N 109 
EGD HH1  H N N 110 
EGD HH21 H N N 111 
EGD HH22 H N N 112 
GLN N    N N N 113 
GLN CA   C N S 114 
GLN C    C N N 115 
GLN O    O N N 116 
GLN CB   C N N 117 
GLN CG   C N N 118 
GLN CD   C N N 119 
GLN OE1  O N N 120 
GLN NE2  N N N 121 
GLN OXT  O N N 122 
GLN H    H N N 123 
GLN H2   H N N 124 
GLN HA   H N N 125 
GLN HB2  H N N 126 
GLN HB3  H N N 127 
GLN HG2  H N N 128 
GLN HG3  H N N 129 
GLN HE21 H N N 130 
GLN HE22 H N N 131 
GLN HXT  H N N 132 
GLU N    N N N 133 
GLU CA   C N S 134 
GLU C    C N N 135 
GLU O    O N N 136 
GLU CB   C N N 137 
GLU CG   C N N 138 
GLU CD   C N N 139 
GLU OE1  O N N 140 
GLU OE2  O N N 141 
GLU OXT  O N N 142 
GLU H    H N N 143 
GLU H2   H N N 144 
GLU HA   H N N 145 
GLU HB2  H N N 146 
GLU HB3  H N N 147 
GLU HG2  H N N 148 
GLU HG3  H N N 149 
GLU HE2  H N N 150 
GLU HXT  H N N 151 
GLY N    N N N 152 
GLY CA   C N N 153 
GLY C    C N N 154 
GLY O    O N N 155 
GLY OXT  O N N 156 
GLY H    H N N 157 
GLY H2   H N N 158 
GLY HA2  H N N 159 
GLY HA3  H N N 160 
GLY HXT  H N N 161 
HIS N    N N N 162 
HIS CA   C N S 163 
HIS C    C N N 164 
HIS O    O N N 165 
HIS CB   C N N 166 
HIS CG   C Y N 167 
HIS ND1  N Y N 168 
HIS CD2  C Y N 169 
HIS CE1  C Y N 170 
HIS NE2  N Y N 171 
HIS OXT  O N N 172 
HIS H    H N N 173 
HIS H2   H N N 174 
HIS HA   H N N 175 
HIS HB2  H N N 176 
HIS HB3  H N N 177 
HIS HD1  H N N 178 
HIS HD2  H N N 179 
HIS HE1  H N N 180 
HIS HE2  H N N 181 
HIS HXT  H N N 182 
HOH O    O N N 183 
HOH H1   H N N 184 
HOH H2   H N N 185 
ILE N    N N N 186 
ILE CA   C N S 187 
ILE C    C N N 188 
ILE O    O N N 189 
ILE CB   C N S 190 
ILE CG1  C N N 191 
ILE CG2  C N N 192 
ILE CD1  C N N 193 
ILE OXT  O N N 194 
ILE H    H N N 195 
ILE H2   H N N 196 
ILE HA   H N N 197 
ILE HB   H N N 198 
ILE HG12 H N N 199 
ILE HG13 H N N 200 
ILE HG21 H N N 201 
ILE HG22 H N N 202 
ILE HG23 H N N 203 
ILE HD11 H N N 204 
ILE HD12 H N N 205 
ILE HD13 H N N 206 
ILE HXT  H N N 207 
LEU N    N N N 208 
LEU CA   C N S 209 
LEU C    C N N 210 
LEU O    O N N 211 
LEU CB   C N N 212 
LEU CG   C N N 213 
LEU CD1  C N N 214 
LEU CD2  C N N 215 
LEU OXT  O N N 216 
LEU H    H N N 217 
LEU H2   H N N 218 
LEU HA   H N N 219 
LEU HB2  H N N 220 
LEU HB3  H N N 221 
LEU HG   H N N 222 
LEU HD11 H N N 223 
LEU HD12 H N N 224 
LEU HD13 H N N 225 
LEU HD21 H N N 226 
LEU HD22 H N N 227 
LEU HD23 H N N 228 
LEU HXT  H N N 229 
LYS N    N N N 230 
LYS CA   C N S 231 
LYS C    C N N 232 
LYS O    O N N 233 
LYS CB   C N N 234 
LYS CG   C N N 235 
LYS CD   C N N 236 
LYS CE   C N N 237 
LYS NZ   N N N 238 
LYS OXT  O N N 239 
LYS H    H N N 240 
LYS H2   H N N 241 
LYS HA   H N N 242 
LYS HB2  H N N 243 
LYS HB3  H N N 244 
LYS HG2  H N N 245 
LYS HG3  H N N 246 
LYS HD2  H N N 247 
LYS HD3  H N N 248 
LYS HE2  H N N 249 
LYS HE3  H N N 250 
LYS HZ1  H N N 251 
LYS HZ2  H N N 252 
LYS HZ3  H N N 253 
LYS HXT  H N N 254 
MET N    N N N 255 
MET CA   C N S 256 
MET C    C N N 257 
MET O    O N N 258 
MET CB   C N N 259 
MET CG   C N N 260 
MET SD   S N N 261 
MET CE   C N N 262 
MET OXT  O N N 263 
MET H    H N N 264 
MET H2   H N N 265 
MET HA   H N N 266 
MET HB2  H N N 267 
MET HB3  H N N 268 
MET HG2  H N N 269 
MET HG3  H N N 270 
MET HE1  H N N 271 
MET HE2  H N N 272 
MET HE3  H N N 273 
MET HXT  H N N 274 
PHE N    N N N 275 
PHE CA   C N S 276 
PHE C    C N N 277 
PHE O    O N N 278 
PHE CB   C N N 279 
PHE CG   C Y N 280 
PHE CD1  C Y N 281 
PHE CD2  C Y N 282 
PHE CE1  C Y N 283 
PHE CE2  C Y N 284 
PHE CZ   C Y N 285 
PHE OXT  O N N 286 
PHE H    H N N 287 
PHE H2   H N N 288 
PHE HA   H N N 289 
PHE HB2  H N N 290 
PHE HB3  H N N 291 
PHE HD1  H N N 292 
PHE HD2  H N N 293 
PHE HE1  H N N 294 
PHE HE2  H N N 295 
PHE HZ   H N N 296 
PHE HXT  H N N 297 
PRO N    N N N 298 
PRO CA   C N S 299 
PRO C    C N N 300 
PRO O    O N N 301 
PRO CB   C N N 302 
PRO CG   C N N 303 
PRO CD   C N N 304 
PRO OXT  O N N 305 
PRO H    H N N 306 
PRO HA   H N N 307 
PRO HB2  H N N 308 
PRO HB3  H N N 309 
PRO HG2  H N N 310 
PRO HG3  H N N 311 
PRO HD2  H N N 312 
PRO HD3  H N N 313 
PRO HXT  H N N 314 
SER N    N N N 315 
SER CA   C N S 316 
SER C    C N N 317 
SER O    O N N 318 
SER CB   C N N 319 
SER OG   O N N 320 
SER OXT  O N N 321 
SER H    H N N 322 
SER H2   H N N 323 
SER HA   H N N 324 
SER HB2  H N N 325 
SER HB3  H N N 326 
SER HG   H N N 327 
SER HXT  H N N 328 
THR N    N N N 329 
THR CA   C N S 330 
THR C    C N N 331 
THR O    O N N 332 
THR CB   C N R 333 
THR OG1  O N N 334 
THR CG2  C N N 335 
THR OXT  O N N 336 
THR H    H N N 337 
THR H2   H N N 338 
THR HA   H N N 339 
THR HB   H N N 340 
THR HG1  H N N 341 
THR HG21 H N N 342 
THR HG22 H N N 343 
THR HG23 H N N 344 
THR HXT  H N N 345 
TRP N    N N N 346 
TRP CA   C N S 347 
TRP C    C N N 348 
TRP O    O N N 349 
TRP CB   C N N 350 
TRP CG   C Y N 351 
TRP CD1  C Y N 352 
TRP CD2  C Y N 353 
TRP NE1  N Y N 354 
TRP CE2  C Y N 355 
TRP CE3  C Y N 356 
TRP CZ2  C Y N 357 
TRP CZ3  C Y N 358 
TRP CH2  C Y N 359 
TRP OXT  O N N 360 
TRP H    H N N 361 
TRP H2   H N N 362 
TRP HA   H N N 363 
TRP HB2  H N N 364 
TRP HB3  H N N 365 
TRP HD1  H N N 366 
TRP HE1  H N N 367 
TRP HE3  H N N 368 
TRP HZ2  H N N 369 
TRP HZ3  H N N 370 
TRP HH2  H N N 371 
TRP HXT  H N N 372 
TYR N    N N N 373 
TYR CA   C N S 374 
TYR C    C N N 375 
TYR O    O N N 376 
TYR CB   C N N 377 
TYR CG   C Y N 378 
TYR CD1  C Y N 379 
TYR CD2  C Y N 380 
TYR CE1  C Y N 381 
TYR CE2  C Y N 382 
TYR CZ   C Y N 383 
TYR OH   O N N 384 
TYR OXT  O N N 385 
TYR H    H N N 386 
TYR H2   H N N 387 
TYR HA   H N N 388 
TYR HB2  H N N 389 
TYR HB3  H N N 390 
TYR HD1  H N N 391 
TYR HD2  H N N 392 
TYR HE1  H N N 393 
TYR HE2  H N N 394 
TYR HH   H N N 395 
TYR HXT  H N N 396 
VAL N    N N N 397 
VAL CA   C N S 398 
VAL C    C N N 399 
VAL O    O N N 400 
VAL CB   C N N 401 
VAL CG1  C N N 402 
VAL CG2  C N N 403 
VAL OXT  O N N 404 
VAL H    H N N 405 
VAL H2   H N N 406 
VAL HA   H N N 407 
VAL HB   H N N 408 
VAL HG11 H N N 409 
VAL HG12 H N N 410 
VAL HG13 H N N 411 
VAL HG21 H N N 412 
VAL HG22 H N N 413 
VAL HG23 H N N 414 
VAL HXT  H N N 415 
# 
loop_
_chem_comp_bond.comp_id 
_chem_comp_bond.atom_id_1 
_chem_comp_bond.atom_id_2 
_chem_comp_bond.value_order 
_chem_comp_bond.pdbx_aromatic_flag 
_chem_comp_bond.pdbx_stereo_config 
_chem_comp_bond.pdbx_ordinal 
ALA N   CA   sing N N 1   
ALA N   H    sing N N 2   
ALA N   H2   sing N N 3   
ALA CA  C    sing N N 4   
ALA CA  CB   sing N N 5   
ALA CA  HA   sing N N 6   
ALA C   O    doub N N 7   
ALA C   OXT  sing N N 8   
ALA CB  HB1  sing N N 9   
ALA CB  HB2  sing N N 10  
ALA CB  HB3  sing N N 11  
ALA OXT HXT  sing N N 12  
ARG N   CA   sing N N 13  
ARG N   H    sing N N 14  
ARG N   H2   sing N N 15  
ARG CA  C    sing N N 16  
ARG CA  CB   sing N N 17  
ARG CA  HA   sing N N 18  
ARG C   O    doub N N 19  
ARG C   OXT  sing N N 20  
ARG CB  CG   sing N N 21  
ARG CB  HB2  sing N N 22  
ARG CB  HB3  sing N N 23  
ARG CG  CD   sing N N 24  
ARG CG  HG2  sing N N 25  
ARG CG  HG3  sing N N 26  
ARG CD  NE   sing N N 27  
ARG CD  HD2  sing N N 28  
ARG CD  HD3  sing N N 29  
ARG NE  CZ   sing N N 30  
ARG NE  HE   sing N N 31  
ARG CZ  NH1  sing N N 32  
ARG CZ  NH2  doub N N 33  
ARG NH1 HH11 sing N N 34  
ARG NH1 HH12 sing N N 35  
ARG NH2 HH21 sing N N 36  
ARG NH2 HH22 sing N N 37  
ARG OXT HXT  sing N N 38  
ASN N   CA   sing N N 39  
ASN N   H    sing N N 40  
ASN N   H2   sing N N 41  
ASN CA  C    sing N N 42  
ASN CA  CB   sing N N 43  
ASN CA  HA   sing N N 44  
ASN C   O    doub N N 45  
ASN C   OXT  sing N N 46  
ASN CB  CG   sing N N 47  
ASN CB  HB2  sing N N 48  
ASN CB  HB3  sing N N 49  
ASN CG  OD1  doub N N 50  
ASN CG  ND2  sing N N 51  
ASN ND2 HD21 sing N N 52  
ASN ND2 HD22 sing N N 53  
ASN OXT HXT  sing N N 54  
ASP N   CA   sing N N 55  
ASP N   H    sing N N 56  
ASP N   H2   sing N N 57  
ASP CA  C    sing N N 58  
ASP CA  CB   sing N N 59  
ASP CA  HA   sing N N 60  
ASP C   O    doub N N 61  
ASP C   OXT  sing N N 62  
ASP CB  CG   sing N N 63  
ASP CB  HB2  sing N N 64  
ASP CB  HB3  sing N N 65  
ASP CG  OD1  doub N N 66  
ASP CG  OD2  sing N N 67  
ASP OD2 HD2  sing N N 68  
ASP OXT HXT  sing N N 69  
BME C1  C2   sing N N 70  
BME C1  O1   sing N N 71  
BME C1  H11  sing N N 72  
BME C1  H12  sing N N 73  
BME C2  S2   sing N N 74  
BME C2  H21  sing N N 75  
BME C2  H22  sing N N 76  
BME O1  HO1  sing N N 77  
BME S2  HS2  sing N N 78  
CYS N   CA   sing N N 79  
CYS N   H    sing N N 80  
CYS N   H2   sing N N 81  
CYS CA  C    sing N N 82  
CYS CA  CB   sing N N 83  
CYS CA  HA   sing N N 84  
CYS C   O    doub N N 85  
CYS C   OXT  sing N N 86  
CYS CB  SG   sing N N 87  
CYS CB  HB2  sing N N 88  
CYS CB  HB3  sing N N 89  
CYS SG  HG   sing N N 90  
CYS OXT HXT  sing N N 91  
EGD CG  CD   sing N N 92  
EGD CG  HG1  sing N N 93  
EGD CG  HG2  sing N N 94  
EGD CG  HG3  sing N N 95  
EGD CD  NE   sing N N 96  
EGD CD  HD1  sing N N 97  
EGD CD  HD2  sing N N 98  
EGD NE  CZ   sing N N 99  
EGD NE  HNE  sing N N 100 
EGD CZ  NH1  doub N N 101 
EGD CZ  NH2  sing N N 102 
EGD NH1 HH1  sing N N 103 
EGD NH2 HH21 sing N N 104 
EGD NH2 HH22 sing N N 105 
GLN N   CA   sing N N 106 
GLN N   H    sing N N 107 
GLN N   H2   sing N N 108 
GLN CA  C    sing N N 109 
GLN CA  CB   sing N N 110 
GLN CA  HA   sing N N 111 
GLN C   O    doub N N 112 
GLN C   OXT  sing N N 113 
GLN CB  CG   sing N N 114 
GLN CB  HB2  sing N N 115 
GLN CB  HB3  sing N N 116 
GLN CG  CD   sing N N 117 
GLN CG  HG2  sing N N 118 
GLN CG  HG3  sing N N 119 
GLN CD  OE1  doub N N 120 
GLN CD  NE2  sing N N 121 
GLN NE2 HE21 sing N N 122 
GLN NE2 HE22 sing N N 123 
GLN OXT HXT  sing N N 124 
GLU N   CA   sing N N 125 
GLU N   H    sing N N 126 
GLU N   H2   sing N N 127 
GLU CA  C    sing N N 128 
GLU CA  CB   sing N N 129 
GLU CA  HA   sing N N 130 
GLU C   O    doub N N 131 
GLU C   OXT  sing N N 132 
GLU CB  CG   sing N N 133 
GLU CB  HB2  sing N N 134 
GLU CB  HB3  sing N N 135 
GLU CG  CD   sing N N 136 
GLU CG  HG2  sing N N 137 
GLU CG  HG3  sing N N 138 
GLU CD  OE1  doub N N 139 
GLU CD  OE2  sing N N 140 
GLU OE2 HE2  sing N N 141 
GLU OXT HXT  sing N N 142 
GLY N   CA   sing N N 143 
GLY N   H    sing N N 144 
GLY N   H2   sing N N 145 
GLY CA  C    sing N N 146 
GLY CA  HA2  sing N N 147 
GLY CA  HA3  sing N N 148 
GLY C   O    doub N N 149 
GLY C   OXT  sing N N 150 
GLY OXT HXT  sing N N 151 
HIS N   CA   sing N N 152 
HIS N   H    sing N N 153 
HIS N   H2   sing N N 154 
HIS CA  C    sing N N 155 
HIS CA  CB   sing N N 156 
HIS CA  HA   sing N N 157 
HIS C   O    doub N N 158 
HIS C   OXT  sing N N 159 
HIS CB  CG   sing N N 160 
HIS CB  HB2  sing N N 161 
HIS CB  HB3  sing N N 162 
HIS CG  ND1  sing Y N 163 
HIS CG  CD2  doub Y N 164 
HIS ND1 CE1  doub Y N 165 
HIS ND1 HD1  sing N N 166 
HIS CD2 NE2  sing Y N 167 
HIS CD2 HD2  sing N N 168 
HIS CE1 NE2  sing Y N 169 
HIS CE1 HE1  sing N N 170 
HIS NE2 HE2  sing N N 171 
HIS OXT HXT  sing N N 172 
HOH O   H1   sing N N 173 
HOH O   H2   sing N N 174 
ILE N   CA   sing N N 175 
ILE N   H    sing N N 176 
ILE N   H2   sing N N 177 
ILE CA  C    sing N N 178 
ILE CA  CB   sing N N 179 
ILE CA  HA   sing N N 180 
ILE C   O    doub N N 181 
ILE C   OXT  sing N N 182 
ILE CB  CG1  sing N N 183 
ILE CB  CG2  sing N N 184 
ILE CB  HB   sing N N 185 
ILE CG1 CD1  sing N N 186 
ILE CG1 HG12 sing N N 187 
ILE CG1 HG13 sing N N 188 
ILE CG2 HG21 sing N N 189 
ILE CG2 HG22 sing N N 190 
ILE CG2 HG23 sing N N 191 
ILE CD1 HD11 sing N N 192 
ILE CD1 HD12 sing N N 193 
ILE CD1 HD13 sing N N 194 
ILE OXT HXT  sing N N 195 
LEU N   CA   sing N N 196 
LEU N   H    sing N N 197 
LEU N   H2   sing N N 198 
LEU CA  C    sing N N 199 
LEU CA  CB   sing N N 200 
LEU CA  HA   sing N N 201 
LEU C   O    doub N N 202 
LEU C   OXT  sing N N 203 
LEU CB  CG   sing N N 204 
LEU CB  HB2  sing N N 205 
LEU CB  HB3  sing N N 206 
LEU CG  CD1  sing N N 207 
LEU CG  CD2  sing N N 208 
LEU CG  HG   sing N N 209 
LEU CD1 HD11 sing N N 210 
LEU CD1 HD12 sing N N 211 
LEU CD1 HD13 sing N N 212 
LEU CD2 HD21 sing N N 213 
LEU CD2 HD22 sing N N 214 
LEU CD2 HD23 sing N N 215 
LEU OXT HXT  sing N N 216 
LYS N   CA   sing N N 217 
LYS N   H    sing N N 218 
LYS N   H2   sing N N 219 
LYS CA  C    sing N N 220 
LYS CA  CB   sing N N 221 
LYS CA  HA   sing N N 222 
LYS C   O    doub N N 223 
LYS C   OXT  sing N N 224 
LYS CB  CG   sing N N 225 
LYS CB  HB2  sing N N 226 
LYS CB  HB3  sing N N 227 
LYS CG  CD   sing N N 228 
LYS CG  HG2  sing N N 229 
LYS CG  HG3  sing N N 230 
LYS CD  CE   sing N N 231 
LYS CD  HD2  sing N N 232 
LYS CD  HD3  sing N N 233 
LYS CE  NZ   sing N N 234 
LYS CE  HE2  sing N N 235 
LYS CE  HE3  sing N N 236 
LYS NZ  HZ1  sing N N 237 
LYS NZ  HZ2  sing N N 238 
LYS NZ  HZ3  sing N N 239 
LYS OXT HXT  sing N N 240 
MET N   CA   sing N N 241 
MET N   H    sing N N 242 
MET N   H2   sing N N 243 
MET CA  C    sing N N 244 
MET CA  CB   sing N N 245 
MET CA  HA   sing N N 246 
MET C   O    doub N N 247 
MET C   OXT  sing N N 248 
MET CB  CG   sing N N 249 
MET CB  HB2  sing N N 250 
MET CB  HB3  sing N N 251 
MET CG  SD   sing N N 252 
MET CG  HG2  sing N N 253 
MET CG  HG3  sing N N 254 
MET SD  CE   sing N N 255 
MET CE  HE1  sing N N 256 
MET CE  HE2  sing N N 257 
MET CE  HE3  sing N N 258 
MET OXT HXT  sing N N 259 
PHE N   CA   sing N N 260 
PHE N   H    sing N N 261 
PHE N   H2   sing N N 262 
PHE CA  C    sing N N 263 
PHE CA  CB   sing N N 264 
PHE CA  HA   sing N N 265 
PHE C   O    doub N N 266 
PHE C   OXT  sing N N 267 
PHE CB  CG   sing N N 268 
PHE CB  HB2  sing N N 269 
PHE CB  HB3  sing N N 270 
PHE CG  CD1  doub Y N 271 
PHE CG  CD2  sing Y N 272 
PHE CD1 CE1  sing Y N 273 
PHE CD1 HD1  sing N N 274 
PHE CD2 CE2  doub Y N 275 
PHE CD2 HD2  sing N N 276 
PHE CE1 CZ   doub Y N 277 
PHE CE1 HE1  sing N N 278 
PHE CE2 CZ   sing Y N 279 
PHE CE2 HE2  sing N N 280 
PHE CZ  HZ   sing N N 281 
PHE OXT HXT  sing N N 282 
PRO N   CA   sing N N 283 
PRO N   CD   sing N N 284 
PRO N   H    sing N N 285 
PRO CA  C    sing N N 286 
PRO CA  CB   sing N N 287 
PRO CA  HA   sing N N 288 
PRO C   O    doub N N 289 
PRO C   OXT  sing N N 290 
PRO CB  CG   sing N N 291 
PRO CB  HB2  sing N N 292 
PRO CB  HB3  sing N N 293 
PRO CG  CD   sing N N 294 
PRO CG  HG2  sing N N 295 
PRO CG  HG3  sing N N 296 
PRO CD  HD2  sing N N 297 
PRO CD  HD3  sing N N 298 
PRO OXT HXT  sing N N 299 
SER N   CA   sing N N 300 
SER N   H    sing N N 301 
SER N   H2   sing N N 302 
SER CA  C    sing N N 303 
SER CA  CB   sing N N 304 
SER CA  HA   sing N N 305 
SER C   O    doub N N 306 
SER C   OXT  sing N N 307 
SER CB  OG   sing N N 308 
SER CB  HB2  sing N N 309 
SER CB  HB3  sing N N 310 
SER OG  HG   sing N N 311 
SER OXT HXT  sing N N 312 
THR N   CA   sing N N 313 
THR N   H    sing N N 314 
THR N   H2   sing N N 315 
THR CA  C    sing N N 316 
THR CA  CB   sing N N 317 
THR CA  HA   sing N N 318 
THR C   O    doub N N 319 
THR C   OXT  sing N N 320 
THR CB  OG1  sing N N 321 
THR CB  CG2  sing N N 322 
THR CB  HB   sing N N 323 
THR OG1 HG1  sing N N 324 
THR CG2 HG21 sing N N 325 
THR CG2 HG22 sing N N 326 
THR CG2 HG23 sing N N 327 
THR OXT HXT  sing N N 328 
TRP N   CA   sing N N 329 
TRP N   H    sing N N 330 
TRP N   H2   sing N N 331 
TRP CA  C    sing N N 332 
TRP CA  CB   sing N N 333 
TRP CA  HA   sing N N 334 
TRP C   O    doub N N 335 
TRP C   OXT  sing N N 336 
TRP CB  CG   sing N N 337 
TRP CB  HB2  sing N N 338 
TRP CB  HB3  sing N N 339 
TRP CG  CD1  doub Y N 340 
TRP CG  CD2  sing Y N 341 
TRP CD1 NE1  sing Y N 342 
TRP CD1 HD1  sing N N 343 
TRP CD2 CE2  doub Y N 344 
TRP CD2 CE3  sing Y N 345 
TRP NE1 CE2  sing Y N 346 
TRP NE1 HE1  sing N N 347 
TRP CE2 CZ2  sing Y N 348 
TRP CE3 CZ3  doub Y N 349 
TRP CE3 HE3  sing N N 350 
TRP CZ2 CH2  doub Y N 351 
TRP CZ2 HZ2  sing N N 352 
TRP CZ3 CH2  sing Y N 353 
TRP CZ3 HZ3  sing N N 354 
TRP CH2 HH2  sing N N 355 
TRP OXT HXT  sing N N 356 
TYR N   CA   sing N N 357 
TYR N   H    sing N N 358 
TYR N   H2   sing N N 359 
TYR CA  C    sing N N 360 
TYR CA  CB   sing N N 361 
TYR CA  HA   sing N N 362 
TYR C   O    doub N N 363 
TYR C   OXT  sing N N 364 
TYR CB  CG   sing N N 365 
TYR CB  HB2  sing N N 366 
TYR CB  HB3  sing N N 367 
TYR CG  CD1  doub Y N 368 
TYR CG  CD2  sing Y N 369 
TYR CD1 CE1  sing Y N 370 
TYR CD1 HD1  sing N N 371 
TYR CD2 CE2  doub Y N 372 
TYR CD2 HD2  sing N N 373 
TYR CE1 CZ   doub Y N 374 
TYR CE1 HE1  sing N N 375 
TYR CE2 CZ   sing Y N 376 
TYR CE2 HE2  sing N N 377 
TYR CZ  OH   sing N N 378 
TYR OH  HH   sing N N 379 
TYR OXT HXT  sing N N 380 
VAL N   CA   sing N N 381 
VAL N   H    sing N N 382 
VAL N   H2   sing N N 383 
VAL CA  C    sing N N 384 
VAL CA  CB   sing N N 385 
VAL CA  HA   sing N N 386 
VAL C   O    doub N N 387 
VAL C   OXT  sing N N 388 
VAL CB  CG1  sing N N 389 
VAL CB  CG2  sing N N 390 
VAL CB  HB   sing N N 391 
VAL CG1 HG11 sing N N 392 
VAL CG1 HG12 sing N N 393 
VAL CG1 HG13 sing N N 394 
VAL CG2 HG21 sing N N 395 
VAL CG2 HG22 sing N N 396 
VAL CG2 HG23 sing N N 397 
VAL OXT HXT  sing N N 398 
# 
loop_
_pdbx_entity_nonpoly.entity_id 
_pdbx_entity_nonpoly.name 
_pdbx_entity_nonpoly.comp_id 
2 BETA-MERCAPTOETHANOL BME 
3 N-ETHYLGUANIDINE     EGD 
4 water                HOH 
# 
_pdbx_initial_refinement_model.id               1 
_pdbx_initial_refinement_model.entity_id_list   ? 
_pdbx_initial_refinement_model.type             'experimental model' 
_pdbx_initial_refinement_model.source_name      PDB 
_pdbx_initial_refinement_model.accession_code   1T8A 
_pdbx_initial_refinement_model.details          ? 
# 
